data_1V1J
#
_entry.id   1V1J
#
_cell.length_a   116.475
_cell.length_b   138.941
_cell.length_c   141.925
_cell.angle_alpha   90.00
_cell.angle_beta   90.00
_cell.angle_gamma   90.00
#
_symmetry.space_group_name_H-M   'P 21 21 21'
#
loop_
_entity.id
_entity.type
_entity.pdbx_description
1 polymer '3-DEHYDROQUINATE DEHYDRATASE'
2 non-polymer '2-ANHYDRO-3-FLUORO-QUINIC ACID'
3 non-polymer 2-AMINO-2-HYDROXYMETHYL-PROPANE-1,3-DIOL
4 water water
#
_entity_poly.entity_id   1
_entity_poly.type   'polypeptide(L)'
_entity_poly.pdbx_seq_one_letter_code
;MPRSLANAPIMILNGPNLNLLGQRQPEIYGSDTLADVEALCVKAAAAHGGTVDFRQSNHEGELVDWIHEARLNHCGIVIN
PAAYSHTSVAILDALNTCDGLPVVEVHISNIHQREPFRHHSYVSQRADGVVAGCGVQGYVFGVERIAALAGAGSARA
;
_entity_poly.pdbx_strand_id   A,B,C,D,E,F,G,H,I,J,K,L
#
loop_
_chem_comp.id
_chem_comp.type
_chem_comp.name
_chem_comp.formula
FA3 non-polymer '2-ANHYDRO-3-FLUORO-QUINIC ACID' 'C7 H9 F O5'
TRS non-polymer 2-AMINO-2-HYDROXYMETHYL-PROPANE-1,3-DIOL 'C4 H12 N O3 1'
#
# COMPACT_ATOMS: atom_id res chain seq x y z
N PRO A 2 -27.81 -0.42 33.53
CA PRO A 2 -26.83 -0.36 34.67
C PRO A 2 -27.27 -1.21 35.86
N ARG A 3 -26.90 -2.46 35.68
CA ARG A 3 -27.03 -3.46 36.68
C ARG A 3 -25.70 -3.61 37.36
N SER A 4 -25.72 -4.04 38.61
CA SER A 4 -24.50 -4.16 39.39
C SER A 4 -24.14 -5.62 39.42
N LEU A 5 -22.91 -5.93 39.84
CA LEU A 5 -22.52 -7.32 39.97
C LEU A 5 -23.52 -8.07 40.84
N ALA A 6 -24.25 -7.37 41.68
CA ALA A 6 -25.16 -8.02 42.61
C ALA A 6 -26.52 -8.31 42.02
N ASN A 7 -26.90 -7.58 40.98
CA ASN A 7 -28.23 -7.68 40.41
C ASN A 7 -28.27 -8.57 39.20
N ALA A 8 -27.10 -8.86 38.64
CA ALA A 8 -27.03 -9.51 37.33
C ALA A 8 -25.68 -10.14 37.14
N PRO A 9 -25.63 -11.29 36.49
CA PRO A 9 -24.35 -11.92 36.22
C PRO A 9 -23.50 -11.19 35.17
N ILE A 10 -22.24 -11.58 35.15
CA ILE A 10 -21.33 -11.21 34.11
C ILE A 10 -21.46 -12.28 33.03
N MET A 11 -21.67 -11.86 31.80
CA MET A 11 -21.69 -12.77 30.68
C MET A 11 -20.28 -12.97 30.16
N ILE A 12 -19.83 -14.23 30.05
CA ILE A 12 -18.53 -14.53 29.57
C ILE A 12 -18.76 -15.27 28.26
N LEU A 13 -18.45 -14.64 27.14
CA LEU A 13 -18.63 -15.26 25.87
C LEU A 13 -17.39 -15.74 25.19
N ASN A 14 -17.44 -16.93 24.63
CA ASN A 14 -16.31 -17.56 23.99
C ASN A 14 -16.66 -17.91 22.57
N GLY A 15 -15.78 -17.59 21.65
CA GLY A 15 -16.04 -17.79 20.25
C GLY A 15 -15.59 -19.13 19.77
N PRO A 16 -15.48 -19.25 18.47
CA PRO A 16 -15.21 -20.54 17.88
C PRO A 16 -13.91 -21.31 18.24
N ASN A 17 -14.04 -22.62 18.12
CA ASN A 17 -12.98 -23.55 18.47
C ASN A 17 -12.49 -23.59 19.93
N LEU A 18 -13.03 -22.74 20.77
CA LEU A 18 -12.56 -22.68 22.12
C LEU A 18 -13.11 -23.90 22.91
N ASN A 19 -14.16 -24.53 22.41
CA ASN A 19 -14.63 -25.76 23.01
C ASN A 19 -13.52 -26.78 23.10
N LEU A 20 -12.48 -26.65 22.27
CA LEU A 20 -11.39 -27.59 22.33
C LEU A 20 -10.22 -27.11 23.17
N LEU A 21 -10.40 -26.03 23.88
CA LEU A 21 -9.32 -25.57 24.72
C LEU A 21 -8.79 -26.68 25.61
N GLY A 22 -7.47 -26.77 25.65
CA GLY A 22 -6.74 -27.71 26.47
C GLY A 22 -6.55 -29.08 25.85
N GLN A 23 -6.83 -29.20 24.57
CA GLN A 23 -6.67 -30.48 23.87
C GLN A 23 -5.82 -30.37 22.60
N ARG A 24 -5.30 -29.19 22.32
CA ARG A 24 -4.50 -28.94 21.11
C ARG A 24 -3.71 -27.66 21.26
N GLN A 25 -2.55 -27.62 20.64
CA GLN A 25 -1.70 -26.43 20.68
C GLN A 25 -1.61 -25.89 22.11
N PRO A 26 -1.21 -26.74 23.04
CA PRO A 26 -1.08 -26.31 24.43
C PRO A 26 -0.06 -25.21 24.56
N GLU A 27 1.06 -25.33 23.84
CA GLU A 27 2.10 -24.30 23.88
C GLU A 27 1.55 -22.93 23.54
N ILE A 28 0.42 -22.91 22.84
CA ILE A 28 -0.21 -21.66 22.45
C ILE A 28 -1.37 -21.33 23.36
N TYR A 29 -2.23 -22.30 23.60
CA TYR A 29 -3.42 -22.05 24.38
C TYR A 29 -3.40 -22.62 25.77
N GLY A 30 -2.42 -23.46 26.07
CA GLY A 30 -2.25 -24.07 27.38
C GLY A 30 -2.99 -25.36 27.49
N SER A 31 -2.97 -25.98 28.66
CA SER A 31 -3.60 -27.29 28.85
C SER A 31 -4.84 -27.26 29.74
N ASP A 32 -5.29 -26.08 30.12
CA ASP A 32 -6.52 -25.96 30.86
C ASP A 32 -7.70 -26.10 29.88
N THR A 33 -8.80 -26.65 30.35
CA THR A 33 -9.95 -26.74 29.50
C THR A 33 -10.86 -25.57 29.70
N LEU A 34 -11.90 -25.54 28.89
CA LEU A 34 -12.87 -24.49 29.00
C LEU A 34 -13.59 -24.57 30.32
N ALA A 35 -13.81 -25.79 30.78
CA ALA A 35 -14.42 -25.99 32.10
C ALA A 35 -13.51 -25.43 33.22
N ASP A 36 -12.20 -25.58 33.08
CA ASP A 36 -11.26 -24.99 34.01
C ASP A 36 -11.36 -23.45 34.03
N VAL A 37 -11.61 -22.85 32.88
CA VAL A 37 -11.70 -21.42 32.79
C VAL A 37 -12.97 -20.96 33.46
N GLU A 38 -14.03 -21.69 33.21
CA GLU A 38 -15.31 -21.31 33.81
C GLU A 38 -15.14 -21.26 35.32
N ALA A 39 -14.53 -22.29 35.86
CA ALA A 39 -14.33 -22.35 37.30
C ALA A 39 -13.48 -21.17 37.80
N LEU A 40 -12.53 -20.75 36.99
CA LEU A 40 -11.73 -19.61 37.40
C LEU A 40 -12.59 -18.39 37.39
N CYS A 41 -13.45 -18.32 36.42
CA CYS A 41 -14.31 -17.14 36.37
C CYS A 41 -15.35 -17.15 37.50
N VAL A 42 -15.83 -18.33 37.88
CA VAL A 42 -16.87 -18.40 38.89
C VAL A 42 -16.28 -17.87 40.19
N LYS A 43 -15.10 -18.35 40.50
CA LYS A 43 -14.34 -17.98 41.68
C LYS A 43 -13.97 -16.52 41.77
N ALA A 44 -13.45 -15.98 40.68
CA ALA A 44 -13.07 -14.57 40.63
C ALA A 44 -14.30 -13.75 40.87
N ALA A 45 -15.42 -14.13 40.25
CA ALA A 45 -16.62 -13.31 40.41
C ALA A 45 -17.23 -13.37 41.83
N ALA A 46 -17.10 -14.53 42.45
CA ALA A 46 -17.72 -14.74 43.74
C ALA A 46 -17.03 -13.91 44.76
N ALA A 47 -15.73 -13.73 44.59
CA ALA A 47 -14.99 -12.87 45.49
C ALA A 47 -15.53 -11.46 45.50
N HIS A 48 -16.25 -11.03 44.47
CA HIS A 48 -16.79 -9.68 44.48
C HIS A 48 -18.26 -9.68 44.72
N GLY A 49 -18.83 -10.85 44.89
CA GLY A 49 -20.23 -10.96 45.22
C GLY A 49 -21.08 -11.20 43.99
N GLY A 50 -20.47 -11.60 42.89
CA GLY A 50 -21.23 -11.76 41.67
C GLY A 50 -21.24 -13.15 41.15
N THR A 51 -21.88 -13.30 40.01
CA THR A 51 -22.00 -14.57 39.34
C THR A 51 -21.71 -14.39 37.87
N VAL A 52 -21.59 -15.52 37.20
CA VAL A 52 -21.31 -15.55 35.79
C VAL A 52 -22.19 -16.48 35.02
N ASP A 53 -22.24 -16.19 33.75
CA ASP A 53 -23.04 -16.88 32.81
C ASP A 53 -22.04 -17.09 31.70
N PHE A 54 -21.52 -18.30 31.59
CA PHE A 54 -20.40 -18.64 30.75
C PHE A 54 -20.96 -19.36 29.52
N ARG A 55 -20.64 -18.86 28.34
CA ARG A 55 -21.08 -19.51 27.08
C ARG A 55 -20.00 -19.62 26.01
N GLN A 56 -20.15 -20.66 25.17
CA GLN A 56 -19.29 -20.88 24.02
C GLN A 56 -20.10 -21.18 22.79
N SER A 57 -19.76 -20.55 21.67
CA SER A 57 -20.36 -20.91 20.40
C SER A 57 -19.38 -20.80 19.24
N ASN A 58 -19.69 -21.58 18.20
CA ASN A 58 -18.99 -21.52 16.94
C ASN A 58 -19.71 -20.72 15.89
N HIS A 59 -20.84 -20.09 16.24
CA HIS A 59 -21.70 -19.36 15.32
C HIS A 59 -21.76 -17.88 15.59
N GLU A 60 -21.33 -17.11 14.61
CA GLU A 60 -21.29 -15.70 14.74
C GLU A 60 -22.62 -15.11 15.16
N GLY A 61 -23.69 -15.60 14.57
CA GLY A 61 -25.00 -15.03 14.78
C GLY A 61 -25.51 -15.34 16.15
N GLU A 62 -25.07 -16.46 16.66
CA GLU A 62 -25.50 -16.85 17.96
C GLU A 62 -24.78 -15.96 18.97
N LEU A 63 -23.51 -15.64 18.71
CA LEU A 63 -22.83 -14.73 19.59
C LEU A 63 -23.55 -13.39 19.56
N VAL A 64 -23.99 -12.97 18.40
CA VAL A 64 -24.71 -11.70 18.33
C VAL A 64 -25.97 -11.68 19.16
N ASP A 65 -26.74 -12.75 19.09
CA ASP A 65 -27.97 -12.91 19.85
C ASP A 65 -27.64 -12.86 21.31
N TRP A 66 -26.62 -13.56 21.71
CA TRP A 66 -26.30 -13.55 23.12
C TRP A 66 -25.89 -12.13 23.57
N ILE A 67 -25.22 -11.37 22.70
CA ILE A 67 -24.88 -10.03 23.08
C ILE A 67 -26.15 -9.21 23.33
N HIS A 68 -27.16 -9.41 22.50
CA HIS A 68 -28.39 -8.69 22.67
C HIS A 68 -29.03 -9.04 24.01
N GLU A 69 -28.89 -10.29 24.41
CA GLU A 69 -29.48 -10.74 25.63
C GLU A 69 -28.74 -10.06 26.76
N ALA A 70 -27.44 -9.91 26.63
CA ALA A 70 -26.69 -9.30 27.70
C ALA A 70 -27.11 -7.89 27.97
N ARG A 71 -27.49 -7.18 26.93
CA ARG A 71 -27.82 -5.78 27.13
C ARG A 71 -28.92 -5.65 28.11
N LEU A 72 -29.80 -6.64 28.19
CA LEU A 72 -30.98 -6.49 29.01
C LEU A 72 -30.79 -7.12 30.37
N ASN A 73 -29.98 -8.17 30.43
CA ASN A 73 -29.90 -9.01 31.62
C ASN A 73 -28.58 -9.16 32.33
N HIS A 74 -27.49 -8.55 31.88
CA HIS A 74 -26.21 -8.80 32.52
C HIS A 74 -25.57 -7.50 32.87
N CYS A 75 -24.49 -7.55 33.66
CA CYS A 75 -23.87 -6.35 34.15
C CYS A 75 -22.56 -6.00 33.40
N GLY A 76 -22.06 -6.89 32.54
CA GLY A 76 -20.88 -6.59 31.73
C GLY A 76 -20.55 -7.77 30.86
N ILE A 77 -19.57 -7.66 29.97
CA ILE A 77 -19.26 -8.79 29.10
C ILE A 77 -17.80 -8.98 29.07
N VAL A 78 -17.34 -10.18 29.28
CA VAL A 78 -15.95 -10.52 29.05
C VAL A 78 -16.06 -11.37 27.82
N ILE A 79 -15.33 -11.02 26.76
CA ILE A 79 -15.45 -11.77 25.55
C ILE A 79 -14.15 -12.11 24.92
N ASN A 80 -14.05 -13.37 24.55
CA ASN A 80 -12.98 -13.91 23.74
C ASN A 80 -13.63 -14.34 22.44
N PRO A 81 -13.68 -13.46 21.47
CA PRO A 81 -14.35 -13.75 20.20
C PRO A 81 -13.57 -14.70 19.32
N ALA A 82 -12.40 -15.07 19.76
CA ALA A 82 -11.58 -15.89 18.96
C ALA A 82 -11.46 -15.42 17.51
N ALA A 83 -11.59 -16.32 16.54
CA ALA A 83 -11.38 -16.02 15.14
C ALA A 83 -12.25 -14.85 14.67
N TYR A 84 -13.46 -14.77 15.21
CA TYR A 84 -14.35 -13.69 14.84
C TYR A 84 -13.78 -12.34 15.24
N SER A 85 -12.86 -12.32 16.18
CA SER A 85 -12.18 -11.08 16.52
C SER A 85 -11.71 -10.41 15.27
N HIS A 86 -11.21 -11.20 14.32
CA HIS A 86 -10.57 -10.68 13.16
C HIS A 86 -11.44 -10.47 11.97
N THR A 87 -12.67 -10.94 12.03
CA THR A 87 -13.56 -10.81 10.87
C THR A 87 -14.92 -10.25 11.10
N SER A 88 -15.38 -10.18 12.34
CA SER A 88 -16.77 -9.93 12.54
C SER A 88 -17.09 -8.50 12.83
N VAL A 89 -17.49 -7.77 11.83
CA VAL A 89 -18.04 -6.50 12.10
C VAL A 89 -19.39 -6.65 12.76
N ALA A 90 -20.02 -7.80 12.60
CA ALA A 90 -21.33 -8.01 13.21
C ALA A 90 -21.29 -7.99 14.72
N ILE A 91 -20.22 -8.54 15.29
CA ILE A 91 -20.11 -8.61 16.76
C ILE A 91 -19.74 -7.22 17.24
N LEU A 92 -18.96 -6.48 16.45
CA LEU A 92 -18.65 -5.11 16.86
C LEU A 92 -19.92 -4.29 16.97
N ASP A 93 -20.73 -4.36 15.96
CA ASP A 93 -21.95 -3.55 15.98
C ASP A 93 -22.92 -4.01 17.08
N ALA A 94 -22.88 -5.27 17.45
CA ALA A 94 -23.78 -5.71 18.50
C ALA A 94 -23.30 -5.11 19.79
N LEU A 95 -21.99 -5.19 20.01
CA LEU A 95 -21.44 -4.56 21.19
C LEU A 95 -21.66 -3.06 21.15
N ASN A 96 -21.73 -2.46 19.97
CA ASN A 96 -21.91 -1.03 19.97
C ASN A 96 -23.33 -0.71 20.49
N THR A 97 -24.24 -1.67 20.47
CA THR A 97 -25.58 -1.35 20.93
C THR A 97 -25.64 -1.37 22.44
N CYS A 98 -24.66 -2.01 23.07
CA CYS A 98 -24.63 -2.11 24.53
C CYS A 98 -24.14 -0.81 25.14
N ASP A 99 -24.92 0.24 24.98
CA ASP A 99 -24.51 1.52 25.54
C ASP A 99 -24.35 1.48 27.05
N GLY A 100 -23.16 1.84 27.52
CA GLY A 100 -22.91 1.97 28.96
C GLY A 100 -22.46 0.67 29.62
N LEU A 101 -22.60 -0.43 28.90
CA LEU A 101 -22.23 -1.75 29.40
C LEU A 101 -20.71 -1.98 29.28
N PRO A 102 -20.04 -2.35 30.35
CA PRO A 102 -18.62 -2.62 30.31
C PRO A 102 -18.33 -3.86 29.52
N VAL A 103 -17.38 -3.72 28.61
CA VAL A 103 -16.88 -4.85 27.83
C VAL A 103 -15.38 -5.02 27.96
N VAL A 104 -14.91 -6.21 28.25
CA VAL A 104 -13.50 -6.46 28.22
C VAL A 104 -13.23 -7.61 27.23
N GLU A 105 -12.32 -7.38 26.30
CA GLU A 105 -11.90 -8.36 25.33
C GLU A 105 -10.71 -9.18 25.87
N VAL A 106 -10.79 -10.51 25.76
CA VAL A 106 -9.69 -11.33 26.22
C VAL A 106 -9.18 -12.22 25.12
N HIS A 107 -7.83 -12.34 25.02
CA HIS A 107 -7.18 -13.33 24.17
C HIS A 107 -6.17 -14.06 25.03
N ILE A 108 -6.22 -15.36 24.96
CA ILE A 108 -5.31 -16.25 25.69
C ILE A 108 -3.91 -16.14 25.17
N SER A 109 -3.78 -16.25 23.86
CA SER A 109 -2.49 -16.13 23.19
C SER A 109 -2.17 -14.67 22.92
N ASN A 110 -0.92 -14.36 22.62
CA ASN A 110 -0.52 -12.98 22.37
C ASN A 110 -0.60 -12.83 20.89
N ILE A 111 -1.74 -12.33 20.42
CA ILE A 111 -2.00 -12.27 18.99
C ILE A 111 -0.98 -11.43 18.25
N HIS A 112 -0.27 -10.56 18.94
CA HIS A 112 0.60 -9.63 18.25
C HIS A 112 1.84 -10.32 17.81
N GLN A 113 2.03 -11.54 18.26
CA GLN A 113 3.18 -12.34 17.90
C GLN A 113 2.84 -13.40 16.89
N ARG A 114 1.63 -13.41 16.39
CA ARG A 114 1.25 -14.47 15.51
C ARG A 114 1.11 -13.87 14.11
N GLU A 115 0.36 -14.56 13.26
CA GLU A 115 0.19 -14.13 11.90
C GLU A 115 -0.37 -12.72 11.85
N PRO A 116 0.02 -11.96 10.84
CA PRO A 116 -0.44 -10.59 10.68
C PRO A 116 -1.94 -10.45 10.70
N PHE A 117 -2.70 -11.41 10.17
CA PHE A 117 -4.14 -11.23 10.12
C PHE A 117 -4.76 -11.28 11.54
N ARG A 118 -4.04 -11.84 12.52
CA ARG A 118 -4.52 -11.85 13.87
C ARG A 118 -4.21 -10.58 14.63
N HIS A 119 -3.36 -9.73 14.07
CA HIS A 119 -2.99 -8.48 14.73
C HIS A 119 -4.15 -7.53 14.92
N HIS A 120 -5.14 -7.63 14.08
CA HIS A 120 -6.23 -6.69 14.18
C HIS A 120 -7.53 -7.32 14.73
N SER A 121 -8.17 -6.55 15.58
CA SER A 121 -9.44 -6.92 16.11
C SER A 121 -10.51 -5.87 15.99
N TYR A 122 -11.65 -6.26 15.46
CA TYR A 122 -12.78 -5.30 15.34
C TYR A 122 -13.30 -4.99 16.72
N VAL A 123 -13.32 -5.97 17.61
CA VAL A 123 -13.85 -5.75 18.96
C VAL A 123 -13.06 -4.71 19.76
N SER A 124 -11.77 -4.61 19.50
CA SER A 124 -10.96 -3.69 20.28
C SER A 124 -11.34 -2.25 20.13
N GLN A 125 -11.99 -1.90 19.07
CA GLN A 125 -12.48 -0.54 18.90
C GLN A 125 -13.58 -0.12 19.90
N ARG A 126 -14.37 -1.08 20.33
CA ARG A 126 -15.40 -0.82 21.26
C ARG A 126 -15.01 -1.19 22.68
N ALA A 127 -14.23 -2.26 22.86
CA ALA A 127 -13.97 -2.74 24.20
C ALA A 127 -13.41 -1.69 25.12
N ASP A 128 -13.81 -1.71 26.35
CA ASP A 128 -13.18 -0.81 27.29
C ASP A 128 -11.75 -1.23 27.52
N GLY A 129 -11.50 -2.51 27.66
CA GLY A 129 -10.18 -3.05 27.94
C GLY A 129 -9.90 -4.26 27.10
N VAL A 130 -8.64 -4.48 26.80
CA VAL A 130 -8.21 -5.61 26.02
C VAL A 130 -7.07 -6.25 26.75
N VAL A 131 -7.13 -7.56 26.93
CA VAL A 131 -6.09 -8.32 27.59
C VAL A 131 -5.64 -9.41 26.63
N ALA A 132 -4.35 -9.49 26.33
CA ALA A 132 -3.85 -10.51 25.43
C ALA A 132 -2.60 -11.20 25.92
N GLY A 133 -2.55 -12.53 25.77
CA GLY A 133 -1.34 -13.25 26.12
C GLY A 133 -1.09 -13.46 27.60
N CYS A 134 -2.11 -13.25 28.40
CA CYS A 134 -1.98 -13.61 29.79
C CYS A 134 -2.52 -14.96 30.12
N GLY A 135 -2.61 -15.85 29.15
CA GLY A 135 -3.16 -17.17 29.33
C GLY A 135 -4.57 -17.11 29.79
N VAL A 136 -5.06 -18.17 30.44
CA VAL A 136 -6.39 -18.16 31.00
C VAL A 136 -6.56 -17.16 32.16
N GLN A 137 -5.45 -16.76 32.73
CA GLN A 137 -5.50 -15.80 33.79
C GLN A 137 -6.17 -14.51 33.28
N GLY A 138 -6.08 -14.27 31.98
CA GLY A 138 -6.67 -13.06 31.44
C GLY A 138 -8.16 -12.96 31.67
N TYR A 139 -8.80 -14.10 31.68
CA TYR A 139 -10.22 -14.14 32.03
C TYR A 139 -10.51 -13.61 33.44
N VAL A 140 -9.61 -13.84 34.38
CA VAL A 140 -9.76 -13.33 35.74
C VAL A 140 -9.61 -11.80 35.75
N PHE A 141 -8.59 -11.34 35.02
CA PHE A 141 -8.35 -9.90 34.89
C PHE A 141 -9.60 -9.28 34.29
N GLY A 142 -10.17 -9.93 33.29
CA GLY A 142 -11.42 -9.48 32.70
C GLY A 142 -12.53 -9.36 33.74
N VAL A 143 -12.72 -10.36 34.58
CA VAL A 143 -13.81 -10.32 35.56
C VAL A 143 -13.56 -9.23 36.56
N GLU A 144 -12.33 -9.11 36.94
CA GLU A 144 -11.96 -8.06 37.82
C GLU A 144 -12.16 -6.68 37.33
N ARG A 145 -11.89 -6.46 36.05
CA ARG A 145 -12.10 -5.12 35.58
C ARG A 145 -13.59 -4.81 35.52
N ILE A 146 -14.39 -5.79 35.14
CA ILE A 146 -15.82 -5.57 35.06
C ILE A 146 -16.36 -5.24 36.44
N ALA A 147 -15.82 -5.90 37.44
CA ALA A 147 -16.23 -5.61 38.80
C ALA A 147 -15.96 -4.20 39.20
N ALA A 148 -14.84 -3.68 38.73
CA ALA A 148 -14.47 -2.37 39.17
C ALA A 148 -15.21 -1.33 38.38
N LEU A 149 -15.63 -1.66 37.19
CA LEU A 149 -16.35 -0.67 36.37
C LEU A 149 -17.83 -0.71 36.67
N ALA A 150 -18.33 -1.91 36.94
CA ALA A 150 -19.72 -2.06 37.25
C ALA A 150 -19.99 -1.46 38.63
N GLY A 151 -19.04 -1.64 39.55
CA GLY A 151 -19.04 -0.95 40.85
C GLY A 151 -19.30 0.57 40.75
N PRO B 2 -5.26 -40.95 13.72
CA PRO B 2 -4.78 -41.68 12.50
C PRO B 2 -5.58 -42.94 12.22
N ARG B 3 -6.64 -42.66 11.51
CA ARG B 3 -7.50 -43.65 10.96
C ARG B 3 -7.11 -43.83 9.50
N SER B 4 -7.40 -45.01 8.95
CA SER B 4 -7.05 -45.32 7.59
C SER B 4 -8.30 -45.23 6.81
N LEU B 5 -8.16 -45.27 5.49
CA LEU B 5 -9.33 -45.28 4.61
C LEU B 5 -10.25 -46.42 4.94
N ALA B 6 -9.70 -47.44 5.58
CA ALA B 6 -10.48 -48.66 5.90
C ALA B 6 -11.25 -48.54 7.20
N ASN B 7 -10.78 -47.70 8.11
CA ASN B 7 -11.40 -47.58 9.43
C ASN B 7 -12.41 -46.48 9.55
N ALA B 8 -12.38 -45.55 8.59
CA ALA B 8 -13.14 -44.32 8.75
C ALA B 8 -13.33 -43.69 7.39
N PRO B 9 -14.47 -43.03 7.18
CA PRO B 9 -14.70 -42.37 5.91
C PRO B 9 -13.93 -41.09 5.74
N ILE B 10 -13.86 -40.65 4.49
CA ILE B 10 -13.36 -39.35 4.13
C ILE B 10 -14.48 -38.38 4.20
N MET B 11 -14.27 -37.27 4.87
CA MET B 11 -15.32 -36.26 4.96
C MET B 11 -15.11 -35.30 3.82
N ILE B 12 -16.15 -35.02 3.06
CA ILE B 12 -16.05 -34.14 1.95
C ILE B 12 -16.99 -33.04 2.30
N LEU B 13 -16.43 -31.87 2.62
CA LEU B 13 -17.22 -30.69 2.98
C LEU B 13 -17.37 -29.66 1.89
N ASN B 14 -18.57 -29.17 1.72
CA ASN B 14 -18.90 -28.17 0.74
C ASN B 14 -19.52 -26.95 1.39
N GLY B 15 -19.05 -25.77 1.01
CA GLY B 15 -19.51 -24.55 1.59
C GLY B 15 -20.70 -23.97 0.91
N PRO B 16 -20.94 -22.71 1.18
CA PRO B 16 -22.15 -22.06 0.75
C PRO B 16 -22.38 -21.96 -0.75
N ASN B 17 -23.66 -21.87 -1.08
CA ASN B 17 -24.15 -21.84 -2.45
C ASN B 17 -23.83 -23.06 -3.32
N LEU B 18 -23.10 -24.04 -2.83
CA LEU B 18 -22.78 -25.17 -3.67
C LEU B 18 -24.04 -26.08 -3.82
N ASN B 19 -25.00 -25.94 -2.95
CA ASN B 19 -26.22 -26.67 -3.17
C ASN B 19 -26.78 -26.33 -4.54
N LEU B 20 -26.45 -25.19 -5.11
CA LEU B 20 -27.00 -24.91 -6.41
C LEU B 20 -26.12 -25.30 -7.59
N LEU B 21 -25.08 -26.06 -7.36
CA LEU B 21 -24.20 -26.48 -8.43
C LEU B 21 -24.97 -27.10 -9.57
N GLY B 22 -24.57 -26.72 -10.76
CA GLY B 22 -25.11 -27.26 -12.00
C GLY B 22 -26.40 -26.61 -12.43
N GLN B 23 -26.77 -25.52 -11.78
CA GLN B 23 -28.02 -24.82 -12.11
C GLN B 23 -27.80 -23.34 -12.40
N ARG B 24 -26.55 -22.89 -12.37
CA ARG B 24 -26.23 -21.49 -12.60
C ARG B 24 -24.74 -21.34 -12.93
N GLN B 25 -24.41 -20.37 -13.77
CA GLN B 25 -23.02 -20.10 -14.14
C GLN B 25 -22.29 -21.40 -14.50
N PRO B 26 -22.86 -22.16 -15.44
CA PRO B 26 -22.25 -23.42 -15.86
C PRO B 26 -20.87 -23.19 -16.41
N GLU B 27 -20.72 -22.14 -17.20
CA GLU B 27 -19.41 -21.82 -17.79
C GLU B 27 -18.34 -21.70 -16.71
N ILE B 28 -18.77 -21.40 -15.49
CA ILE B 28 -17.85 -21.25 -14.38
C ILE B 28 -17.80 -22.50 -13.55
N TYR B 29 -18.95 -23.03 -13.19
CA TYR B 29 -19.01 -24.18 -12.30
C TYR B 29 -19.38 -25.48 -12.97
N GLY B 30 -19.82 -25.42 -14.21
CA GLY B 30 -20.16 -26.60 -14.97
C GLY B 30 -21.62 -26.93 -14.81
N SER B 31 -22.05 -28.03 -15.40
CA SER B 31 -23.45 -28.42 -15.37
C SER B 31 -23.71 -29.72 -14.57
N ASP B 32 -22.72 -30.23 -13.88
CA ASP B 32 -22.92 -31.35 -12.98
C ASP B 32 -23.52 -30.81 -11.67
N THR B 33 -24.32 -31.61 -11.01
CA THR B 33 -24.89 -31.19 -9.75
C THR B 33 -24.08 -31.69 -8.60
N LEU B 34 -24.49 -31.29 -7.41
CA LEU B 34 -23.74 -31.69 -6.23
C LEU B 34 -23.87 -33.19 -6.03
N ALA B 35 -25.03 -33.70 -6.39
CA ALA B 35 -25.24 -35.15 -6.35
C ALA B 35 -24.32 -35.91 -7.29
N ASP B 36 -24.07 -35.34 -8.46
CA ASP B 36 -23.11 -35.91 -9.42
C ASP B 36 -21.72 -35.94 -8.81
N VAL B 37 -21.40 -34.92 -8.04
CA VAL B 37 -20.09 -34.87 -7.43
C VAL B 37 -20.02 -35.92 -6.34
N GLU B 38 -21.08 -36.00 -5.58
CA GLU B 38 -21.02 -37.02 -4.53
C GLU B 38 -20.73 -38.39 -5.14
N ALA B 39 -21.41 -38.66 -6.24
CA ALA B 39 -21.25 -39.98 -6.85
C ALA B 39 -19.85 -40.21 -7.34
N LEU B 40 -19.22 -39.14 -7.84
CA LEU B 40 -17.86 -39.28 -8.31
C LEU B 40 -17.01 -39.62 -7.15
N CYS B 41 -17.26 -38.98 -6.03
CA CYS B 41 -16.40 -39.20 -4.88
C CYS B 41 -16.57 -40.60 -4.32
N VAL B 42 -17.82 -41.05 -4.33
CA VAL B 42 -18.11 -42.35 -3.74
C VAL B 42 -17.35 -43.39 -4.52
N LYS B 43 -17.35 -43.24 -5.83
CA LYS B 43 -16.64 -44.15 -6.73
C LYS B 43 -15.14 -44.11 -6.57
N ALA B 44 -14.57 -42.89 -6.53
CA ALA B 44 -13.13 -42.74 -6.40
C ALA B 44 -12.72 -43.40 -5.10
N ALA B 45 -13.48 -43.20 -4.06
CA ALA B 45 -13.05 -43.73 -2.78
C ALA B 45 -13.16 -45.25 -2.73
N ALA B 46 -14.16 -45.74 -3.41
CA ALA B 46 -14.38 -47.18 -3.33
C ALA B 46 -13.24 -47.93 -3.97
N ALA B 47 -12.67 -47.33 -5.01
CA ALA B 47 -11.56 -47.96 -5.67
C ALA B 47 -10.40 -48.13 -4.75
N HIS B 48 -10.35 -47.43 -3.62
CA HIS B 48 -9.22 -47.59 -2.71
C HIS B 48 -9.69 -48.31 -1.46
N GLY B 49 -10.96 -48.68 -1.46
CA GLY B 49 -11.44 -49.46 -0.34
C GLY B 49 -12.06 -48.61 0.74
N GLY B 50 -12.42 -47.37 0.44
CA GLY B 50 -12.93 -46.48 1.45
C GLY B 50 -14.30 -45.95 1.16
N THR B 51 -14.74 -45.08 2.04
CA THR B 51 -16.06 -44.50 1.92
C THR B 51 -16.00 -43.03 2.17
N VAL B 52 -17.08 -42.36 1.85
CA VAL B 52 -17.16 -40.94 2.06
C VAL B 52 -18.40 -40.57 2.78
N ASP B 53 -18.33 -39.40 3.36
CA ASP B 53 -19.35 -38.74 4.12
C ASP B 53 -19.36 -37.34 3.51
N PHE B 54 -20.37 -37.05 2.73
CA PHE B 54 -20.46 -35.90 1.90
C PHE B 54 -21.48 -34.96 2.48
N ARG B 55 -21.05 -33.71 2.77
CA ARG B 55 -21.96 -32.71 3.31
C ARG B 55 -21.83 -31.33 2.68
N GLN B 56 -22.93 -30.57 2.74
CA GLN B 56 -22.94 -29.20 2.29
C GLN B 56 -23.62 -28.32 3.31
N SER B 57 -23.07 -27.13 3.57
CA SER B 57 -23.77 -26.17 4.39
C SER B 57 -23.49 -24.74 3.97
N ASN B 58 -24.43 -23.86 4.27
CA ASN B 58 -24.27 -22.47 3.99
C ASN B 58 -23.87 -21.72 5.26
N HIS B 59 -23.71 -22.43 6.38
CA HIS B 59 -23.34 -21.84 7.67
C HIS B 59 -21.92 -22.11 8.12
N GLU B 60 -21.17 -21.05 8.33
CA GLU B 60 -19.82 -21.17 8.72
C GLU B 60 -19.66 -22.05 9.97
N GLY B 61 -20.47 -21.76 10.95
CA GLY B 61 -20.32 -22.41 12.24
C GLY B 61 -20.62 -23.88 12.19
N GLU B 62 -21.49 -24.25 11.28
CA GLU B 62 -21.84 -25.64 11.09
C GLU B 62 -20.67 -26.32 10.40
N LEU B 63 -20.01 -25.62 9.46
CA LEU B 63 -18.79 -26.25 8.87
C LEU B 63 -17.77 -26.46 9.95
N VAL B 64 -17.67 -25.50 10.86
CA VAL B 64 -16.70 -25.67 11.93
C VAL B 64 -17.01 -26.89 12.76
N ASP B 65 -18.27 -27.03 13.14
CA ASP B 65 -18.73 -28.17 13.96
C ASP B 65 -18.42 -29.43 13.23
N TRP B 66 -18.68 -29.46 11.93
CA TRP B 66 -18.37 -30.67 11.20
C TRP B 66 -16.89 -30.97 11.16
N ILE B 67 -16.06 -29.93 11.13
CA ILE B 67 -14.60 -30.17 11.15
C ILE B 67 -14.22 -30.80 12.48
N HIS B 68 -14.84 -30.37 13.57
CA HIS B 68 -14.54 -30.98 14.86
C HIS B 68 -14.88 -32.46 14.90
N GLU B 69 -15.97 -32.80 14.26
CA GLU B 69 -16.42 -34.16 14.22
C GLU B 69 -15.42 -34.97 13.41
N ALA B 70 -14.89 -34.39 12.34
CA ALA B 70 -13.95 -35.14 11.52
C ALA B 70 -12.70 -35.48 12.25
N ARG B 71 -12.31 -34.65 13.19
CA ARG B 71 -11.08 -34.96 13.91
C ARG B 71 -11.18 -36.25 14.66
N LEU B 72 -12.40 -36.64 15.06
CA LEU B 72 -12.53 -37.84 15.87
C LEU B 72 -12.94 -39.06 15.05
N ASN B 73 -13.65 -38.81 13.95
CA ASN B 73 -14.26 -39.91 13.24
C ASN B 73 -13.90 -40.16 11.75
N HIS B 74 -13.03 -39.34 11.15
CA HIS B 74 -12.77 -39.52 9.74
C HIS B 74 -11.33 -39.60 9.44
N CYS B 75 -10.98 -40.03 8.24
CA CYS B 75 -9.56 -40.22 7.95
C CYS B 75 -8.90 -39.06 7.19
N GLY B 76 -9.67 -38.10 6.74
CA GLY B 76 -9.12 -36.94 6.05
C GLY B 76 -10.28 -36.04 5.65
N ILE B 77 -10.00 -34.84 5.17
CA ILE B 77 -11.05 -33.89 4.75
C ILE B 77 -10.73 -33.37 3.37
N VAL B 78 -11.69 -33.46 2.47
CA VAL B 78 -11.61 -32.79 1.21
C VAL B 78 -12.53 -31.66 1.41
N ILE B 79 -12.11 -30.42 1.21
CA ILE B 79 -13.02 -29.31 1.46
C ILE B 79 -13.03 -28.26 0.38
N ASN B 80 -14.22 -27.90 -0.04
CA ASN B 80 -14.44 -26.78 -0.89
C ASN B 80 -15.22 -25.77 -0.06
N PRO B 81 -14.52 -24.83 0.59
CA PRO B 81 -15.13 -23.88 1.49
C PRO B 81 -15.84 -22.79 0.78
N ALA B 82 -15.80 -22.84 -0.52
CA ALA B 82 -16.43 -21.78 -1.29
C ALA B 82 -16.17 -20.39 -0.76
N ALA B 83 -17.20 -19.57 -0.61
CA ALA B 83 -16.92 -18.18 -0.27
C ALA B 83 -16.18 -18.01 1.04
N TYR B 84 -16.38 -18.91 1.99
CA TYR B 84 -15.69 -18.85 3.24
C TYR B 84 -14.20 -19.10 3.11
N SER B 85 -13.78 -19.71 2.01
CA SER B 85 -12.35 -19.71 1.69
C SER B 85 -11.72 -18.34 1.88
N HIS B 86 -12.42 -17.30 1.44
CA HIS B 86 -11.82 -15.97 1.45
C HIS B 86 -12.05 -15.18 2.68
N THR B 87 -12.93 -15.66 3.55
CA THR B 87 -13.27 -14.87 4.71
C THR B 87 -13.15 -15.51 6.05
N SER B 88 -13.04 -16.84 6.12
CA SER B 88 -13.22 -17.47 7.43
C SER B 88 -11.93 -17.88 8.12
N VAL B 89 -11.50 -17.08 9.05
CA VAL B 89 -10.42 -17.49 9.88
C VAL B 89 -10.89 -18.60 10.81
N ALA B 90 -12.17 -18.65 11.04
CA ALA B 90 -12.68 -19.67 11.92
C ALA B 90 -12.53 -21.06 11.37
N ILE B 91 -12.66 -21.23 10.05
CA ILE B 91 -12.52 -22.57 9.46
C ILE B 91 -11.06 -22.95 9.47
N LEU B 92 -10.20 -21.99 9.19
CA LEU B 92 -8.76 -22.23 9.25
C LEU B 92 -8.42 -22.76 10.67
N ASP B 93 -8.87 -22.08 11.70
CA ASP B 93 -8.49 -22.47 13.06
C ASP B 93 -9.06 -23.80 13.42
N ALA B 94 -10.21 -24.14 12.86
CA ALA B 94 -10.76 -25.44 13.15
C ALA B 94 -9.88 -26.48 12.51
N LEU B 95 -9.49 -26.24 11.25
CA LEU B 95 -8.59 -27.17 10.57
C LEU B 95 -7.26 -27.25 11.24
N ASN B 96 -6.86 -26.21 11.92
CA ASN B 96 -5.56 -26.24 12.61
C ASN B 96 -5.66 -27.13 13.85
N THR B 97 -6.86 -27.50 14.26
CA THR B 97 -6.91 -28.40 15.41
C THR B 97 -6.85 -29.86 14.98
N CYS B 98 -6.94 -30.13 13.68
CA CYS B 98 -6.89 -31.48 13.13
C CYS B 98 -5.42 -31.88 12.95
N ASP B 99 -4.73 -31.99 14.06
CA ASP B 99 -3.30 -32.32 13.99
C ASP B 99 -3.14 -33.68 13.36
N GLY B 100 -2.38 -33.72 12.24
CA GLY B 100 -2.02 -34.97 11.60
C GLY B 100 -3.00 -35.44 10.55
N LEU B 101 -4.19 -34.84 10.52
CA LEU B 101 -5.20 -35.22 9.57
C LEU B 101 -4.95 -34.57 8.20
N PRO B 102 -5.01 -35.35 7.15
CA PRO B 102 -4.80 -34.82 5.81
C PRO B 102 -5.98 -34.00 5.40
N VAL B 103 -5.68 -32.81 4.89
CA VAL B 103 -6.70 -31.91 4.35
C VAL B 103 -6.36 -31.46 2.95
N VAL B 104 -7.27 -31.62 2.02
CA VAL B 104 -7.06 -31.14 0.66
C VAL B 104 -8.18 -30.18 0.32
N GLU B 105 -7.79 -28.99 -0.09
CA GLU B 105 -8.72 -27.92 -0.51
C GLU B 105 -9.05 -28.01 -2.01
N VAL B 106 -10.32 -27.92 -2.36
CA VAL B 106 -10.71 -27.98 -3.77
C VAL B 106 -11.56 -26.81 -4.17
N HIS B 107 -11.25 -26.25 -5.35
CA HIS B 107 -12.07 -25.20 -5.94
C HIS B 107 -12.32 -25.66 -7.37
N ILE B 108 -13.58 -25.55 -7.77
CA ILE B 108 -14.01 -25.99 -9.08
C ILE B 108 -13.48 -25.04 -10.14
N SER B 109 -13.69 -23.76 -9.88
CA SER B 109 -13.22 -22.69 -10.78
C SER B 109 -11.80 -22.35 -10.47
N ASN B 110 -11.15 -21.68 -11.39
CA ASN B 110 -9.78 -21.25 -11.16
C ASN B 110 -9.87 -19.86 -10.56
N ILE B 111 -9.80 -19.81 -9.25
CA ILE B 111 -9.99 -18.57 -8.54
C ILE B 111 -8.98 -17.52 -8.93
N HIS B 112 -7.84 -17.94 -9.49
CA HIS B 112 -6.74 -16.99 -9.76
C HIS B 112 -7.05 -16.18 -10.97
N GLN B 113 -8.07 -16.59 -11.69
CA GLN B 113 -8.52 -15.81 -12.84
C GLN B 113 -9.74 -14.99 -12.54
N ARG B 114 -10.17 -14.90 -11.29
CA ARG B 114 -11.42 -14.18 -11.04
C ARG B 114 -11.11 -12.91 -10.31
N GLU B 115 -12.08 -12.38 -9.58
CA GLU B 115 -11.88 -11.17 -8.84
C GLU B 115 -10.75 -11.33 -7.86
N PRO B 116 -10.02 -10.24 -7.64
CA PRO B 116 -8.89 -10.26 -6.70
C PRO B 116 -9.20 -10.77 -5.32
N PHE B 117 -10.40 -10.52 -4.81
CA PHE B 117 -10.71 -10.97 -3.44
C PHE B 117 -10.83 -12.49 -3.37
N ARG B 118 -10.95 -13.15 -4.52
CA ARG B 118 -10.96 -14.58 -4.52
C ARG B 118 -9.56 -15.18 -4.60
N HIS B 119 -8.57 -14.35 -4.83
CA HIS B 119 -7.21 -14.87 -5.01
C HIS B 119 -6.64 -15.43 -3.71
N HIS B 120 -7.14 -14.96 -2.60
CA HIS B 120 -6.61 -15.40 -1.35
C HIS B 120 -7.55 -16.35 -0.63
N SER B 121 -6.95 -17.38 -0.03
CA SER B 121 -7.67 -18.35 0.75
C SER B 121 -7.00 -18.63 2.08
N TYR B 122 -7.73 -18.45 3.17
CA TYR B 122 -7.21 -18.74 4.49
C TYR B 122 -6.93 -20.22 4.61
N VAL B 123 -7.74 -21.04 3.97
CA VAL B 123 -7.62 -22.49 4.11
C VAL B 123 -6.33 -23.01 3.55
N SER B 124 -5.84 -22.33 2.53
CA SER B 124 -4.60 -22.77 1.87
C SER B 124 -3.40 -22.79 2.77
N GLN B 125 -3.43 -21.98 3.81
CA GLN B 125 -2.32 -21.98 4.78
C GLN B 125 -2.19 -23.27 5.57
N ARG B 126 -3.30 -23.96 5.74
CA ARG B 126 -3.27 -25.21 6.46
C ARG B 126 -3.34 -26.41 5.56
N ALA B 127 -4.04 -26.30 4.44
CA ALA B 127 -4.24 -27.47 3.61
C ALA B 127 -2.95 -28.12 3.14
N ASP B 128 -2.92 -29.45 3.10
CA ASP B 128 -1.73 -30.12 2.55
C ASP B 128 -1.62 -29.82 1.05
N GLY B 129 -2.74 -29.92 0.34
CA GLY B 129 -2.77 -29.70 -1.07
C GLY B 129 -3.96 -28.85 -1.41
N VAL B 130 -3.85 -28.15 -2.53
CA VAL B 130 -4.84 -27.28 -3.06
C VAL B 130 -5.01 -27.55 -4.55
N VAL B 131 -6.24 -27.78 -4.98
CA VAL B 131 -6.53 -28.04 -6.36
C VAL B 131 -7.53 -26.98 -6.82
N ALA B 132 -7.22 -26.27 -7.88
CA ALA B 132 -8.13 -25.26 -8.35
C ALA B 132 -8.35 -25.28 -9.84
N GLY B 133 -9.60 -25.14 -10.29
CA GLY B 133 -9.90 -25.04 -11.70
C GLY B 133 -9.87 -26.31 -12.47
N CYS B 134 -9.83 -27.46 -11.79
CA CYS B 134 -9.95 -28.72 -12.49
C CYS B 134 -11.38 -29.22 -12.57
N GLY B 135 -12.34 -28.31 -12.48
CA GLY B 135 -13.74 -28.68 -12.49
C GLY B 135 -14.07 -29.63 -11.33
N VAL B 136 -15.15 -30.39 -11.47
CA VAL B 136 -15.51 -31.36 -10.45
C VAL B 136 -14.52 -32.50 -10.36
N GLN B 137 -13.74 -32.68 -11.40
CA GLN B 137 -12.68 -33.71 -11.37
C GLN B 137 -11.69 -33.45 -10.20
N GLY B 138 -11.56 -32.19 -9.77
CA GLY B 138 -10.70 -31.86 -8.66
C GLY B 138 -11.06 -32.51 -7.38
N TYR B 139 -12.34 -32.76 -7.16
CA TYR B 139 -12.79 -33.58 -6.04
C TYR B 139 -12.23 -34.98 -6.05
N VAL B 140 -12.05 -35.57 -7.23
CA VAL B 140 -11.49 -36.93 -7.36
C VAL B 140 -10.03 -36.87 -7.01
N PHE B 141 -9.33 -35.84 -7.51
CA PHE B 141 -7.91 -35.65 -7.18
C PHE B 141 -7.81 -35.53 -5.68
N GLY B 142 -8.77 -34.80 -5.08
CA GLY B 142 -8.76 -34.68 -3.63
C GLY B 142 -8.84 -36.03 -2.89
N VAL B 143 -9.76 -36.86 -3.33
CA VAL B 143 -9.95 -38.15 -2.69
C VAL B 143 -8.72 -39.02 -2.87
N GLU B 144 -8.16 -38.91 -4.04
CA GLU B 144 -6.97 -39.66 -4.34
C GLU B 144 -5.76 -39.24 -3.58
N ARG B 145 -5.63 -37.94 -3.33
CA ARG B 145 -4.51 -37.55 -2.52
C ARG B 145 -4.70 -38.02 -1.06
N ILE B 146 -5.91 -37.92 -0.54
CA ILE B 146 -6.15 -38.34 0.84
C ILE B 146 -5.83 -39.83 0.97
N ALA B 147 -6.20 -40.62 -0.03
CA ALA B 147 -5.91 -42.03 0.00
C ALA B 147 -4.44 -42.33 0.10
N ALA B 148 -3.64 -41.54 -0.58
CA ALA B 148 -2.24 -41.79 -0.60
C ALA B 148 -1.61 -41.32 0.68
N LEU B 149 -2.17 -40.30 1.31
CA LEU B 149 -1.58 -39.76 2.53
C LEU B 149 -2.04 -40.55 3.72
N ALA B 150 -3.28 -40.97 3.68
CA ALA B 150 -3.81 -41.72 4.79
C ALA B 150 -3.16 -43.11 4.77
N GLY B 151 -2.91 -43.63 3.57
CA GLY B 151 -2.14 -44.85 3.40
C GLY B 151 -0.79 -44.80 4.15
N PRO C 2 -38.51 -14.74 -13.77
CA PRO C 2 -39.20 -13.44 -14.06
C PRO C 2 -40.68 -13.47 -13.72
N ARG C 3 -40.87 -13.16 -12.44
CA ARG C 3 -42.15 -12.95 -11.83
C ARG C 3 -42.37 -11.44 -11.77
N SER C 4 -43.62 -11.03 -11.75
CA SER C 4 -43.95 -9.61 -11.72
C SER C 4 -44.36 -9.28 -10.31
N LEU C 5 -44.48 -7.98 -10.03
CA LEU C 5 -44.97 -7.58 -8.73
C LEU C 5 -46.30 -8.22 -8.40
N ALA C 6 -47.01 -8.66 -9.43
CA ALA C 6 -48.33 -9.21 -9.23
C ALA C 6 -48.34 -10.71 -8.95
N ASN C 7 -47.30 -11.40 -9.38
CA ASN C 7 -47.26 -12.86 -9.24
C ASN C 7 -46.52 -13.31 -8.01
N ALA C 8 -45.78 -12.39 -7.39
CA ALA C 8 -44.82 -12.78 -6.37
C ALA C 8 -44.45 -11.59 -5.53
N PRO C 9 -44.24 -11.78 -4.25
CA PRO C 9 -43.82 -10.64 -3.41
C PRO C 9 -42.35 -10.22 -3.63
N ILE C 10 -42.09 -9.02 -3.15
CA ILE C 10 -40.75 -8.50 -3.01
C ILE C 10 -40.21 -8.98 -1.73
N MET C 11 -39.01 -9.56 -1.72
CA MET C 11 -38.39 -9.96 -0.47
C MET C 11 -37.56 -8.80 0.05
N ILE C 12 -37.74 -8.43 1.31
CA ILE C 12 -36.99 -7.34 1.89
C ILE C 12 -36.15 -7.98 2.96
N LEU C 13 -34.84 -8.09 2.76
CA LEU C 13 -33.98 -8.72 3.77
C LEU C 13 -33.19 -7.74 4.64
N ASN C 14 -33.17 -8.01 5.92
CA ASN C 14 -32.46 -7.19 6.84
C ASN C 14 -31.47 -7.99 7.60
N GLY C 15 -30.25 -7.46 7.72
CA GLY C 15 -29.14 -8.20 8.31
C GLY C 15 -29.07 -7.95 9.79
N PRO C 16 -27.93 -8.30 10.37
CA PRO C 16 -27.77 -8.30 11.80
C PRO C 16 -27.92 -6.98 12.49
N ASN C 17 -28.34 -7.09 13.73
CA ASN C 17 -28.59 -5.99 14.61
C ASN C 17 -29.73 -5.06 14.22
N LEU C 18 -30.35 -5.25 13.07
CA LEU C 18 -31.39 -4.33 12.66
C LEU C 18 -32.69 -4.59 13.49
N ASN C 19 -32.78 -5.74 14.12
CA ASN C 19 -33.89 -6.01 15.04
C ASN C 19 -33.94 -4.94 16.11
N LEU C 20 -32.84 -4.24 16.35
CA LEU C 20 -32.87 -3.23 17.37
C LEU C 20 -33.09 -1.83 16.86
N LEU C 21 -33.41 -1.71 15.59
CA LEU C 21 -33.65 -0.40 15.01
C LEU C 21 -34.67 0.40 15.82
N GLY C 22 -34.31 1.64 16.04
CA GLY C 22 -35.13 2.62 16.74
C GLY C 22 -34.99 2.57 18.25
N GLN C 23 -33.98 1.84 18.74
CA GLN C 23 -33.76 1.73 20.17
C GLN C 23 -32.35 2.09 20.59
N ARG C 24 -31.50 2.48 19.63
CA ARG C 24 -30.13 2.82 19.89
C ARG C 24 -29.57 3.64 18.74
N GLN C 25 -28.62 4.53 19.05
CA GLN C 25 -27.98 5.35 18.04
C GLN C 25 -29.02 5.91 17.06
N PRO C 26 -30.02 6.60 17.59
CA PRO C 26 -31.05 7.21 16.75
C PRO C 26 -30.45 8.23 15.80
N GLU C 27 -29.50 9.03 16.27
CA GLU C 27 -28.84 10.02 15.42
C GLU C 27 -28.24 9.38 14.17
N ILE C 28 -27.98 8.07 14.24
CA ILE C 28 -27.41 7.35 13.12
C ILE C 28 -28.47 6.57 12.37
N TYR C 29 -29.30 5.84 13.10
CA TYR C 29 -30.28 4.99 12.48
C TYR C 29 -31.70 5.47 12.58
N GLY C 30 -31.93 6.49 13.39
CA GLY C 30 -33.25 7.12 13.55
C GLY C 30 -34.02 6.46 14.65
N SER C 31 -35.28 6.85 14.81
CA SER C 31 -36.10 6.33 15.90
C SER C 31 -37.27 5.50 15.44
N ASP C 32 -37.29 5.17 14.16
CA ASP C 32 -38.29 4.26 13.68
C ASP C 32 -37.83 2.84 13.99
N THR C 33 -38.77 1.95 14.19
CA THR C 33 -38.41 0.57 14.45
C THR C 33 -38.54 -0.19 13.21
N LEU C 34 -38.15 -1.44 13.27
CA LEU C 34 -38.17 -2.30 12.11
C LEU C 34 -39.59 -2.51 11.67
N ALA C 35 -40.49 -2.62 12.65
CA ALA C 35 -41.91 -2.75 12.31
C ALA C 35 -42.43 -1.49 11.56
N ASP C 36 -41.91 -0.33 11.91
CA ASP C 36 -42.28 0.87 11.20
C ASP C 36 -41.83 0.79 9.74
N VAL C 37 -40.68 0.15 9.53
CA VAL C 37 -40.11 0.05 8.20
C VAL C 37 -40.96 -0.94 7.47
N GLU C 38 -41.27 -2.06 8.06
CA GLU C 38 -42.07 -3.01 7.32
C GLU C 38 -43.38 -2.35 6.82
N ALA C 39 -43.99 -1.54 7.66
CA ALA C 39 -45.24 -0.93 7.27
C ALA C 39 -45.01 0.02 6.13
N LEU C 40 -43.87 0.69 6.10
CA LEU C 40 -43.61 1.61 5.01
C LEU C 40 -43.50 0.83 3.79
N CYS C 41 -42.86 -0.33 3.89
CA CYS C 41 -42.67 -1.11 2.68
C CYS C 41 -43.99 -1.65 2.17
N VAL C 42 -44.85 -2.05 3.09
CA VAL C 42 -46.10 -2.71 2.70
C VAL C 42 -46.93 -1.72 1.88
N LYS C 43 -46.92 -0.50 2.35
CA LYS C 43 -47.63 0.58 1.72
C LYS C 43 -47.10 0.99 0.36
N ALA C 44 -45.76 1.13 0.27
CA ALA C 44 -45.12 1.48 -0.98
C ALA C 44 -45.49 0.37 -1.94
N ALA C 45 -45.40 -0.88 -1.53
CA ALA C 45 -45.62 -1.92 -2.53
C ALA C 45 -47.08 -1.99 -2.98
N ALA C 46 -47.96 -1.70 -2.06
CA ALA C 46 -49.36 -1.86 -2.40
C ALA C 46 -49.74 -0.84 -3.47
N ALA C 47 -49.11 0.32 -3.40
CA ALA C 47 -49.43 1.30 -4.40
C ALA C 47 -49.11 0.79 -5.79
N HIS C 48 -48.27 -0.22 -5.93
CA HIS C 48 -47.98 -0.68 -7.28
C HIS C 48 -48.66 -1.99 -7.54
N GLY C 49 -49.39 -2.47 -6.55
CA GLY C 49 -50.13 -3.70 -6.73
C GLY C 49 -49.40 -4.90 -6.20
N GLY C 50 -48.37 -4.69 -5.36
CA GLY C 50 -47.59 -5.85 -4.95
C GLY C 50 -47.63 -6.08 -3.47
N THR C 51 -46.88 -7.08 -3.04
CA THR C 51 -46.76 -7.40 -1.64
C THR C 51 -45.30 -7.60 -1.24
N VAL C 52 -45.08 -7.68 0.06
CA VAL C 52 -43.75 -7.89 0.55
C VAL C 52 -43.68 -8.97 1.57
N ASP C 53 -42.49 -9.53 1.61
CA ASP C 53 -42.12 -10.61 2.50
C ASP C 53 -40.89 -10.00 3.17
N PHE C 54 -41.05 -9.58 4.41
CA PHE C 54 -40.08 -8.82 5.18
C PHE C 54 -39.43 -9.69 6.25
N ARG C 55 -38.09 -9.82 6.20
CA ARG C 55 -37.36 -10.68 7.13
C ARG C 55 -36.08 -10.04 7.70
N GLN C 56 -35.70 -10.53 8.88
CA GLN C 56 -34.52 -10.02 9.55
C GLN C 56 -33.83 -11.20 10.16
N SER C 57 -32.50 -11.30 10.00
CA SER C 57 -31.70 -12.35 10.65
C SER C 57 -30.33 -11.85 11.02
N ASN C 58 -29.79 -12.42 12.07
CA ASN C 58 -28.44 -12.13 12.50
C ASN C 58 -27.44 -13.16 11.97
N HIS C 59 -27.94 -14.13 11.21
CA HIS C 59 -27.13 -15.23 10.72
C HIS C 59 -26.88 -15.12 9.23
N GLU C 60 -25.60 -15.11 8.86
CA GLU C 60 -25.20 -15.04 7.47
C GLU C 60 -25.80 -16.15 6.60
N GLY C 61 -25.70 -17.38 7.08
CA GLY C 61 -26.11 -18.53 6.34
C GLY C 61 -27.63 -18.53 6.14
N GLU C 62 -28.34 -17.93 7.08
CA GLU C 62 -29.77 -17.90 6.96
C GLU C 62 -30.14 -16.86 5.89
N LEU C 63 -29.37 -15.79 5.81
CA LEU C 63 -29.62 -14.81 4.78
C LEU C 63 -29.38 -15.45 3.46
N VAL C 64 -28.38 -16.29 3.39
CA VAL C 64 -28.10 -16.95 2.12
C VAL C 64 -29.24 -17.85 1.76
N ASP C 65 -29.70 -18.66 2.73
CA ASP C 65 -30.79 -19.55 2.47
C ASP C 65 -31.95 -18.75 1.92
N TRP C 66 -32.24 -17.64 2.51
CA TRP C 66 -33.39 -16.89 2.09
C TRP C 66 -33.19 -16.33 0.72
N ILE C 67 -31.97 -16.05 0.33
CA ILE C 67 -31.75 -15.53 -1.01
C ILE C 67 -32.09 -16.61 -2.00
N HIS C 68 -31.69 -17.84 -1.70
CA HIS C 68 -32.01 -18.95 -2.59
C HIS C 68 -33.53 -19.14 -2.72
N GLU C 69 -34.25 -18.88 -1.65
CA GLU C 69 -35.68 -19.02 -1.73
C GLU C 69 -36.22 -17.91 -2.62
N ALA C 70 -35.65 -16.72 -2.51
CA ALA C 70 -36.15 -15.64 -3.33
C ALA C 70 -35.99 -15.94 -4.82
N ARG C 71 -34.96 -16.69 -5.19
CA ARG C 71 -34.76 -16.97 -6.62
C ARG C 71 -35.92 -17.68 -7.22
N LEU C 72 -36.61 -18.48 -6.41
CA LEU C 72 -37.65 -19.30 -6.97
C LEU C 72 -39.00 -18.67 -6.79
N ASN C 73 -39.17 -17.87 -5.72
CA ASN C 73 -40.50 -17.39 -5.33
C ASN C 73 -40.78 -15.86 -5.27
N HIS C 74 -39.82 -15.01 -5.59
CA HIS C 74 -40.05 -13.60 -5.40
C HIS C 74 -39.71 -12.86 -6.64
N CYS C 75 -40.08 -11.58 -6.67
CA CYS C 75 -39.90 -10.80 -7.87
C CYS C 75 -38.71 -9.83 -7.81
N GLY C 76 -38.09 -9.69 -6.65
CA GLY C 76 -36.93 -8.82 -6.54
C GLY C 76 -36.52 -8.84 -5.07
N ILE C 77 -35.36 -8.25 -4.74
CA ILE C 77 -34.86 -8.23 -3.37
C ILE C 77 -34.40 -6.86 -3.05
N VAL C 78 -34.87 -6.33 -1.93
CA VAL C 78 -34.36 -5.10 -1.38
C VAL C 78 -33.57 -5.65 -0.18
N ILE C 79 -32.27 -5.36 -0.12
CA ILE C 79 -31.48 -5.87 1.01
C ILE C 79 -30.66 -4.83 1.72
N ASN C 80 -30.77 -4.84 3.05
CA ASN C 80 -29.88 -4.09 3.89
C ASN C 80 -29.10 -5.14 4.63
N PRO C 81 -27.92 -5.51 4.14
CA PRO C 81 -27.15 -6.63 4.74
C PRO C 81 -26.47 -6.20 5.98
N ALA C 82 -26.60 -4.95 6.31
CA ALA C 82 -25.94 -4.44 7.50
C ALA C 82 -24.48 -4.82 7.57
N ALA C 83 -24.00 -5.37 8.70
CA ALA C 83 -22.56 -5.63 8.87
C ALA C 83 -21.99 -6.56 7.87
N TYR C 84 -22.81 -7.47 7.36
CA TYR C 84 -22.40 -8.44 6.38
C TYR C 84 -22.16 -7.79 5.06
N SER C 85 -22.66 -6.58 4.87
CA SER C 85 -22.31 -5.84 3.68
C SER C 85 -20.81 -5.75 3.46
N HIS C 86 -20.05 -5.60 4.54
CA HIS C 86 -18.62 -5.41 4.49
C HIS C 86 -17.80 -6.66 4.61
N THR C 87 -18.42 -7.77 4.95
CA THR C 87 -17.62 -8.97 5.10
C THR C 87 -18.07 -10.18 4.32
N SER C 88 -19.30 -10.21 3.81
CA SER C 88 -19.82 -11.50 3.35
C SER C 88 -19.71 -11.71 1.90
N VAL C 89 -18.68 -12.41 1.47
CA VAL C 89 -18.61 -12.84 0.10
C VAL C 89 -19.76 -13.82 -0.14
N ALA C 90 -20.21 -14.46 0.90
CA ALA C 90 -21.22 -15.50 0.71
C ALA C 90 -22.53 -14.98 0.22
N ILE C 91 -22.91 -13.83 0.73
CA ILE C 91 -24.12 -13.21 0.32
C ILE C 91 -23.95 -12.70 -1.08
N LEU C 92 -22.75 -12.24 -1.42
CA LEU C 92 -22.54 -11.77 -2.79
C LEU C 92 -22.77 -12.92 -3.75
N ASP C 93 -22.16 -14.05 -3.48
CA ASP C 93 -22.31 -15.18 -4.41
C ASP C 93 -23.76 -15.68 -4.45
N ALA C 94 -24.47 -15.55 -3.35
CA ALA C 94 -25.81 -16.06 -3.37
C ALA C 94 -26.61 -15.17 -4.30
N LEU C 95 -26.41 -13.88 -4.17
CA LEU C 95 -27.07 -12.97 -5.06
C LEU C 95 -26.63 -13.17 -6.49
N ASN C 96 -25.41 -13.66 -6.72
CA ASN C 96 -24.94 -13.84 -8.08
C ASN C 96 -25.63 -15.00 -8.74
N THR C 97 -26.31 -15.81 -7.97
CA THR C 97 -27.05 -16.88 -8.55
C THR C 97 -28.45 -16.45 -8.98
N CYS C 98 -28.90 -15.31 -8.47
CA CYS C 98 -30.21 -14.79 -8.86
C CYS C 98 -30.13 -14.11 -10.21
N ASP C 99 -29.91 -14.90 -11.24
CA ASP C 99 -29.78 -14.32 -12.57
C ASP C 99 -31.09 -13.68 -13.02
N GLY C 100 -30.99 -12.39 -13.40
CA GLY C 100 -32.15 -11.66 -13.90
C GLY C 100 -33.01 -11.01 -12.81
N LEU C 101 -32.78 -11.38 -11.55
CA LEU C 101 -33.60 -10.85 -10.50
C LEU C 101 -33.09 -9.48 -10.06
N PRO C 102 -33.97 -8.51 -9.96
CA PRO C 102 -33.55 -7.18 -9.56
C PRO C 102 -33.21 -7.16 -8.13
N VAL C 103 -32.09 -6.56 -7.78
CA VAL C 103 -31.63 -6.42 -6.39
C VAL C 103 -31.31 -5.03 -6.07
N VAL C 104 -31.83 -4.46 -5.00
CA VAL C 104 -31.45 -3.11 -4.59
C VAL C 104 -30.91 -3.19 -3.18
N GLU C 105 -29.75 -2.58 -2.98
CA GLU C 105 -29.06 -2.54 -1.71
C GLU C 105 -29.43 -1.25 -1.00
N VAL C 106 -29.78 -1.34 0.29
CA VAL C 106 -30.12 -0.16 1.05
C VAL C 106 -29.37 -0.06 2.31
N HIS C 107 -28.94 1.17 2.66
CA HIS C 107 -28.30 1.40 3.93
C HIS C 107 -28.98 2.62 4.52
N ILE C 108 -29.36 2.56 5.78
CA ILE C 108 -30.01 3.66 6.42
C ILE C 108 -29.07 4.82 6.61
N SER C 109 -27.88 4.55 7.15
CA SER C 109 -26.85 5.58 7.37
C SER C 109 -26.00 5.74 6.13
N ASN C 110 -25.26 6.83 6.10
CA ASN C 110 -24.42 7.10 4.97
C ASN C 110 -23.09 6.46 5.33
N ILE C 111 -22.89 5.26 4.84
CA ILE C 111 -21.68 4.56 5.21
C ILE C 111 -20.39 5.27 4.81
N HIS C 112 -20.49 6.22 3.89
CA HIS C 112 -19.26 6.79 3.32
C HIS C 112 -18.72 7.81 4.24
N GLN C 113 -19.51 8.11 5.24
CA GLN C 113 -19.10 9.06 6.26
C GLN C 113 -18.68 8.41 7.54
N ARG C 114 -18.61 7.09 7.57
CA ARG C 114 -18.29 6.44 8.79
C ARG C 114 -16.88 5.84 8.73
N GLU C 115 -16.61 4.84 9.55
CA GLU C 115 -15.34 4.19 9.57
C GLU C 115 -15.01 3.64 8.20
N PRO C 116 -13.74 3.72 7.85
CA PRO C 116 -13.28 3.25 6.55
C PRO C 116 -13.71 1.81 6.22
N PHE C 117 -13.78 0.92 7.22
CA PHE C 117 -14.14 -0.44 6.86
C PHE C 117 -15.57 -0.52 6.37
N ARG C 118 -16.40 0.49 6.65
CA ARG C 118 -17.73 0.44 6.16
C ARG C 118 -17.84 0.98 4.75
N HIS C 119 -16.77 1.59 4.24
CA HIS C 119 -16.84 2.21 2.93
C HIS C 119 -16.98 1.23 1.83
N HIS C 120 -16.63 -0.02 2.05
CA HIS C 120 -16.78 -0.97 0.99
C HIS C 120 -17.88 -2.00 1.23
N SER C 121 -18.58 -2.36 0.17
CA SER C 121 -19.63 -3.36 0.26
C SER C 121 -19.52 -4.37 -0.83
N TYR C 122 -19.48 -5.63 -0.47
CA TYR C 122 -19.44 -6.68 -1.46
C TYR C 122 -20.72 -6.68 -2.24
N VAL C 123 -21.83 -6.39 -1.58
CA VAL C 123 -23.12 -6.49 -2.29
C VAL C 123 -23.24 -5.48 -3.46
N SER C 124 -22.54 -4.35 -3.32
CA SER C 124 -22.66 -3.33 -4.34
C SER C 124 -22.18 -3.79 -5.73
N GLN C 125 -21.32 -4.77 -5.77
CA GLN C 125 -20.85 -5.27 -7.01
C GLN C 125 -21.93 -5.93 -7.83
N ARG C 126 -22.89 -6.53 -7.15
CA ARG C 126 -23.98 -7.19 -7.84
C ARG C 126 -25.28 -6.38 -7.89
N ALA C 127 -25.53 -5.59 -6.88
CA ALA C 127 -26.79 -4.89 -6.81
C ALA C 127 -27.00 -4.01 -8.01
N ASP C 128 -28.25 -3.96 -8.48
CA ASP C 128 -28.56 -3.06 -9.53
C ASP C 128 -28.40 -1.64 -9.06
N GLY C 129 -28.94 -1.35 -7.88
CA GLY C 129 -28.91 -0.01 -7.35
C GLY C 129 -28.54 -0.04 -5.90
N VAL C 130 -27.97 1.06 -5.43
CA VAL C 130 -27.53 1.16 -4.07
C VAL C 130 -28.03 2.45 -3.52
N VAL C 131 -28.67 2.41 -2.33
CA VAL C 131 -29.16 3.64 -1.72
C VAL C 131 -28.57 3.78 -0.36
N ALA C 132 -27.99 4.90 0.00
CA ALA C 132 -27.39 5.03 1.29
C ALA C 132 -27.64 6.38 1.90
N GLY C 133 -27.94 6.41 3.16
CA GLY C 133 -28.07 7.67 3.87
C GLY C 133 -29.38 8.41 3.69
N CYS C 134 -30.36 7.75 3.09
CA CYS C 134 -31.68 8.34 2.97
C CYS C 134 -32.59 7.83 4.07
N GLY C 135 -32.06 7.42 5.22
CA GLY C 135 -32.90 6.96 6.33
C GLY C 135 -33.76 5.80 5.91
N VAL C 136 -34.82 5.53 6.65
CA VAL C 136 -35.71 4.46 6.29
C VAL C 136 -36.48 4.77 5.03
N GLN C 137 -36.47 6.04 4.59
CA GLN C 137 -37.09 6.30 3.33
C GLN C 137 -36.36 5.51 2.18
N GLY C 138 -35.08 5.15 2.37
CA GLY C 138 -34.38 4.41 1.35
C GLY C 138 -35.02 3.09 1.03
N TYR C 139 -35.62 2.46 2.00
CA TYR C 139 -36.42 1.26 1.73
C TYR C 139 -37.56 1.46 0.76
N VAL C 140 -38.20 2.62 0.81
CA VAL C 140 -39.30 2.92 -0.12
C VAL C 140 -38.73 3.10 -1.52
N PHE C 141 -37.61 3.84 -1.59
CA PHE C 141 -36.92 4.00 -2.86
C PHE C 141 -36.62 2.64 -3.42
N GLY C 142 -36.14 1.72 -2.56
CA GLY C 142 -35.83 0.39 -3.02
C GLY C 142 -37.04 -0.33 -3.59
N VAL C 143 -38.15 -0.25 -2.90
CA VAL C 143 -39.36 -0.94 -3.40
C VAL C 143 -39.79 -0.36 -4.74
N GLU C 144 -39.67 0.91 -4.83
CA GLU C 144 -40.04 1.56 -6.03
C GLU C 144 -39.17 1.25 -7.17
N ARG C 145 -37.89 1.05 -6.94
CA ARG C 145 -37.06 0.74 -8.08
C ARG C 145 -37.37 -0.65 -8.52
N ILE C 146 -37.59 -1.56 -7.58
CA ILE C 146 -37.88 -2.93 -7.97
C ILE C 146 -39.15 -2.93 -8.81
N ALA C 147 -40.10 -2.08 -8.43
CA ALA C 147 -41.36 -2.05 -9.18
C ALA C 147 -41.17 -1.66 -10.58
N ALA C 148 -40.24 -0.75 -10.79
CA ALA C 148 -40.02 -0.27 -12.12
C ALA C 148 -39.23 -1.20 -12.94
N LEU C 149 -38.38 -2.03 -12.31
CA LEU C 149 -37.53 -2.95 -13.04
C LEU C 149 -38.28 -4.22 -13.30
N ALA C 150 -39.09 -4.62 -12.32
CA ALA C 150 -39.84 -5.87 -12.45
C ALA C 150 -40.94 -5.68 -13.50
N GLY C 151 -41.50 -4.47 -13.52
CA GLY C 151 -42.40 -4.05 -14.59
C GLY C 151 -41.86 -4.33 -16.01
N PRO D 2 16.77 -16.32 36.72
CA PRO D 2 15.51 -16.81 37.39
C PRO D 2 15.53 -16.62 38.91
N ARG D 3 15.12 -15.40 39.21
CA ARG D 3 14.87 -14.96 40.53
C ARG D 3 13.36 -15.05 40.77
N SER D 4 12.98 -15.22 42.03
CA SER D 4 11.57 -15.35 42.37
C SER D 4 11.14 -14.01 42.92
N LEU D 5 9.83 -13.87 43.11
CA LEU D 5 9.32 -12.67 43.73
C LEU D 5 9.98 -12.45 45.08
N ALA D 6 10.48 -13.51 45.67
CA ALA D 6 11.04 -13.39 47.02
C ALA D 6 12.50 -12.97 47.04
N ASN D 7 13.19 -13.20 45.93
CA ASN D 7 14.61 -12.91 45.89
C ASN D 7 14.91 -11.58 45.30
N ALA D 8 13.93 -10.98 44.63
CA ALA D 8 14.22 -9.83 43.78
C ALA D 8 12.95 -9.09 43.47
N PRO D 9 13.04 -7.78 43.38
CA PRO D 9 11.84 -6.99 43.07
C PRO D 9 11.38 -7.07 41.63
N ILE D 10 10.13 -6.65 41.44
CA ILE D 10 9.56 -6.46 40.11
C ILE D 10 9.95 -5.06 39.73
N MET D 11 10.55 -4.92 38.55
CA MET D 11 10.83 -3.60 38.01
C MET D 11 9.60 -3.10 37.25
N ILE D 12 9.13 -1.91 37.59
CA ILE D 12 7.99 -1.30 36.90
C ILE D 12 8.54 -0.10 36.17
N LEU D 13 8.56 -0.12 34.85
CA LEU D 13 9.08 0.98 34.08
C LEU D 13 8.07 1.79 33.40
N ASN D 14 8.20 3.08 33.51
CA ASN D 14 7.27 4.01 32.91
C ASN D 14 7.99 4.95 31.96
N GLY D 15 7.45 5.07 30.75
CA GLY D 15 8.08 5.85 29.71
C GLY D 15 7.70 7.31 29.77
N PRO D 16 8.00 8.03 28.72
CA PRO D 16 7.84 9.49 28.68
C PRO D 16 6.49 10.08 28.91
N ASN D 17 6.51 11.29 29.46
CA ASN D 17 5.32 12.02 29.83
C ASN D 17 4.42 11.45 30.98
N LEU D 18 4.72 10.24 31.45
CA LEU D 18 3.88 9.64 32.48
C LEU D 18 4.09 10.34 33.87
N ASN D 19 5.18 11.05 33.98
CA ASN D 19 5.39 11.88 35.15
C ASN D 19 4.23 12.86 35.33
N LEU D 20 3.47 13.16 34.27
CA LEU D 20 2.38 14.06 34.43
C LEU D 20 1.04 13.37 34.58
N LEU D 21 1.08 12.05 34.79
CA LEU D 21 -0.17 11.33 35.00
C LEU D 21 -1.04 11.99 36.02
N GLY D 22 -2.33 12.09 35.71
CA GLY D 22 -3.34 12.60 36.61
C GLY D 22 -3.44 14.12 36.64
N GLN D 23 -2.80 14.78 35.70
CA GLN D 23 -2.84 16.24 35.63
C GLN D 23 -3.26 16.77 34.29
N ARG D 24 -3.55 15.87 33.35
CA ARG D 24 -3.96 16.23 32.00
C ARG D 24 -4.68 15.07 31.34
N GLN D 25 -5.63 15.39 30.45
CA GLN D 25 -6.35 14.37 29.69
C GLN D 25 -6.81 13.25 30.61
N PRO D 26 -7.53 13.60 31.68
CA PRO D 26 -8.03 12.61 32.62
C PRO D 26 -8.97 11.62 31.95
N GLU D 27 -9.83 12.10 31.06
CA GLU D 27 -10.74 11.24 30.32
C GLU D 27 -10.00 10.12 29.58
N ILE D 28 -8.72 10.35 29.33
CA ILE D 28 -7.89 9.37 28.65
C ILE D 28 -7.03 8.59 29.63
N TYR D 29 -6.36 9.30 30.52
CA TYR D 29 -5.44 8.67 31.41
C TYR D 29 -5.92 8.56 32.84
N GLY D 30 -6.99 9.26 33.17
CA GLY D 30 -7.58 9.24 34.51
C GLY D 30 -7.02 10.34 35.40
N SER D 31 -7.41 10.32 36.67
CA SER D 31 -6.98 11.37 37.56
C SER D 31 -6.07 10.90 38.69
N ASP D 32 -5.66 9.64 38.60
CA ASP D 32 -4.70 9.13 39.55
C ASP D 32 -3.33 9.59 39.12
N THR D 33 -2.41 9.80 40.07
CA THR D 33 -1.07 10.19 39.70
C THR D 33 -0.15 8.98 39.63
N LEU D 34 1.08 9.26 39.25
CA LEU D 34 2.03 8.20 39.14
C LEU D 34 2.29 7.66 40.51
N ALA D 35 2.30 8.54 41.51
CA ALA D 35 2.49 8.09 42.88
C ALA D 35 1.38 7.17 43.32
N ASP D 36 0.15 7.44 42.88
CA ASP D 36 -0.97 6.57 43.18
C ASP D 36 -0.73 5.21 42.57
N VAL D 37 -0.14 5.16 41.37
CA VAL D 37 0.05 3.91 40.68
C VAL D 37 1.08 3.12 41.42
N GLU D 38 2.15 3.78 41.82
CA GLU D 38 3.21 3.10 42.55
C GLU D 38 2.66 2.41 43.77
N ALA D 39 1.81 3.12 44.48
CA ALA D 39 1.23 2.56 45.69
C ALA D 39 0.37 1.36 45.36
N LEU D 40 -0.33 1.37 44.22
CA LEU D 40 -1.15 0.20 43.87
C LEU D 40 -0.21 -0.95 43.63
N CYS D 41 0.90 -0.66 42.96
CA CYS D 41 1.79 -1.73 42.63
C CYS D 41 2.42 -2.31 43.88
N VAL D 42 2.76 -1.46 44.83
CA VAL D 42 3.44 -1.91 46.03
C VAL D 42 2.54 -2.91 46.76
N LYS D 43 1.29 -2.54 46.87
CA LYS D 43 0.25 -3.35 47.49
C LYS D 43 -0.03 -4.69 46.79
N ALA D 44 -0.20 -4.66 45.48
CA ALA D 44 -0.42 -5.85 44.73
C ALA D 44 0.77 -6.72 44.93
N ALA D 45 1.97 -6.20 44.85
CA ALA D 45 3.09 -7.12 45.00
C ALA D 45 3.20 -7.72 46.44
N ALA D 46 2.89 -6.90 47.42
CA ALA D 46 3.10 -7.36 48.78
C ALA D 46 2.22 -8.55 49.08
N ALA D 47 1.03 -8.55 48.50
CA ALA D 47 0.13 -9.67 48.67
C ALA D 47 0.74 -10.98 48.20
N HIS D 48 1.74 -10.93 47.32
CA HIS D 48 2.35 -12.18 46.88
C HIS D 48 3.70 -12.37 47.49
N GLY D 49 4.09 -11.46 48.37
CA GLY D 49 5.33 -11.61 49.08
C GLY D 49 6.48 -10.91 48.39
N GLY D 50 6.20 -9.98 47.46
CA GLY D 50 7.27 -9.35 46.71
C GLY D 50 7.31 -7.87 46.88
N THR D 51 8.26 -7.28 46.16
CA THR D 51 8.49 -5.85 46.21
C THR D 51 8.63 -5.34 44.80
N VAL D 52 8.63 -4.02 44.70
CA VAL D 52 8.74 -3.37 43.43
C VAL D 52 9.73 -2.28 43.47
N ASP D 53 10.24 -1.99 42.27
CA ASP D 53 11.21 -0.98 42.01
C ASP D 53 10.55 -0.24 40.88
N PHE D 54 10.04 0.95 41.17
CA PHE D 54 9.18 1.72 40.29
C PHE D 54 9.93 2.91 39.73
N ARG D 55 10.04 3.00 38.40
CA ARG D 55 10.78 4.08 37.76
C ARG D 55 10.06 4.72 36.56
N GLN D 56 10.39 5.97 36.30
CA GLN D 56 9.86 6.71 35.20
C GLN D 56 10.99 7.50 34.54
N SER D 57 11.02 7.49 33.21
CA SER D 57 11.97 8.33 32.47
C SER D 57 11.48 8.82 31.14
N ASN D 58 11.96 9.96 30.71
CA ASN D 58 11.60 10.51 29.41
C ASN D 58 12.63 10.14 28.34
N HIS D 59 13.70 9.48 28.76
CA HIS D 59 14.83 9.12 27.92
C HIS D 59 14.88 7.66 27.49
N GLU D 60 14.81 7.43 26.18
CA GLU D 60 14.89 6.08 25.63
C GLU D 60 16.09 5.30 26.15
N GLY D 61 17.26 5.95 26.17
CA GLY D 61 18.47 5.25 26.49
C GLY D 61 18.53 4.86 27.95
N GLU D 62 17.86 5.66 28.71
CA GLU D 62 17.84 5.39 30.14
C GLU D 62 16.91 4.19 30.41
N LEU D 63 15.83 4.09 29.65
CA LEU D 63 14.99 2.96 29.79
C LEU D 63 15.80 1.74 29.41
N VAL D 64 16.60 1.83 28.36
CA VAL D 64 17.37 0.70 27.93
C VAL D 64 18.35 0.32 29.05
N ASP D 65 19.04 1.31 29.59
CA ASP D 65 19.97 0.98 30.69
C ASP D 65 19.22 0.25 31.85
N TRP D 66 18.05 0.75 32.18
CA TRP D 66 17.34 0.14 33.27
C TRP D 66 16.91 -1.28 32.94
N ILE D 67 16.61 -1.57 31.68
CA ILE D 67 16.26 -2.93 31.30
C ILE D 67 17.47 -3.82 31.49
N HIS D 68 18.66 -3.31 31.15
CA HIS D 68 19.86 -4.08 31.36
C HIS D 68 20.08 -4.42 32.81
N GLU D 69 19.73 -3.49 33.67
CA GLU D 69 19.88 -3.67 35.07
C GLU D 69 18.88 -4.74 35.55
N ALA D 70 17.68 -4.73 34.97
CA ALA D 70 16.70 -5.68 35.40
C ALA D 70 17.14 -7.10 35.09
N ARG D 71 17.85 -7.31 34.02
CA ARG D 71 18.28 -8.64 33.71
C ARG D 71 19.09 -9.28 34.80
N LEU D 72 19.79 -8.49 35.56
CA LEU D 72 20.68 -9.06 36.53
C LEU D 72 20.08 -9.04 37.89
N ASN D 73 19.20 -8.10 38.16
CA ASN D 73 18.71 -7.88 39.52
C ASN D 73 17.21 -7.98 39.81
N HIS D 74 16.36 -8.28 38.82
CA HIS D 74 14.92 -8.25 39.09
C HIS D 74 14.24 -9.52 38.64
N CYS D 75 13.01 -9.75 39.09
CA CYS D 75 12.35 -11.01 38.78
C CYS D 75 11.41 -10.93 37.57
N GLY D 76 11.18 -9.74 37.04
CA GLY D 76 10.28 -9.54 35.89
C GLY D 76 10.15 -8.05 35.59
N ILE D 77 9.46 -7.70 34.52
CA ILE D 77 9.32 -6.28 34.21
C ILE D 77 7.92 -6.02 33.81
N VAL D 78 7.31 -5.02 34.39
CA VAL D 78 6.04 -4.52 33.97
C VAL D 78 6.37 -3.19 33.31
N ILE D 79 6.04 -3.02 32.05
CA ILE D 79 6.45 -1.79 31.39
C ILE D 79 5.33 -1.12 30.64
N ASN D 80 5.28 0.18 30.83
CA ASN D 80 4.43 1.07 30.06
C ASN D 80 5.40 1.97 29.33
N PRO D 81 5.76 1.63 28.10
CA PRO D 81 6.80 2.39 27.39
C PRO D 81 6.29 3.69 26.85
N ALA D 82 5.03 3.94 27.05
CA ALA D 82 4.39 5.09 26.49
C ALA D 82 4.76 5.33 25.03
N ALA D 83 5.12 6.54 24.66
CA ALA D 83 5.29 6.87 23.25
C ALA D 83 6.34 6.01 22.58
N TYR D 84 7.37 5.62 23.31
CA TYR D 84 8.39 4.73 22.82
C TYR D 84 7.84 3.36 22.45
N SER D 85 6.70 2.97 23.00
CA SER D 85 6.02 1.79 22.49
C SER D 85 5.99 1.76 20.94
N HIS D 86 5.68 2.90 20.36
CA HIS D 86 5.43 2.98 18.94
C HIS D 86 6.64 3.27 18.10
N THR D 87 7.76 3.57 18.74
CA THR D 87 8.92 3.95 17.96
C THR D 87 10.21 3.27 18.31
N SER D 88 10.32 2.64 19.47
CA SER D 88 11.64 2.23 19.89
C SER D 88 11.96 0.81 19.62
N VAL D 89 12.71 0.58 18.54
CA VAL D 89 13.27 -0.72 18.34
C VAL D 89 14.35 -0.99 19.40
N ALA D 90 14.92 0.05 19.95
CA ALA D 90 15.97 -0.13 20.94
C ALA D 90 15.49 -0.80 22.22
N ILE D 91 14.27 -0.48 22.66
CA ILE D 91 13.72 -1.06 23.86
C ILE D 91 13.32 -2.51 23.56
N LEU D 92 12.83 -2.75 22.37
CA LEU D 92 12.50 -4.11 22.02
C LEU D 92 13.74 -5.01 22.12
N ASP D 93 14.82 -4.57 21.53
CA ASP D 93 16.04 -5.33 21.54
C ASP D 93 16.59 -5.46 22.96
N ALA D 94 16.36 -4.48 23.82
CA ALA D 94 16.91 -4.61 25.16
C ALA D 94 16.09 -5.69 25.86
N LEU D 95 14.77 -5.66 25.67
CA LEU D 95 13.96 -6.72 26.23
C LEU D 95 14.30 -8.10 25.66
N ASN D 96 14.76 -8.15 24.43
CA ASN D 96 15.08 -9.41 23.81
C ASN D 96 16.31 -9.99 24.47
N THR D 97 17.05 -9.18 25.20
CA THR D 97 18.22 -9.76 25.83
C THR D 97 17.84 -10.39 27.18
N CYS D 98 16.67 -10.07 27.70
CA CYS D 98 16.22 -10.64 28.96
C CYS D 98 15.66 -12.02 28.82
N ASP D 99 16.51 -12.91 28.42
CA ASP D 99 16.07 -14.27 28.17
C ASP D 99 15.47 -14.90 29.40
N GLY D 100 14.21 -15.35 29.26
CA GLY D 100 13.56 -16.07 30.35
C GLY D 100 12.86 -15.20 31.36
N LEU D 101 13.11 -13.90 31.30
CA LEU D 101 12.50 -12.96 32.20
C LEU D 101 11.09 -12.56 31.74
N PRO D 102 10.11 -12.66 32.63
CA PRO D 102 8.74 -12.34 32.28
C PRO D 102 8.60 -10.84 32.09
N VAL D 103 7.97 -10.48 30.97
CA VAL D 103 7.68 -9.10 30.67
C VAL D 103 6.20 -8.90 30.39
N VAL D 104 5.58 -7.94 31.07
CA VAL D 104 4.21 -7.57 30.75
C VAL D 104 4.18 -6.10 30.34
N GLU D 105 3.51 -5.84 29.23
CA GLU D 105 3.33 -4.53 28.67
C GLU D 105 1.98 -3.95 29.09
N VAL D 106 2.00 -2.75 29.61
CA VAL D 106 0.78 -2.15 30.05
C VAL D 106 0.55 -0.79 29.36
N HIS D 107 -0.69 -0.53 28.98
CA HIS D 107 -1.12 0.77 28.48
C HIS D 107 -2.43 1.13 29.22
N ILE D 108 -2.46 2.30 29.78
CA ILE D 108 -3.61 2.79 30.51
C ILE D 108 -4.77 3.03 29.59
N SER D 109 -4.51 3.69 28.48
CA SER D 109 -5.56 3.97 27.50
C SER D 109 -5.64 2.80 26.55
N ASN D 110 -6.75 2.71 25.82
CA ASN D 110 -6.95 1.68 24.84
C ASN D 110 -6.39 2.23 23.54
N ILE D 111 -5.17 1.88 23.25
CA ILE D 111 -4.51 2.41 22.09
C ILE D 111 -5.14 2.03 20.77
N HIS D 112 -5.98 1.01 20.75
CA HIS D 112 -6.56 0.58 19.50
C HIS D 112 -7.70 1.49 19.13
N GLN D 113 -8.08 2.39 20.02
CA GLN D 113 -9.13 3.35 19.70
C GLN D 113 -8.58 4.70 19.42
N ARG D 114 -7.28 4.83 19.33
CA ARG D 114 -6.76 6.16 19.17
C ARG D 114 -6.24 6.26 17.78
N GLU D 115 -5.29 7.17 17.55
CA GLU D 115 -4.66 7.39 16.27
C GLU D 115 -4.00 6.12 15.79
N PRO D 116 -4.05 5.90 14.48
CA PRO D 116 -3.44 4.71 13.86
C PRO D 116 -2.00 4.45 14.20
N PHE D 117 -1.18 5.47 14.43
CA PHE D 117 0.21 5.23 14.72
C PHE D 117 0.37 4.67 16.15
N ARG D 118 -0.65 4.78 16.99
CA ARG D 118 -0.57 4.14 18.29
C ARG D 118 -0.99 2.69 18.30
N HIS D 119 -1.55 2.20 17.21
CA HIS D 119 -2.04 0.85 17.12
C HIS D 119 -0.93 -0.16 17.15
N HIS D 120 0.26 0.20 16.72
CA HIS D 120 1.35 -0.75 16.72
C HIS D 120 2.36 -0.50 17.84
N SER D 121 2.79 -1.61 18.45
CA SER D 121 3.80 -1.54 19.48
C SER D 121 4.95 -2.49 19.26
N TYR D 122 6.18 -2.01 19.23
CA TYR D 122 7.32 -2.90 19.07
C TYR D 122 7.48 -3.85 20.25
N VAL D 123 7.11 -3.39 21.44
CA VAL D 123 7.28 -4.20 22.63
C VAL D 123 6.35 -5.43 22.66
N SER D 124 5.20 -5.31 22.01
CA SER D 124 4.26 -6.39 22.00
C SER D 124 4.80 -7.67 21.38
N GLN D 125 5.77 -7.56 20.50
CA GLN D 125 6.40 -8.72 19.88
C GLN D 125 7.21 -9.59 20.88
N ARG D 126 7.73 -8.97 21.92
CA ARG D 126 8.47 -9.69 22.92
C ARG D 126 7.67 -9.94 24.22
N ALA D 127 6.79 -9.03 24.56
CA ALA D 127 6.09 -9.18 25.80
C ALA D 127 5.29 -10.46 25.94
N ASP D 128 5.33 -11.05 27.12
CA ASP D 128 4.57 -12.23 27.32
C ASP D 128 3.09 -11.90 27.31
N GLY D 129 2.73 -10.81 27.96
CA GLY D 129 1.34 -10.37 28.01
C GLY D 129 1.25 -8.90 27.75
N VAL D 130 0.09 -8.47 27.23
CA VAL D 130 -0.18 -7.07 26.93
C VAL D 130 -1.51 -6.73 27.48
N VAL D 131 -1.59 -5.65 28.22
CA VAL D 131 -2.84 -5.16 28.79
C VAL D 131 -3.03 -3.73 28.38
N ALA D 132 -4.14 -3.45 27.76
CA ALA D 132 -4.47 -2.12 27.33
C ALA D 132 -5.89 -1.67 27.69
N GLY D 133 -6.02 -0.42 28.08
CA GLY D 133 -7.30 0.17 28.34
C GLY D 133 -8.01 -0.22 29.61
N CYS D 134 -7.28 -0.82 30.56
CA CYS D 134 -7.84 -1.16 31.86
C CYS D 134 -7.47 -0.12 32.90
N GLY D 135 -7.24 1.11 32.47
CA GLY D 135 -6.83 2.14 33.41
C GLY D 135 -5.56 1.73 34.17
N VAL D 136 -5.29 2.41 35.28
CA VAL D 136 -4.19 2.06 36.14
C VAL D 136 -4.35 0.69 36.80
N GLN D 137 -5.54 0.15 36.79
CA GLN D 137 -5.74 -1.22 37.26
C GLN D 137 -4.89 -2.18 36.41
N GLY D 138 -4.57 -1.83 35.17
CA GLY D 138 -3.74 -2.72 34.35
C GLY D 138 -2.36 -2.97 34.90
N TYR D 139 -1.82 -1.98 35.58
CA TYR D 139 -0.58 -2.23 36.35
C TYR D 139 -0.71 -3.33 37.40
N VAL D 140 -1.85 -3.45 38.04
CA VAL D 140 -2.07 -4.50 39.04
C VAL D 140 -2.11 -5.84 38.36
N PHE D 141 -2.81 -5.88 37.23
CA PHE D 141 -2.86 -7.08 36.40
C PHE D 141 -1.48 -7.50 36.08
N GLY D 142 -0.67 -6.53 35.68
CA GLY D 142 0.70 -6.82 35.32
C GLY D 142 1.49 -7.46 36.43
N VAL D 143 1.36 -6.90 37.63
CA VAL D 143 2.12 -7.41 38.75
C VAL D 143 1.66 -8.85 39.05
N GLU D 144 0.38 -9.05 38.93
CA GLU D 144 -0.16 -10.35 39.14
C GLU D 144 0.25 -11.39 38.13
N ARG D 145 0.36 -10.98 36.88
CA ARG D 145 0.78 -11.96 35.92
C ARG D 145 2.25 -12.34 36.16
N ILE D 146 3.08 -11.37 36.52
CA ILE D 146 4.49 -11.62 36.80
C ILE D 146 4.60 -12.54 37.98
N ALA D 147 3.78 -12.32 38.99
CA ALA D 147 3.80 -13.20 40.15
C ALA D 147 3.51 -14.63 39.78
N ALA D 148 2.62 -14.84 38.84
CA ALA D 148 2.22 -16.17 38.48
C ALA D 148 3.27 -16.82 37.62
N LEU D 149 3.99 -16.02 36.83
CA LEU D 149 5.00 -16.58 35.92
C LEU D 149 6.30 -16.80 36.61
N ALA D 150 6.61 -15.87 37.50
CA ALA D 150 7.85 -15.95 38.20
C ALA D 150 7.77 -17.10 39.20
N GLY D 151 6.58 -17.30 39.79
CA GLY D 151 6.26 -18.49 40.61
C GLY D 151 6.67 -19.81 39.93
N PRO E 2 -1.81 30.24 31.25
CA PRO E 2 -1.97 31.47 30.41
C PRO E 2 -1.22 32.68 30.97
N ARG E 3 0.03 32.66 30.56
CA ARG E 3 0.94 33.73 30.81
C ARG E 3 0.99 34.57 29.56
N SER E 4 1.32 35.85 29.71
CA SER E 4 1.37 36.76 28.59
C SER E 4 2.82 36.97 28.26
N LEU E 5 3.08 37.55 27.09
CA LEU E 5 4.43 37.87 26.70
C LEU E 5 5.15 38.68 27.80
N ALA E 6 4.36 39.32 28.64
CA ALA E 6 4.96 40.19 29.65
C ALA E 6 5.33 39.47 30.94
N ASN E 7 4.68 38.36 31.19
CA ASN E 7 4.89 37.62 32.43
C ASN E 7 5.92 36.50 32.30
N ALA E 8 6.24 36.13 31.08
CA ALA E 8 6.98 34.92 30.87
C ALA E 8 7.57 34.91 29.48
N PRO E 9 8.75 34.36 29.34
CA PRO E 9 9.39 34.26 28.03
C PRO E 9 8.81 33.24 27.09
N ILE E 10 9.12 33.42 25.83
CA ILE E 10 8.82 32.46 24.79
C ILE E 10 9.94 31.49 24.75
N MET E 11 9.61 30.22 24.79
CA MET E 11 10.65 29.20 24.74
C MET E 11 10.87 28.86 23.26
N ILE E 12 12.13 28.90 22.82
CA ILE E 12 12.42 28.59 21.44
C ILE E 12 13.27 27.34 21.51
N LEU E 13 12.72 26.21 21.05
CA LEU E 13 13.44 24.95 21.10
C LEU E 13 13.98 24.51 19.78
N ASN E 14 15.23 24.02 19.79
CA ASN E 14 15.87 23.56 18.60
C ASN E 14 16.33 22.12 18.82
N GLY E 15 16.03 21.27 17.85
CA GLY E 15 16.37 19.85 17.90
C GLY E 15 17.73 19.56 17.35
N PRO E 16 17.96 18.29 17.14
CA PRO E 16 19.31 17.84 16.82
C PRO E 16 19.99 18.45 15.58
N ASN E 17 21.32 18.46 15.65
CA ASN E 17 22.18 18.96 14.60
C ASN E 17 22.10 20.46 14.30
N LEU E 18 21.17 21.19 14.90
CA LEU E 18 21.01 22.60 14.61
C LEU E 18 22.17 23.40 15.27
N ASN E 19 22.86 22.81 16.23
CA ASN E 19 24.06 23.45 16.75
C ASN E 19 25.04 23.72 15.63
N LEU E 20 24.96 23.02 14.52
CA LEU E 20 25.91 23.27 13.47
C LEU E 20 25.40 24.15 12.36
N LEU E 21 24.26 24.79 12.60
CA LEU E 21 23.68 25.72 11.61
C LEU E 21 24.70 26.75 11.19
N GLY E 22 24.77 26.94 9.88
CA GLY E 22 25.59 27.91 9.21
C GLY E 22 26.99 27.41 8.93
N GLN E 23 27.22 26.12 9.10
CA GLN E 23 28.53 25.57 8.88
C GLN E 23 28.51 24.41 7.93
N ARG E 24 27.33 24.08 7.41
CA ARG E 24 27.20 22.97 6.48
C ARG E 24 25.88 23.08 5.72
N GLN E 25 25.88 22.60 4.47
CA GLN E 25 24.69 22.61 3.63
C GLN E 25 24.02 23.97 3.67
N PRO E 26 24.78 25.03 3.38
CA PRO E 26 24.24 26.39 3.41
C PRO E 26 23.12 26.53 2.41
N GLU E 27 23.27 25.93 1.24
CA GLU E 27 22.22 26.02 0.24
C GLU E 27 20.89 25.53 0.79
N ILE E 28 20.96 24.69 1.81
CA ILE E 28 19.74 24.12 2.41
C ILE E 28 19.34 24.90 3.64
N TYR E 29 20.30 25.10 4.54
CA TYR E 29 20.03 25.74 5.82
C TYR E 29 20.48 27.21 5.93
N GLY E 30 21.29 27.66 4.98
CA GLY E 30 21.77 29.03 4.95
C GLY E 30 23.07 29.16 5.69
N SER E 31 23.56 30.38 5.81
CA SER E 31 24.87 30.61 6.42
C SER E 31 24.81 31.35 7.75
N ASP E 32 23.61 31.57 8.24
CA ASP E 32 23.47 32.16 9.56
C ASP E 32 23.70 31.08 10.59
N THR E 33 24.29 31.43 11.74
CA THR E 33 24.47 30.45 12.78
C THR E 33 23.30 30.46 13.71
N LEU E 34 23.34 29.54 14.66
CA LEU E 34 22.27 29.47 15.64
C LEU E 34 22.26 30.74 16.50
N ALA E 35 23.44 31.25 16.81
CA ALA E 35 23.52 32.50 17.57
C ALA E 35 22.88 33.68 16.85
N ASP E 36 22.98 33.69 15.51
CA ASP E 36 22.33 34.68 14.66
C ASP E 36 20.83 34.54 14.81
N VAL E 37 20.34 33.31 14.91
CA VAL E 37 18.91 33.07 14.99
C VAL E 37 18.45 33.55 16.34
N GLU E 38 19.19 33.20 17.37
CA GLU E 38 18.81 33.64 18.68
C GLU E 38 18.64 35.15 18.69
N ALA E 39 19.59 35.87 18.10
CA ALA E 39 19.56 37.33 18.13
C ALA E 39 18.35 37.78 17.38
N LEU E 40 18.00 37.08 16.31
CA LEU E 40 16.83 37.50 15.56
C LEU E 40 15.60 37.34 16.44
N CYS E 41 15.59 36.26 17.20
CA CYS E 41 14.45 36.01 18.03
C CYS E 41 14.35 37.02 19.17
N VAL E 42 15.47 37.44 19.70
CA VAL E 42 15.47 38.34 20.84
C VAL E 42 14.79 39.66 20.41
N LYS E 43 15.21 40.11 19.26
CA LYS E 43 14.74 41.35 18.68
C LYS E 43 13.29 41.31 18.32
N ALA E 44 12.85 40.25 17.66
CA ALA E 44 11.47 40.11 17.28
C ALA E 44 10.58 40.13 18.51
N ALA E 45 11.02 39.47 19.58
CA ALA E 45 10.20 39.43 20.80
C ALA E 45 10.14 40.79 21.53
N ALA E 46 11.27 41.46 21.53
CA ALA E 46 11.39 42.70 22.26
C ALA E 46 10.43 43.71 21.67
N ALA E 47 10.28 43.67 20.36
CA ALA E 47 9.34 44.57 19.72
C ALA E 47 7.92 44.37 20.21
N HIS E 48 7.61 43.25 20.86
CA HIS E 48 6.29 43.08 21.42
C HIS E 48 6.31 43.18 22.94
N GLY E 49 7.47 43.46 23.50
CA GLY E 49 7.57 43.60 24.93
C GLY E 49 7.86 42.31 25.63
N GLY E 50 8.36 41.30 24.91
CA GLY E 50 8.63 40.01 25.54
C GLY E 50 10.05 39.61 25.44
N THR E 51 10.36 38.42 25.93
CA THR E 51 11.71 37.87 25.96
C THR E 51 11.69 36.42 25.47
N VAL E 52 12.85 35.87 25.28
CA VAL E 52 12.96 34.51 24.86
C VAL E 52 13.94 33.74 25.69
N ASP E 53 13.74 32.44 25.64
CA ASP E 53 14.55 31.46 26.29
C ASP E 53 14.82 30.48 25.12
N PHE E 54 16.06 30.51 24.65
CA PHE E 54 16.49 29.86 23.45
C PHE E 54 17.37 28.67 23.80
N ARG E 55 16.96 27.48 23.36
CA ARG E 55 17.68 26.25 23.68
C ARG E 55 17.81 25.30 22.47
N GLN E 56 18.87 24.50 22.51
CA GLN E 56 19.15 23.48 21.50
C GLN E 56 19.62 22.20 22.19
N SER E 57 19.10 21.06 21.75
CA SER E 57 19.59 19.77 22.26
C SER E 57 19.53 18.75 21.17
N ASN E 58 20.40 17.75 21.29
CA ASN E 58 20.43 16.61 20.38
C ASN E 58 19.67 15.42 20.97
N HIS E 59 19.16 15.56 22.18
CA HIS E 59 18.50 14.48 22.94
C HIS E 59 17.02 14.70 22.99
N GLU E 60 16.28 13.70 22.54
CA GLU E 60 14.85 13.68 22.56
C GLU E 60 14.27 13.87 23.92
N GLY E 61 14.79 13.13 24.87
CA GLY E 61 14.25 13.19 26.20
C GLY E 61 14.46 14.53 26.88
N GLU E 62 15.51 15.18 26.51
CA GLU E 62 15.80 16.49 27.05
C GLU E 62 14.82 17.48 26.47
N LEU E 63 14.48 17.31 25.20
CA LEU E 63 13.49 18.19 24.60
C LEU E 63 12.17 18.02 25.32
N VAL E 64 11.84 16.79 25.66
CA VAL E 64 10.61 16.55 26.38
C VAL E 64 10.61 17.25 27.78
N ASP E 65 11.71 17.11 28.49
CA ASP E 65 11.84 17.75 29.80
C ASP E 65 11.65 19.27 29.64
N TRP E 66 12.27 19.82 28.61
CA TRP E 66 12.12 21.24 28.44
C TRP E 66 10.68 21.65 28.09
N ILE E 67 9.94 20.82 27.36
CA ILE E 67 8.56 21.16 27.09
C ILE E 67 7.74 21.18 28.40
N HIS E 68 8.01 20.25 29.30
CA HIS E 68 7.29 20.16 30.55
C HIS E 68 7.58 21.42 31.36
N GLU E 69 8.78 21.95 31.24
CA GLU E 69 9.13 23.14 31.94
C GLU E 69 8.36 24.28 31.33
N ALA E 70 8.23 24.28 30.02
CA ALA E 70 7.54 25.38 29.39
C ALA E 70 6.10 25.45 29.83
N ARG E 71 5.48 24.30 30.11
CA ARG E 71 4.09 24.35 30.52
C ARG E 71 3.86 25.16 31.76
N LEU E 72 4.87 25.26 32.59
CA LEU E 72 4.67 25.96 33.84
C LEU E 72 5.21 27.36 33.78
N ASN E 73 6.24 27.59 32.96
CA ASN E 73 7.00 28.84 33.04
C ASN E 73 7.05 29.72 31.80
N HIS E 74 6.43 29.34 30.69
CA HIS E 74 6.61 30.12 29.50
C HIS E 74 5.29 30.49 28.88
N CYS E 75 5.28 31.39 27.90
CA CYS E 75 3.99 31.84 27.36
C CYS E 75 3.64 31.17 25.99
N GLY E 76 4.59 30.44 25.41
CA GLY E 76 4.39 29.75 24.17
C GLY E 76 5.64 29.05 23.75
N ILE E 77 5.62 28.25 22.69
CA ILE E 77 6.79 27.53 22.27
C ILE E 77 6.91 27.66 20.77
N VAL E 78 8.09 28.00 20.32
CA VAL E 78 8.43 27.96 18.93
C VAL E 78 9.40 26.78 18.87
N ILE E 79 9.09 25.80 18.08
CA ILE E 79 9.94 24.64 18.02
C ILE E 79 10.32 24.17 16.62
N ASN E 80 11.61 23.97 16.44
CA ASN E 80 12.15 23.35 15.27
C ASN E 80 12.70 22.04 15.82
N PRO E 81 11.92 21.00 15.75
CA PRO E 81 12.32 19.69 16.30
C PRO E 81 13.33 18.95 15.43
N ALA E 82 13.62 19.53 14.27
CA ALA E 82 14.54 18.91 13.37
C ALA E 82 14.21 17.44 13.11
N ALA E 83 15.20 16.57 13.16
CA ALA E 83 14.97 15.17 12.79
C ALA E 83 13.86 14.51 13.59
N TYR E 84 13.73 14.85 14.88
CA TYR E 84 12.72 14.28 15.71
C TYR E 84 11.34 14.63 15.24
N SER E 85 11.21 15.68 14.41
CA SER E 85 9.97 16.01 13.75
C SER E 85 9.37 14.79 13.11
N HIS E 86 10.21 13.98 12.52
CA HIS E 86 9.74 12.87 11.74
C HIS E 86 9.63 11.59 12.49
N THR E 87 10.18 11.51 13.67
CA THR E 87 10.19 10.27 14.39
C THR E 87 9.67 10.32 15.83
N SER E 88 9.54 11.48 16.44
CA SER E 88 9.22 11.51 17.87
C SER E 88 7.79 11.64 18.25
N VAL E 89 7.14 10.53 18.53
CA VAL E 89 5.82 10.59 19.11
C VAL E 89 5.94 11.14 20.51
N ALA E 90 7.11 11.01 21.13
CA ALA E 90 7.26 11.49 22.49
C ALA E 90 7.11 13.01 22.57
N ILE E 91 7.71 13.75 21.62
CA ILE E 91 7.63 15.20 21.67
C ILE E 91 6.19 15.61 21.39
N LEU E 92 5.47 14.88 20.51
CA LEU E 92 4.08 15.17 20.23
C LEU E 92 3.25 15.05 21.52
N ASP E 93 3.42 13.96 22.25
CA ASP E 93 2.68 13.76 23.48
C ASP E 93 3.05 14.78 24.55
N ALA E 94 4.28 15.20 24.58
CA ALA E 94 4.65 16.23 25.54
C ALA E 94 3.94 17.55 25.17
N LEU E 95 3.92 17.91 23.92
CA LEU E 95 3.25 19.10 23.54
C LEU E 95 1.77 18.99 23.80
N ASN E 96 1.23 17.77 23.76
CA ASN E 96 -0.20 17.59 23.94
C ASN E 96 -0.54 17.90 25.37
N THR E 97 0.44 17.90 26.26
CA THR E 97 0.13 18.15 27.63
C THR E 97 0.08 19.64 27.86
N CYS E 98 0.58 20.42 26.90
CA CYS E 98 0.54 21.88 27.03
C CYS E 98 -0.77 22.45 26.64
N ASP E 99 -1.78 22.09 27.41
CA ASP E 99 -3.15 22.55 27.12
C ASP E 99 -3.27 24.11 27.11
N GLY E 100 -3.66 24.64 25.96
CA GLY E 100 -3.88 26.07 25.87
C GLY E 100 -2.63 26.86 25.49
N LEU E 101 -1.47 26.22 25.53
CA LEU E 101 -0.24 26.91 25.19
C LEU E 101 0.00 26.98 23.68
N PRO E 102 0.32 28.14 23.19
CA PRO E 102 0.51 28.29 21.76
C PRO E 102 1.81 27.66 21.32
N VAL E 103 1.71 26.83 20.30
CA VAL E 103 2.88 26.21 19.72
C VAL E 103 3.01 26.46 18.22
N VAL E 104 4.16 26.92 17.77
CA VAL E 104 4.38 27.08 16.36
C VAL E 104 5.62 26.27 15.97
N GLU E 105 5.45 25.47 14.91
CA GLU E 105 6.50 24.61 14.39
C GLU E 105 7.22 25.33 13.28
N VAL E 106 8.54 25.34 13.35
CA VAL E 106 9.30 25.95 12.30
C VAL E 106 10.34 24.99 11.67
N HIS E 107 10.45 25.06 10.37
CA HIS E 107 11.50 24.38 9.63
C HIS E 107 12.15 25.41 8.68
N ILE E 108 13.45 25.41 8.67
CA ILE E 108 14.22 26.34 7.89
C ILE E 108 14.10 25.96 6.47
N SER E 109 14.27 24.65 6.17
CA SER E 109 14.17 24.15 4.81
C SER E 109 12.74 23.81 4.51
N ASN E 110 12.45 23.67 3.22
CA ASN E 110 11.11 23.31 2.80
C ASN E 110 11.14 21.78 2.72
N ILE E 111 10.70 21.18 3.81
CA ILE E 111 10.72 19.73 3.91
C ILE E 111 9.95 19.02 2.83
N HIS E 112 9.03 19.69 2.18
CA HIS E 112 8.12 19.04 1.22
C HIS E 112 8.82 18.83 -0.09
N GLN E 113 9.99 19.39 -0.21
CA GLN E 113 10.79 19.22 -1.40
C GLN E 113 11.92 18.27 -1.17
N ARG E 114 12.00 17.66 0.00
CA ARG E 114 13.12 16.81 0.27
C ARG E 114 12.67 15.35 0.26
N GLU E 115 13.44 14.49 0.87
CA GLU E 115 13.11 13.09 0.89
C GLU E 115 11.72 12.86 1.51
N PRO E 116 11.03 11.85 0.99
CA PRO E 116 9.70 11.51 1.44
C PRO E 116 9.57 11.31 2.90
N PHE E 117 10.57 10.76 3.61
CA PHE E 117 10.43 10.59 5.01
C PHE E 117 10.44 11.94 5.75
N ARG E 118 10.86 13.03 5.13
CA ARG E 118 10.74 14.33 5.81
C ARG E 118 9.38 15.00 5.58
N HIS E 119 8.53 14.41 4.74
CA HIS E 119 7.25 15.02 4.43
C HIS E 119 6.30 15.02 5.58
N HIS E 120 6.45 14.06 6.48
CA HIS E 120 5.59 13.95 7.61
C HIS E 120 6.20 14.45 8.92
N SER E 121 5.39 15.17 9.70
CA SER E 121 5.80 15.64 10.99
C SER E 121 4.77 15.35 12.05
N TYR E 122 5.19 14.66 13.11
CA TYR E 122 4.28 14.32 14.22
C TYR E 122 3.88 15.54 14.90
N VAL E 123 4.75 16.54 14.97
CA VAL E 123 4.45 17.79 15.67
C VAL E 123 3.35 18.58 15.04
N SER E 124 3.23 18.49 13.73
CA SER E 124 2.25 19.27 13.01
C SER E 124 0.80 18.98 13.41
N GLN E 125 0.56 17.80 13.95
CA GLN E 125 -0.77 17.44 14.43
C GLN E 125 -1.23 18.24 15.64
N ARG E 126 -0.27 18.71 16.43
CA ARG E 126 -0.59 19.55 17.59
C ARG E 126 -0.30 21.07 17.38
N ALA E 127 0.70 21.38 16.60
CA ALA E 127 1.08 22.76 16.47
C ALA E 127 -0.04 23.66 15.94
N ASP E 128 -0.16 24.82 16.50
CA ASP E 128 -1.16 25.71 16.01
C ASP E 128 -0.81 26.15 14.57
N GLY E 129 0.46 26.47 14.35
CA GLY E 129 0.89 26.90 13.06
C GLY E 129 2.15 26.21 12.70
N VAL E 130 2.41 26.11 11.40
CA VAL E 130 3.56 25.44 10.87
C VAL E 130 4.15 26.32 9.79
N VAL E 131 5.44 26.62 9.92
CA VAL E 131 6.16 27.44 8.94
C VAL E 131 7.30 26.61 8.42
N ALA E 132 7.36 26.44 7.09
CA ALA E 132 8.46 25.70 6.45
C ALA E 132 9.06 26.41 5.25
N GLY E 133 10.37 26.38 5.17
CA GLY E 133 11.09 26.93 4.03
C GLY E 133 11.24 28.41 3.95
N CYS E 134 10.94 29.12 5.01
CA CYS E 134 11.18 30.56 4.99
C CYS E 134 12.47 30.93 5.58
N GLY E 135 13.43 30.02 5.57
CA GLY E 135 14.73 30.28 6.14
C GLY E 135 14.62 30.62 7.62
N VAL E 136 15.66 31.22 8.17
CA VAL E 136 15.66 31.59 9.53
C VAL E 136 14.63 32.64 9.83
N GLN E 137 14.12 33.31 8.81
CA GLN E 137 13.06 34.31 9.01
C GLN E 137 11.84 33.59 9.57
N GLY E 138 11.66 32.30 9.26
CA GLY E 138 10.55 31.59 9.86
C GLY E 138 10.50 31.65 11.37
N TYR E 139 11.64 31.72 12.04
CA TYR E 139 11.69 31.91 13.47
C TYR E 139 11.00 33.21 13.94
N VAL E 140 11.15 34.26 13.16
CA VAL E 140 10.55 35.53 13.45
C VAL E 140 9.04 35.43 13.30
N PHE E 141 8.64 34.76 12.23
CA PHE E 141 7.22 34.51 12.02
C PHE E 141 6.68 33.79 13.19
N GLY E 142 7.43 32.79 13.68
CA GLY E 142 7.00 32.06 14.84
C GLY E 142 6.80 32.96 16.08
N VAL E 143 7.78 33.81 16.35
CA VAL E 143 7.64 34.68 17.52
C VAL E 143 6.41 35.59 17.37
N GLU E 144 6.27 36.10 16.19
CA GLU E 144 5.17 36.96 15.95
C GLU E 144 3.83 36.32 16.09
N ARG E 145 3.69 35.07 15.64
CA ARG E 145 2.41 34.41 15.81
C ARG E 145 2.16 34.13 17.29
N ILE E 146 3.20 33.78 18.05
CA ILE E 146 3.01 33.53 19.46
C ILE E 146 2.53 34.83 20.12
N ALA E 147 3.16 35.94 19.75
CA ALA E 147 2.76 37.23 20.31
C ALA E 147 1.31 37.52 20.06
N ALA E 148 0.82 37.15 18.91
CA ALA E 148 -0.55 37.47 18.60
C ALA E 148 -1.52 36.55 19.31
N LEU E 149 -1.11 35.32 19.56
CA LEU E 149 -1.99 34.35 20.19
C LEU E 149 -1.99 34.48 21.69
N ALA E 150 -0.82 34.81 22.22
CA ALA E 150 -0.67 34.97 23.64
C ALA E 150 -1.38 36.25 24.07
N GLY E 151 -1.30 37.26 23.21
CA GLY E 151 -2.07 38.49 23.37
C GLY E 151 -3.58 38.25 23.61
N PRO F 2 39.81 16.51 6.12
CA PRO F 2 40.63 15.42 5.49
C PRO F 2 41.94 15.20 6.23
N ARG F 3 41.73 14.34 7.22
CA ARG F 3 42.78 13.78 8.01
C ARG F 3 43.09 12.40 7.47
N SER F 4 44.30 11.93 7.68
CA SER F 4 44.70 10.65 7.16
C SER F 4 44.72 9.70 8.34
N LEU F 5 44.82 8.41 8.05
CA LEU F 5 44.94 7.42 9.11
C LEU F 5 46.08 7.76 10.04
N ALA F 6 47.03 8.55 9.57
CA ALA F 6 48.20 8.87 10.38
C ALA F 6 48.03 10.08 11.26
N ASN F 7 47.09 10.94 10.91
CA ASN F 7 46.88 12.16 11.66
C ASN F 7 45.80 12.08 12.68
N ALA F 8 44.97 11.05 12.58
CA ALA F 8 43.75 11.01 13.35
C ALA F 8 43.21 9.60 13.40
N PRO F 9 42.64 9.21 14.52
CA PRO F 9 42.06 7.89 14.61
C PRO F 9 40.77 7.72 13.83
N ILE F 10 40.45 6.44 13.66
CA ILE F 10 39.16 6.02 13.13
C ILE F 10 38.25 5.89 14.30
N MET F 11 37.09 6.54 14.22
CA MET F 11 36.11 6.43 15.24
C MET F 11 35.24 5.21 14.93
N ILE F 12 35.08 4.31 15.89
CA ILE F 12 34.23 3.13 15.71
C ILE F 12 33.07 3.29 16.69
N LEU F 13 31.86 3.56 16.19
CA LEU F 13 30.71 3.73 17.04
C LEU F 13 29.78 2.54 17.11
N ASN F 14 29.30 2.23 18.28
CA ASN F 14 28.41 1.12 18.48
C ASN F 14 27.17 1.61 19.15
N GLY F 15 26.01 1.21 18.63
CA GLY F 15 24.77 1.65 19.22
C GLY F 15 24.25 0.76 20.32
N PRO F 16 22.97 0.89 20.62
CA PRO F 16 22.39 0.25 21.78
C PRO F 16 22.43 -1.25 21.84
N ASN F 17 22.49 -1.71 23.08
CA ASN F 17 22.56 -3.10 23.41
C ASN F 17 23.83 -3.87 23.03
N LEU F 18 24.76 -3.22 22.34
CA LEU F 18 25.94 -3.89 21.89
C LEU F 18 26.91 -4.08 23.05
N ASN F 19 26.72 -3.34 24.13
CA ASN F 19 27.46 -3.60 25.31
C ASN F 19 27.26 -5.02 25.82
N LEU F 20 26.21 -5.73 25.36
CA LEU F 20 26.01 -7.10 25.79
C LEU F 20 26.46 -8.11 24.81
N LEU F 21 27.17 -7.69 23.77
CA LEU F 21 27.62 -8.63 22.76
C LEU F 21 28.35 -9.79 23.40
N GLY F 22 28.04 -10.96 22.91
CA GLY F 22 28.69 -12.19 23.30
C GLY F 22 28.09 -12.82 24.54
N GLN F 23 26.95 -12.30 24.97
CA GLN F 23 26.34 -12.83 26.18
C GLN F 23 24.91 -13.25 25.97
N ARG F 24 24.41 -13.10 24.74
CA ARG F 24 23.03 -13.43 24.42
C ARG F 24 22.88 -13.61 22.91
N GLN F 25 21.95 -14.47 22.51
CA GLN F 25 21.70 -14.69 21.09
C GLN F 25 23.02 -14.86 20.31
N PRO F 26 23.86 -15.80 20.74
CA PRO F 26 25.13 -16.03 20.07
C PRO F 26 24.93 -16.48 18.65
N GLU F 27 23.93 -17.34 18.43
CA GLU F 27 23.63 -17.80 17.07
C GLU F 27 23.38 -16.63 16.11
N ILE F 28 23.01 -15.48 16.68
CA ILE F 28 22.74 -14.30 15.88
C ILE F 28 23.90 -13.35 15.88
N TYR F 29 24.44 -13.08 17.07
CA TYR F 29 25.50 -12.11 17.20
C TYR F 29 26.88 -12.69 17.48
N GLY F 30 26.93 -13.99 17.78
CA GLY F 30 28.18 -14.69 18.03
C GLY F 30 28.54 -14.64 19.50
N SER F 31 29.70 -15.19 19.83
CA SER F 31 30.13 -15.26 21.22
C SER F 31 31.31 -14.36 21.54
N ASP F 32 31.75 -13.54 20.60
CA ASP F 32 32.79 -12.60 20.90
C ASP F 32 32.16 -11.42 21.60
N THR F 33 32.94 -10.76 22.46
CA THR F 33 32.45 -9.61 23.18
C THR F 33 32.87 -8.34 22.49
N LEU F 34 32.39 -7.24 23.03
CA LEU F 34 32.67 -5.95 22.45
C LEU F 34 34.14 -5.66 22.60
N ALA F 35 34.72 -6.11 23.70
CA ALA F 35 36.16 -5.96 23.90
C ALA F 35 36.94 -6.76 22.87
N ASP F 36 36.42 -7.94 22.51
CA ASP F 36 37.03 -8.72 21.46
C ASP F 36 36.98 -7.97 20.15
N VAL F 37 35.90 -7.25 19.91
CA VAL F 37 35.76 -6.52 18.67
C VAL F 37 36.76 -5.38 18.65
N GLU F 38 36.87 -4.69 19.76
CA GLU F 38 37.79 -3.55 19.81
C GLU F 38 39.18 -4.01 19.47
N ALA F 39 39.58 -5.13 20.04
CA ALA F 39 40.91 -5.64 19.82
C ALA F 39 41.11 -5.97 18.36
N LEU F 40 40.08 -6.50 17.69
CA LEU F 40 40.22 -6.79 16.27
C LEU F 40 40.40 -5.50 15.52
N CYS F 41 39.66 -4.48 15.93
CA CYS F 41 39.76 -3.21 15.24
C CYS F 41 41.11 -2.56 15.45
N VAL F 42 41.66 -2.70 16.65
CA VAL F 42 42.93 -2.04 16.95
C VAL F 42 44.01 -2.62 16.07
N LYS F 43 44.00 -3.94 15.95
CA LYS F 43 44.93 -4.67 15.11
C LYS F 43 44.81 -4.39 13.58
N ALA F 44 43.59 -4.40 13.09
CA ALA F 44 43.34 -4.08 11.72
C ALA F 44 43.87 -2.69 11.46
N ALA F 45 43.65 -1.75 12.34
CA ALA F 45 44.11 -0.41 12.00
C ALA F 45 45.65 -0.27 12.06
N ALA F 46 46.23 -1.01 12.97
CA ALA F 46 47.64 -0.82 13.22
C ALA F 46 48.40 -1.28 12.04
N ALA F 47 47.85 -2.28 11.34
CA ALA F 47 48.50 -2.76 10.15
C ALA F 47 48.59 -1.69 9.10
N HIS F 48 47.75 -0.65 9.16
CA HIS F 48 47.81 0.42 8.17
C HIS F 48 48.42 1.65 8.78
N GLY F 49 48.87 1.55 10.01
CA GLY F 49 49.54 2.67 10.63
C GLY F 49 48.59 3.61 11.37
N GLY F 50 47.37 3.16 11.67
CA GLY F 50 46.42 4.03 12.29
C GLY F 50 46.03 3.56 13.65
N THR F 51 45.10 4.29 14.24
CA THR F 51 44.52 3.96 15.54
C THR F 51 43.02 4.08 15.50
N VAL F 52 42.38 3.64 16.57
CA VAL F 52 40.98 3.70 16.68
C VAL F 52 40.55 4.25 17.98
N ASP F 53 39.33 4.77 17.94
CA ASP F 53 38.67 5.38 19.09
C ASP F 53 37.33 4.64 19.06
N PHE F 54 37.15 3.71 19.99
CA PHE F 54 36.08 2.75 19.99
C PHE F 54 35.12 3.14 21.07
N ARG F 55 33.87 3.38 20.73
CA ARG F 55 32.83 3.77 21.68
C ARG F 55 31.48 3.05 21.49
N GLN F 56 30.76 2.93 22.60
CA GLN F 56 29.43 2.34 22.66
C GLN F 56 28.52 3.24 23.50
N SER F 57 27.28 3.39 23.07
CA SER F 57 26.27 4.09 23.83
C SER F 57 24.88 3.54 23.52
N ASN F 58 23.99 3.70 24.47
CA ASN F 58 22.59 3.34 24.32
C ASN F 58 21.74 4.56 24.00
N HIS F 59 22.38 5.71 23.92
CA HIS F 59 21.70 7.00 23.74
C HIS F 59 21.90 7.59 22.39
N GLU F 60 20.80 7.83 21.69
CA GLU F 60 20.80 8.40 20.38
C GLU F 60 21.55 9.72 20.33
N GLY F 61 21.22 10.60 21.25
CA GLY F 61 21.77 11.92 21.22
C GLY F 61 23.25 11.90 21.47
N GLU F 62 23.71 10.96 22.26
CA GLU F 62 25.10 10.87 22.57
C GLU F 62 25.84 10.36 21.32
N LEU F 63 25.19 9.50 20.51
CA LEU F 63 25.81 9.10 19.26
C LEU F 63 25.94 10.30 18.39
N VAL F 64 24.90 11.13 18.38
CA VAL F 64 24.95 12.30 17.56
C VAL F 64 26.11 13.23 17.96
N ASP F 65 26.27 13.46 19.26
CA ASP F 65 27.37 14.28 19.74
C ASP F 65 28.69 13.71 19.28
N TRP F 66 28.85 12.38 19.34
CA TRP F 66 30.11 11.80 19.00
C TRP F 66 30.38 11.94 17.52
N ILE F 67 29.35 11.94 16.69
CA ILE F 67 29.57 12.09 15.29
C ILE F 67 30.07 13.50 15.03
N HIS F 68 29.51 14.46 15.76
CA HIS F 68 29.95 15.84 15.58
C HIS F 68 31.43 15.95 15.91
N GLU F 69 31.85 15.23 16.93
CA GLU F 69 33.20 15.28 17.36
C GLU F 69 34.06 14.70 16.26
N ALA F 70 33.57 13.65 15.62
CA ALA F 70 34.36 12.98 14.62
C ALA F 70 34.63 13.85 13.47
N ARG F 71 33.74 14.76 13.16
CA ARG F 71 33.96 15.62 12.02
C ARG F 71 35.21 16.44 12.16
N LEU F 72 35.57 16.76 13.38
CA LEU F 72 36.67 17.67 13.59
C LEU F 72 37.94 16.88 13.87
N ASN F 73 37.82 15.71 14.49
CA ASN F 73 38.99 15.03 15.03
C ASN F 73 39.33 13.62 14.51
N HIS F 74 38.57 13.06 13.58
CA HIS F 74 38.84 11.68 13.18
C HIS F 74 38.92 11.56 11.70
N CYS F 75 39.41 10.46 11.19
CA CYS F 75 39.64 10.33 9.75
C CYS F 75 38.52 9.54 9.03
N GLY F 76 37.59 8.95 9.78
CA GLY F 76 36.50 8.21 9.20
C GLY F 76 35.64 7.59 10.31
N ILE F 77 34.53 6.97 9.96
CA ILE F 77 33.65 6.40 10.96
C ILE F 77 33.21 5.01 10.51
N VAL F 78 33.38 4.04 11.37
CA VAL F 78 32.84 2.76 11.14
C VAL F 78 31.67 2.79 12.16
N ILE F 79 30.45 2.56 11.72
CA ILE F 79 29.35 2.58 12.63
C ILE F 79 28.43 1.41 12.47
N ASN F 80 28.11 0.83 13.60
CA ASN F 80 27.04 -0.14 13.84
C ASN F 80 26.02 0.54 14.72
N PRO F 81 25.03 1.21 14.16
CA PRO F 81 24.02 1.95 14.89
C PRO F 81 23.01 1.07 15.56
N ALA F 82 23.12 -0.23 15.39
CA ALA F 82 22.19 -1.17 15.97
C ALA F 82 20.76 -0.75 15.78
N ALA F 83 19.96 -0.70 16.83
CA ALA F 83 18.52 -0.43 16.63
C ALA F 83 18.21 0.89 15.97
N TYR F 84 19.02 1.88 16.29
CA TYR F 84 18.85 3.20 15.72
C TYR F 84 19.00 3.23 14.22
N SER F 85 19.67 2.22 13.64
CA SER F 85 19.75 2.04 12.18
C SER F 85 18.38 2.20 11.61
N HIS F 86 17.38 1.60 12.26
CA HIS F 86 16.04 1.55 11.75
C HIS F 86 15.13 2.69 12.07
N THR F 87 15.56 3.51 13.02
CA THR F 87 14.68 4.57 13.47
C THR F 87 15.25 5.99 13.51
N SER F 88 16.56 6.16 13.44
CA SER F 88 17.11 7.48 13.71
C SER F 88 17.41 8.34 12.45
N VAL F 89 16.51 9.23 12.11
CA VAL F 89 16.86 10.21 11.17
C VAL F 89 17.93 11.14 11.71
N ALA F 90 18.03 11.24 13.00
CA ALA F 90 18.94 12.15 13.62
C ALA F 90 20.36 11.75 13.43
N ILE F 91 20.64 10.44 13.41
CA ILE F 91 22.00 10.00 13.16
C ILE F 91 22.28 10.22 11.72
N LEU F 92 21.29 9.99 10.86
CA LEU F 92 21.53 10.22 9.46
C LEU F 92 21.93 11.64 9.23
N ASP F 93 21.14 12.58 9.73
CA ASP F 93 21.49 13.97 9.52
C ASP F 93 22.86 14.35 10.15
N ALA F 94 23.23 13.73 11.24
CA ALA F 94 24.53 14.05 11.80
C ALA F 94 25.64 13.58 10.85
N LEU F 95 25.50 12.40 10.32
CA LEU F 95 26.45 11.91 9.34
C LEU F 95 26.46 12.78 8.13
N ASN F 96 25.32 13.38 7.76
CA ASN F 96 25.25 14.20 6.59
C ASN F 96 26.05 15.47 6.78
N THR F 97 26.38 15.82 8.00
CA THR F 97 27.19 17.00 8.17
C THR F 97 28.67 16.70 7.99
N CYS F 98 29.04 15.41 7.99
CA CYS F 98 30.43 15.00 7.85
C CYS F 98 30.83 14.95 6.41
N ASP F 99 30.80 16.13 5.80
CA ASP F 99 31.11 16.23 4.38
C ASP F 99 32.55 15.77 4.07
N GLY F 100 32.65 14.78 3.20
CA GLY F 100 33.95 14.28 2.77
C GLY F 100 34.51 13.16 3.65
N LEU F 101 33.89 12.96 4.80
CA LEU F 101 34.35 11.95 5.71
C LEU F 101 33.84 10.57 5.28
N PRO F 102 34.72 9.61 5.20
CA PRO F 102 34.31 8.26 4.88
C PRO F 102 33.53 7.67 6.05
N VAL F 103 32.40 7.06 5.70
CA VAL F 103 31.60 6.33 6.64
C VAL F 103 31.30 4.92 6.15
N VAL F 104 31.56 3.90 6.96
CA VAL F 104 31.12 2.55 6.63
C VAL F 104 30.16 2.08 7.74
N GLU F 105 29.01 1.54 7.33
CA GLU F 105 28.01 1.01 8.23
C GLU F 105 28.24 -0.50 8.37
N VAL F 106 28.24 -1.00 9.58
CA VAL F 106 28.41 -2.42 9.79
C VAL F 106 27.26 -3.00 10.61
N HIS F 107 26.82 -4.19 10.19
CA HIS F 107 25.88 -5.01 10.96
C HIS F 107 26.46 -6.43 11.10
N ILE F 108 26.46 -6.93 12.30
CA ILE F 108 26.96 -8.27 12.58
C ILE F 108 26.07 -9.33 11.99
N SER F 109 24.77 -9.21 12.24
CA SER F 109 23.78 -10.13 11.69
C SER F 109 23.41 -9.71 10.29
N ASN F 110 22.80 -10.61 9.56
CA ASN F 110 22.32 -10.29 8.24
C ASN F 110 20.91 -9.77 8.44
N ILE F 111 20.75 -8.46 8.51
CA ILE F 111 19.43 -7.87 8.73
C ILE F 111 18.37 -8.20 7.69
N HIS F 112 18.79 -8.61 6.50
CA HIS F 112 17.82 -8.85 5.43
C HIS F 112 17.13 -10.17 5.65
N GLN F 113 17.65 -10.96 6.57
CA GLN F 113 17.01 -12.18 6.88
C GLN F 113 16.21 -12.13 8.14
N ARG F 114 16.00 -10.94 8.70
CA ARG F 114 15.29 -10.88 9.97
C ARG F 114 13.95 -10.21 9.79
N GLU F 115 13.38 -9.68 10.84
CA GLU F 115 12.11 -9.01 10.74
C GLU F 115 12.12 -7.89 9.70
N PRO F 116 11.02 -7.70 9.03
CA PRO F 116 10.91 -6.65 8.02
C PRO F 116 11.32 -5.26 8.50
N PHE F 117 11.11 -4.92 9.75
CA PHE F 117 11.43 -3.57 10.17
C PHE F 117 12.96 -3.38 10.23
N ARG F 118 13.69 -4.48 10.23
CA ARG F 118 15.16 -4.39 10.20
C ARG F 118 15.73 -4.30 8.78
N HIS F 119 14.90 -4.48 7.78
CA HIS F 119 15.37 -4.41 6.42
C HIS F 119 15.79 -3.02 5.96
N HIS F 120 15.27 -2.02 6.61
CA HIS F 120 15.63 -0.68 6.20
C HIS F 120 16.53 0.02 7.19
N SER F 121 17.51 0.71 6.64
CA SER F 121 18.41 1.52 7.46
C SER F 121 18.57 2.94 6.93
N TYR F 122 18.35 3.94 7.80
CA TYR F 122 18.47 5.35 7.42
C TYR F 122 19.93 5.69 7.16
N VAL F 123 20.84 4.99 7.82
CA VAL F 123 22.24 5.28 7.67
C VAL F 123 22.79 4.90 6.31
N SER F 124 22.20 3.85 5.75
CA SER F 124 22.62 3.33 4.45
C SER F 124 22.51 4.37 3.29
N GLN F 125 21.64 5.33 3.46
CA GLN F 125 21.53 6.38 2.49
C GLN F 125 22.78 7.31 2.44
N ARG F 126 23.46 7.42 3.55
CA ARG F 126 24.65 8.25 3.56
C ARG F 126 25.93 7.45 3.54
N ALA F 127 25.92 6.24 4.10
CA ALA F 127 27.16 5.49 4.21
C ALA F 127 27.81 5.19 2.89
N ASP F 128 29.11 5.29 2.84
CA ASP F 128 29.77 4.95 1.59
C ASP F 128 29.62 3.46 1.32
N GLY F 129 29.80 2.67 2.37
CA GLY F 129 29.73 1.23 2.27
C GLY F 129 28.92 0.65 3.40
N VAL F 130 28.32 -0.51 3.12
CA VAL F 130 27.49 -1.22 4.06
C VAL F 130 27.90 -2.67 4.06
N VAL F 131 28.16 -3.18 5.27
CA VAL F 131 28.56 -4.57 5.44
C VAL F 131 27.61 -5.18 6.41
N ALA F 132 27.00 -6.28 6.02
CA ALA F 132 26.05 -6.94 6.86
C ALA F 132 26.24 -8.46 6.86
N GLY F 133 26.11 -9.07 8.03
CA GLY F 133 26.13 -10.51 8.13
C GLY F 133 27.49 -11.19 7.97
N CYS F 134 28.55 -10.42 8.11
CA CYS F 134 29.86 -10.95 8.13
C CYS F 134 30.36 -11.07 9.57
N GLY F 135 29.48 -11.22 10.52
CA GLY F 135 29.92 -11.35 11.89
C GLY F 135 30.80 -10.18 12.31
N VAL F 136 31.58 -10.35 13.37
CA VAL F 136 32.45 -9.28 13.82
C VAL F 136 33.56 -8.99 12.84
N GLN F 137 33.81 -9.90 11.92
CA GLN F 137 34.82 -9.69 10.90
C GLN F 137 34.41 -8.50 10.07
N GLY F 138 33.11 -8.20 10.02
CA GLY F 138 32.66 -7.01 9.30
C GLY F 138 33.32 -5.73 9.77
N TYR F 139 33.57 -5.62 11.05
CA TYR F 139 34.30 -4.45 11.58
C TYR F 139 35.70 -4.31 10.96
N VAL F 140 36.35 -5.42 10.69
CA VAL F 140 37.65 -5.38 10.08
C VAL F 140 37.53 -4.87 8.70
N PHE F 141 36.55 -5.37 7.98
CA PHE F 141 36.28 -4.90 6.60
C PHE F 141 36.05 -3.42 6.66
N GLY F 142 35.26 -2.98 7.63
CA GLY F 142 35.05 -1.55 7.80
C GLY F 142 36.31 -0.69 7.98
N VAL F 143 37.24 -1.18 8.80
CA VAL F 143 38.47 -0.44 9.03
C VAL F 143 39.30 -0.42 7.75
N GLU F 144 39.28 -1.54 7.08
CA GLU F 144 40.03 -1.63 5.88
C GLU F 144 39.54 -0.76 4.81
N ARG F 145 38.22 -0.61 4.71
CA ARG F 145 37.72 0.27 3.67
C ARG F 145 38.05 1.74 3.99
N ILE F 146 37.98 2.11 5.27
CA ILE F 146 38.28 3.47 5.67
C ILE F 146 39.74 3.73 5.34
N ALA F 147 40.60 2.76 5.59
CA ALA F 147 42.01 2.93 5.27
C ALA F 147 42.27 3.19 3.80
N ALA F 148 41.48 2.57 2.97
CA ALA F 148 41.69 2.72 1.55
C ALA F 148 41.09 4.03 1.05
N LEU F 149 40.03 4.50 1.68
CA LEU F 149 39.41 5.73 1.23
C LEU F 149 40.10 6.93 1.79
N ALA F 150 40.58 6.81 3.03
CA ALA F 150 41.24 7.91 3.70
C ALA F 150 42.60 8.12 3.06
N GLY F 151 43.23 7.02 2.68
CA GLY F 151 44.44 7.04 1.86
C GLY F 151 44.29 7.92 0.60
N PRO G 2 -5.76 -28.83 -32.16
CA PRO G 2 -6.55 -29.87 -31.41
C PRO G 2 -6.19 -31.31 -31.82
N ARG G 3 -5.13 -31.72 -31.15
CA ARG G 3 -4.64 -33.05 -31.24
C ARG G 3 -5.17 -33.80 -30.04
N SER G 4 -5.29 -35.11 -30.18
CA SER G 4 -5.82 -35.92 -29.11
C SER G 4 -4.66 -36.63 -28.49
N LEU G 5 -4.91 -37.20 -27.32
CA LEU G 5 -3.89 -37.94 -26.62
C LEU G 5 -3.26 -39.02 -27.51
N ALA G 6 -3.96 -39.39 -28.56
CA ALA G 6 -3.55 -40.45 -29.45
C ALA G 6 -2.68 -39.96 -30.59
N ASN G 7 -2.83 -38.69 -30.95
CA ASN G 7 -2.11 -38.14 -32.11
C ASN G 7 -0.80 -37.48 -31.77
N ALA G 8 -0.64 -37.20 -30.50
CA ALA G 8 0.42 -36.31 -30.07
C ALA G 8 0.66 -36.49 -28.57
N PRO G 9 1.91 -36.37 -28.13
CA PRO G 9 2.23 -36.47 -26.72
C PRO G 9 1.85 -35.28 -25.90
N ILE G 10 1.84 -35.50 -24.60
CA ILE G 10 1.66 -34.43 -23.61
C ILE G 10 3.01 -33.95 -23.31
N MET G 11 3.21 -32.64 -23.44
CA MET G 11 4.49 -32.04 -23.06
C MET G 11 4.48 -31.76 -21.55
N ILE G 12 5.50 -32.24 -20.86
CA ILE G 12 5.60 -31.98 -19.42
C ILE G 12 6.82 -31.10 -19.27
N LEU G 13 6.61 -29.86 -18.88
CA LEU G 13 7.74 -28.94 -18.73
C LEU G 13 8.12 -28.65 -17.31
N ASN G 14 9.43 -28.65 -17.02
CA ASN G 14 9.92 -28.42 -15.68
C ASN G 14 10.89 -27.29 -15.71
N GLY G 15 10.68 -26.32 -14.80
CA GLY G 15 11.53 -25.16 -14.73
C GLY G 15 12.77 -25.34 -13.91
N PRO G 16 13.42 -24.24 -13.62
CA PRO G 16 14.73 -24.28 -12.98
C PRO G 16 14.84 -25.02 -11.63
N ASN G 17 16.04 -25.54 -11.40
CA ASN G 17 16.42 -26.25 -10.22
C ASN G 17 15.75 -27.60 -9.98
N LEU G 18 14.80 -27.98 -10.85
CA LEU G 18 14.09 -29.19 -10.66
C LEU G 18 14.96 -30.39 -11.04
N ASN G 19 16.00 -30.13 -11.80
CA ASN G 19 16.96 -31.18 -12.09
C ASN G 19 17.51 -31.77 -10.80
N LEU G 20 17.45 -31.04 -9.69
CA LEU G 20 18.00 -31.56 -8.47
C LEU G 20 16.98 -32.17 -7.57
N LEU G 21 15.78 -32.35 -8.07
CA LEU G 21 14.72 -32.94 -7.26
C LEU G 21 15.20 -34.23 -6.64
N GLY G 22 14.88 -34.37 -5.37
CA GLY G 22 15.13 -35.58 -4.59
C GLY G 22 16.52 -35.62 -4.03
N GLN G 23 17.23 -34.51 -4.06
CA GLN G 23 18.57 -34.46 -3.52
C GLN G 23 18.76 -33.32 -2.54
N ARG G 24 17.70 -32.57 -2.26
CA ARG G 24 17.76 -31.43 -1.35
C ARG G 24 16.36 -31.04 -0.90
N GLN G 25 16.27 -30.52 0.32
CA GLN G 25 14.99 -30.07 0.88
C GLN G 25 13.91 -31.10 0.62
N PRO G 26 14.15 -32.35 1.04
CA PRO G 26 13.17 -33.43 0.84
C PRO G 26 11.88 -33.11 1.57
N GLU G 27 11.98 -32.58 2.78
CA GLU G 27 10.77 -32.23 3.52
C GLU G 27 9.87 -31.29 2.72
N ILE G 28 10.47 -30.59 1.76
CA ILE G 28 9.71 -29.66 0.94
C ILE G 28 9.33 -30.27 -0.40
N TYR G 29 10.33 -30.85 -1.06
CA TYR G 29 10.13 -31.40 -2.39
C TYR G 29 10.08 -32.90 -2.48
N GLY G 30 10.41 -33.59 -1.40
CA GLY G 30 10.34 -35.04 -1.31
C GLY G 30 11.63 -35.68 -1.75
N SER G 31 11.66 -37.01 -1.77
CA SER G 31 12.90 -37.71 -2.10
C SER G 31 12.83 -38.43 -3.44
N ASP G 32 11.79 -38.21 -4.21
CA ASP G 32 11.75 -38.78 -5.53
C ASP G 32 12.55 -37.89 -6.46
N THR G 33 13.19 -38.47 -7.47
CA THR G 33 13.93 -37.69 -8.42
C THR G 33 13.11 -37.34 -9.60
N LEU G 34 13.69 -36.53 -10.46
CA LEU G 34 12.97 -36.10 -11.64
C LEU G 34 12.69 -37.29 -12.54
N ALA G 35 13.62 -38.22 -12.58
CA ALA G 35 13.41 -39.45 -13.33
C ALA G 35 12.23 -40.25 -12.78
N ASP G 36 12.04 -40.23 -11.47
CA ASP G 36 10.91 -40.90 -10.87
C ASP G 36 9.64 -40.27 -11.33
N VAL G 37 9.64 -38.95 -11.45
CA VAL G 37 8.50 -38.22 -11.85
C VAL G 37 8.22 -38.57 -13.27
N GLU G 38 9.19 -38.55 -14.14
CA GLU G 38 8.93 -38.86 -15.53
C GLU G 38 8.27 -40.23 -15.63
N ALA G 39 8.76 -41.21 -14.89
CA ALA G 39 8.19 -42.55 -14.97
C ALA G 39 6.77 -42.53 -14.50
N LEU G 40 6.44 -41.71 -13.49
CA LEU G 40 5.05 -41.66 -13.07
C LEU G 40 4.22 -41.12 -14.20
N CYS G 41 4.75 -40.15 -14.90
CA CYS G 41 4.03 -39.50 -15.94
C CYS G 41 3.79 -40.45 -17.13
N VAL G 42 4.78 -41.24 -17.44
CA VAL G 42 4.70 -42.13 -18.59
C VAL G 42 3.59 -43.16 -18.33
N LYS G 43 3.53 -43.64 -17.11
CA LYS G 43 2.51 -44.60 -16.70
C LYS G 43 1.12 -44.03 -16.67
N ALA G 44 0.97 -42.84 -16.07
CA ALA G 44 -0.31 -42.19 -16.04
C ALA G 44 -0.84 -41.92 -17.44
N ALA G 45 0.01 -41.49 -18.34
CA ALA G 45 -0.47 -41.21 -19.68
C ALA G 45 -0.82 -42.50 -20.46
N ALA G 46 -0.04 -43.56 -20.22
CA ALA G 46 -0.25 -44.81 -20.95
C ALA G 46 -1.63 -45.38 -20.65
N ALA G 47 -2.05 -45.22 -19.42
CA ALA G 47 -3.35 -45.67 -19.03
C ALA G 47 -4.46 -45.01 -19.81
N HIS G 48 -4.19 -43.88 -20.46
CA HIS G 48 -5.21 -43.27 -21.29
C HIS G 48 -4.91 -43.45 -22.77
N GLY G 49 -3.82 -44.12 -23.06
CA GLY G 49 -3.45 -44.37 -24.43
C GLY G 49 -2.52 -43.33 -24.98
N GLY G 50 -1.87 -42.53 -24.12
CA GLY G 50 -1.03 -41.47 -24.62
C GLY G 50 0.39 -41.59 -24.22
N THR G 51 1.15 -40.58 -24.62
CA THR G 51 2.56 -40.51 -24.35
C THR G 51 2.97 -39.14 -23.84
N VAL G 52 4.19 -39.05 -23.39
CA VAL G 52 4.69 -37.80 -22.88
C VAL G 52 6.06 -37.51 -23.41
N ASP G 53 6.34 -36.23 -23.36
CA ASP G 53 7.56 -35.65 -23.81
C ASP G 53 7.92 -34.78 -22.60
N PHE G 54 8.88 -35.26 -21.81
CA PHE G 54 9.21 -34.73 -20.50
C PHE G 54 10.53 -33.94 -20.65
N ARG G 55 10.50 -32.66 -20.28
CA ARG G 55 11.68 -31.79 -20.37
C ARG G 55 11.90 -30.91 -19.14
N GLN G 56 13.17 -30.55 -18.93
CA GLN G 56 13.54 -29.67 -17.84
C GLN G 56 14.52 -28.69 -18.38
N SER G 57 14.39 -27.42 -17.97
CA SER G 57 15.40 -26.42 -18.28
C SER G 57 15.51 -25.38 -17.20
N ASN G 58 16.69 -24.81 -17.10
CA ASN G 58 16.96 -23.70 -16.19
C ASN G 58 16.85 -22.34 -16.89
N HIS G 59 16.55 -22.35 -18.17
CA HIS G 59 16.53 -21.13 -19.00
C HIS G 59 15.14 -20.73 -19.41
N GLU G 60 14.75 -19.54 -19.02
CA GLU G 60 13.44 -19.03 -19.33
C GLU G 60 13.11 -19.08 -20.82
N GLY G 61 14.03 -18.60 -21.63
CA GLY G 61 13.80 -18.53 -23.04
C GLY G 61 13.65 -19.90 -23.70
N GLU G 62 14.31 -20.87 -23.14
CA GLU G 62 14.22 -22.19 -23.66
C GLU G 62 12.86 -22.77 -23.34
N LEU G 63 12.32 -22.43 -22.16
CA LEU G 63 10.98 -22.85 -21.82
C LEU G 63 10.02 -22.19 -22.81
N VAL G 64 10.30 -20.93 -23.19
CA VAL G 64 9.42 -20.26 -24.13
C VAL G 64 9.43 -20.95 -25.51
N ASP G 65 10.62 -21.32 -25.98
CA ASP G 65 10.79 -22.02 -27.24
C ASP G 65 10.06 -23.36 -27.23
N TRP G 66 10.16 -24.09 -26.12
CA TRP G 66 9.48 -25.37 -26.02
C TRP G 66 7.96 -25.20 -25.98
N ILE G 67 7.47 -24.09 -25.45
CA ILE G 67 6.00 -23.85 -25.45
C ILE G 67 5.55 -23.63 -26.89
N HIS G 68 6.39 -22.92 -27.67
CA HIS G 68 6.04 -22.66 -29.05
C HIS G 68 5.99 -24.00 -29.80
N GLU G 69 6.86 -24.89 -29.45
CA GLU G 69 6.88 -26.15 -30.13
C GLU G 69 5.58 -26.93 -29.77
N ALA G 70 5.18 -26.83 -28.52
CA ALA G 70 4.02 -27.58 -28.11
C ALA G 70 2.79 -27.15 -28.83
N ARG G 71 2.71 -25.89 -29.21
CA ARG G 71 1.53 -25.44 -29.93
C ARG G 71 1.31 -26.18 -31.21
N LEU G 72 2.37 -26.64 -31.83
CA LEU G 72 2.22 -27.24 -33.11
C LEU G 72 2.18 -28.74 -32.98
N ASN G 73 2.86 -29.30 -31.98
CA ASN G 73 3.09 -30.73 -31.92
C ASN G 73 2.55 -31.53 -30.74
N HIS G 74 1.90 -30.90 -29.76
CA HIS G 74 1.53 -31.63 -28.57
C HIS G 74 0.07 -31.48 -28.28
N CYS G 75 -0.49 -32.31 -27.40
CA CYS G 75 -1.92 -32.22 -27.17
C CYS G 75 -2.26 -31.44 -25.91
N GLY G 76 -1.27 -31.06 -25.10
CA GLY G 76 -1.52 -30.31 -23.88
C GLY G 76 -0.23 -30.08 -23.14
N ILE G 77 -0.23 -29.24 -22.11
CA ILE G 77 1.00 -28.99 -21.39
C ILE G 77 0.75 -29.15 -19.91
N VAL G 78 1.62 -29.87 -19.24
CA VAL G 78 1.61 -29.88 -17.79
C VAL G 78 2.89 -29.13 -17.48
N ILE G 79 2.78 -28.03 -16.73
CA ILE G 79 3.96 -27.26 -16.43
C ILE G 79 4.16 -26.93 -14.96
N ASN G 80 5.38 -27.21 -14.53
CA ASN G 80 5.90 -26.76 -13.27
C ASN G 80 6.99 -25.73 -13.59
N PRO G 81 6.66 -24.47 -13.58
CA PRO G 81 7.61 -23.43 -13.99
C PRO G 81 8.57 -23.03 -12.94
N ALA G 82 8.40 -23.63 -11.79
CA ALA G 82 9.26 -23.37 -10.69
C ALA G 82 9.44 -21.87 -10.42
N ALA G 83 10.66 -21.41 -10.24
CA ALA G 83 10.87 -20.02 -9.88
C ALA G 83 10.28 -19.06 -10.90
N TYR G 84 10.31 -19.44 -12.16
CA TYR G 84 9.74 -18.60 -13.18
C TYR G 84 8.27 -18.39 -13.03
N SER G 85 7.60 -19.26 -12.26
CA SER G 85 6.18 -19.04 -11.94
C SER G 85 5.96 -17.65 -11.42
N HIS G 86 6.87 -17.19 -10.58
CA HIS G 86 6.70 -15.95 -9.89
C HIS G 86 7.27 -14.75 -10.62
N THR G 87 8.02 -14.97 -11.69
CA THR G 87 8.64 -13.83 -12.34
C THR G 87 8.46 -13.71 -13.84
N SER G 88 7.98 -14.74 -14.50
CA SER G 88 8.06 -14.72 -15.93
C SER G 88 6.76 -14.36 -16.62
N VAL G 89 6.66 -13.12 -17.03
CA VAL G 89 5.62 -12.73 -17.88
C VAL G 89 5.85 -13.37 -19.26
N ALA G 90 7.07 -13.67 -19.58
CA ALA G 90 7.33 -14.25 -20.88
C ALA G 90 6.70 -15.64 -21.07
N ILE G 91 6.68 -16.44 -20.02
CA ILE G 91 6.09 -17.79 -20.14
C ILE G 91 4.57 -17.64 -20.20
N LEU G 92 4.08 -16.66 -19.46
CA LEU G 92 2.64 -16.38 -19.52
C LEU G 92 2.20 -16.08 -20.94
N ASP G 93 2.90 -15.17 -21.58
CA ASP G 93 2.56 -14.76 -22.94
C ASP G 93 2.80 -15.88 -23.94
N ALA G 94 3.78 -16.71 -23.70
CA ALA G 94 3.92 -17.84 -24.58
C ALA G 94 2.70 -18.79 -24.44
N LEU G 95 2.29 -19.05 -23.23
CA LEU G 95 1.12 -19.90 -23.06
C LEU G 95 -0.11 -19.24 -23.65
N ASN G 96 -0.14 -17.91 -23.67
CA ASN G 96 -1.33 -17.25 -24.16
C ASN G 96 -1.44 -17.47 -25.67
N THR G 97 -0.33 -17.85 -26.33
CA THR G 97 -0.42 -18.04 -27.73
C THR G 97 -0.97 -19.42 -28.05
N CYS G 98 -1.01 -20.30 -27.05
CA CYS G 98 -1.52 -21.66 -27.22
C CYS G 98 -3.02 -21.69 -27.12
N ASP G 99 -3.63 -21.01 -28.07
CA ASP G 99 -5.11 -20.97 -28.06
C ASP G 99 -5.74 -22.38 -28.16
N GLY G 100 -6.60 -22.71 -27.18
CA GLY G 100 -7.31 -23.97 -27.22
C GLY G 100 -6.54 -25.14 -26.58
N LEU G 101 -5.25 -24.97 -26.36
CA LEU G 101 -4.47 -26.03 -25.78
C LEU G 101 -4.67 -26.09 -24.25
N PRO G 102 -4.90 -27.26 -23.72
CA PRO G 102 -5.07 -27.40 -22.28
C PRO G 102 -3.77 -27.24 -21.56
N VAL G 103 -3.78 -26.44 -20.52
CA VAL G 103 -2.57 -26.24 -19.71
C VAL G 103 -2.88 -26.43 -18.26
N VAL G 104 -2.09 -27.24 -17.58
CA VAL G 104 -2.24 -27.44 -16.16
C VAL G 104 -0.90 -27.08 -15.50
N GLU G 105 -0.99 -26.24 -14.49
CA GLU G 105 0.15 -25.80 -13.73
C GLU G 105 0.34 -26.70 -12.52
N VAL G 106 1.55 -27.20 -12.30
CA VAL G 106 1.76 -28.01 -11.11
C VAL G 106 2.83 -27.41 -10.19
N HIS G 107 2.61 -27.46 -8.89
CA HIS G 107 3.67 -27.19 -7.94
C HIS G 107 3.68 -28.36 -6.96
N ILE G 108 4.87 -28.84 -6.66
CA ILE G 108 5.07 -29.94 -5.73
C ILE G 108 4.77 -29.49 -4.34
N SER G 109 5.33 -28.35 -3.95
CA SER G 109 5.12 -27.78 -2.62
C SER G 109 3.87 -26.93 -2.62
N ASN G 110 3.40 -26.61 -1.43
CA ASN G 110 2.25 -25.78 -1.29
C ASN G 110 2.77 -24.39 -1.16
N ILE G 111 2.81 -23.70 -2.28
CA ILE G 111 3.39 -22.39 -2.33
C ILE G 111 2.72 -21.38 -1.43
N HIS G 112 1.51 -21.66 -1.01
CA HIS G 112 0.75 -20.67 -0.24
C HIS G 112 1.19 -20.66 1.17
N GLN G 113 2.02 -21.62 1.55
CA GLN G 113 2.54 -21.70 2.88
C GLN G 113 3.96 -21.24 2.97
N ARG G 114 4.50 -20.74 1.87
CA ARG G 114 5.87 -20.37 1.88
C ARG G 114 5.99 -18.85 1.85
N GLU G 115 7.15 -18.35 1.48
CA GLU G 115 7.35 -16.91 1.42
C GLU G 115 6.30 -16.24 0.52
N PRO G 116 5.94 -15.01 0.88
CA PRO G 116 4.93 -14.23 0.17
C PRO G 116 5.18 -14.05 -1.31
N PHE G 117 6.42 -13.91 -1.74
CA PHE G 117 6.65 -13.76 -3.16
C PHE G 117 6.33 -15.07 -3.93
N ARG G 118 6.27 -16.22 -3.26
CA ARG G 118 5.84 -17.41 -3.97
C ARG G 118 4.33 -17.54 -4.06
N HIS G 119 3.57 -16.68 -3.37
CA HIS G 119 2.12 -16.76 -3.40
C HIS G 119 1.51 -16.44 -4.74
N HIS G 120 2.22 -15.68 -5.53
CA HIS G 120 1.68 -15.31 -6.81
C HIS G 120 2.33 -16.07 -7.96
N SER G 121 1.53 -16.47 -8.93
CA SER G 121 2.00 -17.06 -10.14
C SER G 121 1.37 -16.45 -11.37
N TYR G 122 2.22 -16.07 -12.33
CA TYR G 122 1.78 -15.48 -13.59
C TYR G 122 1.10 -16.54 -14.37
N VAL G 123 1.61 -17.75 -14.28
CA VAL G 123 1.03 -18.82 -15.08
C VAL G 123 -0.39 -19.13 -14.73
N SER G 124 -0.78 -18.93 -13.48
CA SER G 124 -2.13 -19.26 -13.02
C SER G 124 -3.27 -18.47 -13.73
N GLN G 125 -2.92 -17.35 -14.29
CA GLN G 125 -3.87 -16.55 -15.03
C GLN G 125 -4.31 -17.19 -16.33
N ARG G 126 -3.43 -17.99 -16.91
CA ARG G 126 -3.77 -18.70 -18.12
C ARG G 126 -4.11 -20.20 -17.93
N ALA G 127 -3.51 -20.82 -16.94
CA ALA G 127 -3.70 -22.25 -16.78
C ALA G 127 -5.14 -22.62 -16.56
N ASP G 128 -5.54 -23.71 -17.16
CA ASP G 128 -6.88 -24.19 -16.96
C ASP G 128 -7.02 -24.67 -15.55
N GLY G 129 -6.02 -25.39 -15.07
CA GLY G 129 -6.04 -25.89 -13.72
C GLY G 129 -4.72 -25.69 -13.05
N VAL G 130 -4.76 -25.61 -11.74
CA VAL G 130 -3.56 -25.42 -10.91
C VAL G 130 -3.59 -26.38 -9.79
N VAL G 131 -2.53 -27.14 -9.60
CA VAL G 131 -2.38 -28.11 -8.52
C VAL G 131 -1.14 -27.77 -7.69
N ALA G 132 -1.32 -27.61 -6.40
CA ALA G 132 -0.21 -27.26 -5.53
C ALA G 132 -0.21 -28.04 -4.25
N GLY G 133 0.94 -28.51 -3.87
CA GLY G 133 1.09 -29.21 -2.62
C GLY G 133 0.66 -30.64 -2.56
N CYS G 134 0.42 -31.25 -3.71
CA CYS G 134 0.14 -32.67 -3.74
C CYS G 134 1.37 -33.51 -4.06
N GLY G 135 2.56 -32.99 -3.83
CA GLY G 135 3.78 -33.72 -4.07
C GLY G 135 3.90 -34.07 -5.55
N VAL G 136 4.70 -35.08 -5.85
CA VAL G 136 4.84 -35.48 -7.24
C VAL G 136 3.55 -36.10 -7.79
N GLN G 137 2.67 -36.50 -6.88
CA GLN G 137 1.40 -37.03 -7.33
C GLN G 137 0.63 -35.95 -8.13
N GLY G 138 0.91 -34.67 -7.89
CA GLY G 138 0.29 -33.63 -8.68
C GLY G 138 0.56 -33.68 -10.17
N TYR G 139 1.70 -34.16 -10.57
CA TYR G 139 1.94 -34.41 -11.99
C TYR G 139 0.93 -35.42 -12.60
N VAL G 140 0.57 -36.43 -11.82
CA VAL G 140 -0.38 -37.45 -12.30
C VAL G 140 -1.69 -36.79 -12.46
N PHE G 141 -2.05 -35.99 -11.47
CA PHE G 141 -3.30 -35.25 -11.56
C PHE G 141 -3.30 -34.41 -12.81
N GLY G 142 -2.16 -33.79 -13.08
CA GLY G 142 -2.01 -32.97 -14.28
C GLY G 142 -2.25 -33.74 -15.57
N VAL G 143 -1.62 -34.89 -15.66
CA VAL G 143 -1.79 -35.71 -16.86
C VAL G 143 -3.25 -36.12 -17.05
N GLU G 144 -3.84 -36.49 -15.94
CA GLU G 144 -5.23 -36.89 -15.96
C GLU G 144 -6.15 -35.80 -16.38
N ARG G 145 -5.90 -34.59 -15.96
CA ARG G 145 -6.81 -33.55 -16.36
C ARG G 145 -6.63 -33.24 -17.85
N ILE G 146 -5.42 -33.32 -18.33
CA ILE G 146 -5.20 -33.10 -19.74
C ILE G 146 -5.94 -34.18 -20.54
N ALA G 147 -5.89 -35.40 -20.06
CA ALA G 147 -6.59 -36.48 -20.77
C ALA G 147 -8.02 -36.22 -20.89
N ALA G 148 -8.57 -35.67 -19.83
CA ALA G 148 -9.99 -35.48 -19.84
C ALA G 148 -10.37 -34.31 -20.70
N LEU G 149 -9.51 -33.31 -20.80
CA LEU G 149 -9.82 -32.11 -21.57
C LEU G 149 -9.54 -32.30 -23.03
N ALA G 150 -8.49 -33.03 -23.30
CA ALA G 150 -8.10 -33.29 -24.66
C ALA G 150 -9.11 -34.24 -25.26
N GLY G 151 -9.59 -35.20 -24.45
CA GLY G 151 -10.69 -36.06 -24.84
C GLY G 151 -11.90 -35.28 -25.40
N PRO H 2 31.44 -30.02 1.92
CA PRO H 2 32.44 -29.28 2.77
C PRO H 2 33.89 -29.55 2.35
N ARG H 3 34.22 -28.74 1.37
CA ARG H 3 35.54 -28.64 0.84
C ARG H 3 36.20 -27.43 1.49
N SER H 4 37.51 -27.45 1.58
CA SER H 4 38.25 -26.37 2.23
C SER H 4 38.84 -25.54 1.13
N LEU H 5 39.36 -24.38 1.48
CA LEU H 5 40.04 -23.55 0.49
C LEU H 5 41.16 -24.30 -0.20
N ALA H 6 41.63 -25.37 0.44
CA ALA H 6 42.74 -26.14 -0.10
C ALA H 6 42.36 -27.23 -1.08
N ASN H 7 41.11 -27.68 -0.97
CA ASN H 7 40.64 -28.78 -1.80
C ASN H 7 39.90 -28.33 -3.02
N ALA H 8 39.50 -27.08 -3.04
CA ALA H 8 38.54 -26.64 -4.05
C ALA H 8 38.54 -25.18 -4.14
N PRO H 9 38.37 -24.64 -5.34
CA PRO H 9 38.37 -23.19 -5.50
C PRO H 9 37.12 -22.49 -4.98
N ILE H 10 37.25 -21.18 -4.87
CA ILE H 10 36.14 -20.30 -4.61
C ILE H 10 35.59 -19.88 -5.94
N MET H 11 34.29 -20.05 -6.14
CA MET H 11 33.65 -19.63 -7.35
C MET H 11 33.25 -18.20 -7.22
N ILE H 12 33.69 -17.35 -8.14
CA ILE H 12 33.28 -15.93 -8.08
C ILE H 12 32.35 -15.70 -9.29
N LEU H 13 31.07 -15.47 -9.05
CA LEU H 13 30.16 -15.26 -10.13
C LEU H 13 29.73 -13.81 -10.32
N ASN H 14 29.68 -13.41 -11.57
CA ASN H 14 29.33 -12.07 -11.93
C ASN H 14 28.22 -12.07 -12.92
N GLY H 15 27.17 -11.32 -12.60
CA GLY H 15 25.98 -11.29 -13.42
C GLY H 15 26.06 -10.28 -14.54
N PRO H 16 24.91 -9.93 -15.13
CA PRO H 16 24.87 -9.17 -16.36
C PRO H 16 25.48 -7.81 -16.35
N ASN H 17 25.97 -7.46 -17.53
CA ASN H 17 26.59 -6.18 -17.80
C ASN H 17 27.93 -5.89 -17.13
N LEU H 18 28.39 -6.80 -16.29
CA LEU H 18 29.63 -6.61 -15.58
C LEU H 18 30.84 -6.81 -16.49
N ASN H 19 30.66 -7.49 -17.63
CA ASN H 19 31.70 -7.58 -18.62
C ASN H 19 32.15 -6.19 -19.09
N LEU H 20 31.29 -5.18 -18.92
CA LEU H 20 31.68 -3.83 -19.27
C LEU H 20 32.30 -2.99 -18.17
N LEU H 21 32.55 -3.60 -17.00
CA LEU H 21 33.09 -2.87 -15.87
C LEU H 21 34.31 -2.07 -16.26
N GLY H 22 34.31 -0.83 -15.81
CA GLY H 22 35.43 0.06 -16.02
C GLY H 22 35.42 0.78 -17.34
N GLN H 23 34.30 0.72 -18.04
CA GLN H 23 34.17 1.37 -19.34
C GLN H 23 32.95 2.28 -19.41
N ARG H 24 32.19 2.37 -18.33
CA ARG H 24 30.99 3.19 -18.28
C ARG H 24 30.60 3.46 -16.84
N GLN H 25 29.98 4.61 -16.61
CA GLN H 25 29.54 4.98 -15.28
C GLN H 25 30.63 4.68 -14.26
N PRO H 26 31.82 5.24 -14.45
CA PRO H 26 32.92 5.03 -13.50
C PRO H 26 32.57 5.59 -12.15
N GLU H 27 31.93 6.75 -12.10
CA GLU H 27 31.54 7.34 -10.81
C GLU H 27 30.67 6.40 -9.98
N ILE H 28 30.04 5.44 -10.65
CA ILE H 28 29.20 4.45 -9.97
C ILE H 28 29.93 3.15 -9.77
N TYR H 29 30.55 2.65 -10.82
CA TYR H 29 31.22 1.36 -10.75
C TYR H 29 32.74 1.42 -10.71
N GLY H 30 33.33 2.58 -10.97
CA GLY H 30 34.76 2.75 -10.91
C GLY H 30 35.39 2.50 -12.25
N SER H 31 36.71 2.57 -12.31
CA SER H 31 37.41 2.44 -13.59
C SER H 31 38.24 1.16 -13.69
N ASP H 32 38.15 0.28 -12.71
CA ASP H 32 38.81 -0.98 -12.81
C ASP H 32 38.00 -1.87 -13.70
N THR H 33 38.65 -2.81 -14.40
CA THR H 33 37.91 -3.73 -15.26
C THR H 33 37.64 -5.04 -14.56
N LEU H 34 36.87 -5.89 -15.20
CA LEU H 34 36.58 -7.16 -14.60
C LEU H 34 37.87 -7.97 -14.42
N ALA H 35 38.78 -7.82 -15.38
CA ALA H 35 40.07 -8.49 -15.29
C ALA H 35 40.87 -8.00 -14.11
N ASP H 36 40.75 -6.71 -13.81
CA ASP H 36 41.38 -6.16 -12.60
C ASP H 36 40.79 -6.83 -11.38
N VAL H 37 39.48 -7.09 -11.41
CA VAL H 37 38.84 -7.62 -10.23
C VAL H 37 39.29 -9.04 -10.04
N GLU H 38 39.38 -9.76 -11.15
CA GLU H 38 39.80 -11.15 -11.06
C GLU H 38 41.17 -11.22 -10.41
N ALA H 39 42.07 -10.36 -10.85
CA ALA H 39 43.41 -10.35 -10.28
C ALA H 39 43.39 -10.06 -8.80
N LEU H 40 42.51 -9.15 -8.36
CA LEU H 40 42.45 -8.88 -6.93
C LEU H 40 41.96 -10.13 -6.22
N CYS H 41 41.04 -10.83 -6.84
CA CYS H 41 40.52 -12.01 -6.20
C CYS H 41 41.56 -13.12 -6.13
N VAL H 42 42.36 -13.24 -7.17
CA VAL H 42 43.36 -14.31 -7.23
C VAL H 42 44.39 -14.12 -6.11
N LYS H 43 44.79 -12.89 -5.95
CA LYS H 43 45.71 -12.51 -4.88
C LYS H 43 45.14 -12.70 -3.48
N ALA H 44 43.94 -12.22 -3.24
CA ALA H 44 43.37 -12.35 -1.93
C ALA H 44 43.28 -13.82 -1.63
N ALA H 45 42.89 -14.65 -2.57
CA ALA H 45 42.73 -16.06 -2.21
C ALA H 45 44.07 -16.76 -1.95
N ALA H 46 45.06 -16.35 -2.70
CA ALA H 46 46.33 -17.02 -2.62
C ALA H 46 46.93 -16.82 -1.26
N ALA H 47 46.69 -15.65 -0.69
CA ALA H 47 47.19 -15.38 0.64
C ALA H 47 46.67 -16.38 1.64
N HIS H 48 45.54 -17.04 1.36
CA HIS H 48 45.00 -17.99 2.31
C HIS H 48 45.23 -19.40 1.83
N GLY H 49 45.91 -19.53 0.71
CA GLY H 49 46.22 -20.86 0.22
C GLY H 49 45.17 -21.39 -0.75
N GLY H 50 44.30 -20.52 -1.27
CA GLY H 50 43.29 -21.03 -2.16
C GLY H 50 43.42 -20.49 -3.57
N THR H 51 42.45 -20.90 -4.37
CA THR H 51 42.33 -20.46 -5.75
C THR H 51 40.90 -20.01 -6.05
N VAL H 52 40.72 -19.40 -7.19
CA VAL H 52 39.41 -18.96 -7.60
C VAL H 52 39.09 -19.39 -8.97
N ASP H 53 37.79 -19.42 -9.23
CA ASP H 53 37.20 -19.77 -10.52
C ASP H 53 36.26 -18.57 -10.74
N PHE H 54 36.63 -17.71 -11.64
CA PHE H 54 36.02 -16.41 -11.83
C PHE H 54 35.24 -16.47 -13.11
N ARG H 55 33.93 -16.24 -13.04
CA ARG H 55 33.07 -16.25 -14.21
C ARG H 55 32.11 -15.09 -14.28
N GLN H 56 31.70 -14.74 -15.50
CA GLN H 56 30.70 -13.72 -15.78
C GLN H 56 29.76 -14.24 -16.84
N SER H 57 28.46 -13.97 -16.68
CA SER H 57 27.47 -14.23 -17.67
C SER H 57 26.33 -13.24 -17.63
N ASN H 58 25.71 -13.08 -18.79
CA ASN H 58 24.54 -12.25 -18.94
C ASN H 58 23.25 -13.08 -18.87
N HIS H 59 23.37 -14.39 -18.71
CA HIS H 59 22.23 -15.32 -18.74
C HIS H 59 21.90 -15.86 -17.41
N GLU H 60 20.67 -15.63 -16.95
CA GLU H 60 20.21 -16.11 -15.70
C GLU H 60 20.40 -17.64 -15.51
N GLY H 61 20.01 -18.38 -16.53
CA GLY H 61 20.02 -19.82 -16.43
C GLY H 61 21.41 -20.36 -16.40
N GLU H 62 22.32 -19.64 -17.02
CA GLU H 62 23.68 -20.06 -17.02
C GLU H 62 24.25 -19.82 -15.64
N LEU H 63 23.84 -18.75 -14.96
CA LEU H 63 24.27 -18.56 -13.59
C LEU H 63 23.77 -19.68 -12.72
N VAL H 64 22.51 -20.08 -12.96
CA VAL H 64 21.92 -21.18 -12.21
C VAL H 64 22.75 -22.47 -12.39
N ASP H 65 23.11 -22.77 -13.63
CA ASP H 65 23.89 -23.97 -13.93
C ASP H 65 25.19 -23.93 -13.21
N TRP H 66 25.85 -22.78 -13.19
CA TRP H 66 27.11 -22.66 -12.54
C TRP H 66 27.00 -22.81 -11.07
N ILE H 67 25.88 -22.36 -10.48
CA ILE H 67 25.71 -22.55 -9.05
C ILE H 67 25.58 -24.04 -8.75
N HIS H 68 24.96 -24.78 -9.63
CA HIS H 68 24.82 -26.19 -9.42
C HIS H 68 26.19 -26.86 -9.42
N GLU H 69 27.05 -26.39 -10.29
CA GLU H 69 28.34 -26.94 -10.40
C GLU H 69 29.11 -26.65 -9.11
N ALA H 70 28.89 -25.47 -8.56
CA ALA H 70 29.64 -25.09 -7.38
C ALA H 70 29.31 -25.97 -6.25
N ARG H 71 28.08 -26.44 -6.17
CA ARG H 71 27.70 -27.29 -5.04
C ARG H 71 28.54 -28.51 -4.97
N LEU H 72 29.05 -28.98 -6.09
CA LEU H 72 29.78 -30.23 -6.11
C LEU H 72 31.27 -30.01 -6.07
N ASN H 73 31.73 -28.90 -6.62
CA ASN H 73 33.13 -28.71 -6.85
C ASN H 73 33.83 -27.52 -6.22
N HIS H 74 33.15 -26.71 -5.43
CA HIS H 74 33.81 -25.48 -4.95
C HIS H 74 33.62 -25.34 -3.48
N CYS H 75 34.35 -24.44 -2.85
CA CYS H 75 34.29 -24.34 -1.39
C CYS H 75 33.38 -23.22 -0.91
N GLY H 76 32.92 -22.36 -1.80
CA GLY H 76 32.04 -21.27 -1.44
C GLY H 76 31.76 -20.43 -2.66
N ILE H 77 30.89 -19.42 -2.54
CA ILE H 77 30.56 -18.59 -3.68
C ILE H 77 30.59 -17.15 -3.26
N VAL H 78 31.24 -16.33 -4.06
CA VAL H 78 31.16 -14.94 -3.92
C VAL H 78 30.34 -14.59 -5.16
N ILE H 79 29.23 -13.89 -4.97
CA ILE H 79 28.38 -13.54 -6.10
C ILE H 79 27.89 -12.11 -6.15
N ASN H 80 28.12 -11.52 -7.32
CA ASN H 80 27.56 -10.24 -7.69
C ASN H 80 26.57 -10.56 -8.79
N PRO H 81 25.30 -10.72 -8.41
CA PRO H 81 24.25 -11.08 -9.38
C PRO H 81 23.79 -9.94 -10.24
N ALA H 82 24.34 -8.77 -9.99
CA ALA H 82 23.97 -7.60 -10.71
C ALA H 82 22.45 -7.43 -10.81
N ALA H 83 21.94 -7.15 -12.00
CA ALA H 83 20.50 -6.91 -12.15
C ALA H 83 19.65 -8.04 -11.64
N TYR H 84 20.13 -9.27 -11.80
CA TYR H 84 19.35 -10.42 -11.35
C TYR H 84 19.17 -10.46 -9.87
N SER H 85 20.02 -9.73 -9.12
CA SER H 85 19.79 -9.53 -7.68
C SER H 85 18.37 -9.12 -7.44
N HIS H 86 17.85 -8.25 -8.28
CA HIS H 86 16.54 -7.72 -8.04
C HIS H 86 15.36 -8.46 -8.63
N THR H 87 15.62 -9.44 -9.47
CA THR H 87 14.53 -10.10 -10.13
C THR H 87 14.54 -11.61 -10.08
N SER H 88 15.64 -12.23 -9.76
CA SER H 88 15.74 -13.67 -9.94
C SER H 88 15.45 -14.56 -8.72
N VAL H 89 14.25 -15.05 -8.65
CA VAL H 89 13.98 -16.06 -7.70
C VAL H 89 14.69 -17.35 -8.06
N ALA H 90 15.00 -17.52 -9.33
CA ALA H 90 15.68 -18.73 -9.72
C ALA H 90 17.08 -18.86 -9.13
N ILE H 91 17.80 -17.75 -9.01
CA ILE H 91 19.16 -17.79 -8.47
C ILE H 91 19.04 -18.01 -6.99
N LEU H 92 18.04 -17.40 -6.34
CA LEU H 92 17.88 -17.64 -4.95
C LEU H 92 17.69 -19.14 -4.71
N ASP H 93 16.77 -19.74 -5.43
CA ASP H 93 16.48 -21.14 -5.22
C ASP H 93 17.70 -22.03 -5.54
N ALA H 94 18.53 -21.64 -6.46
CA ALA H 94 19.69 -22.42 -6.76
C ALA H 94 20.64 -22.35 -5.60
N LEU H 95 20.83 -21.17 -5.06
CA LEU H 95 21.67 -21.01 -3.87
C LEU H 95 21.10 -21.76 -2.72
N ASN H 96 19.77 -21.89 -2.64
CA ASN H 96 19.16 -22.59 -1.52
C ASN H 96 19.46 -24.08 -1.59
N THR H 97 19.92 -24.58 -2.71
CA THR H 97 20.26 -25.99 -2.78
C THR H 97 21.69 -26.25 -2.31
N CYS H 98 22.48 -25.18 -2.15
CA CYS H 98 23.87 -25.30 -1.71
C CYS H 98 23.96 -25.34 -0.23
N ASP H 99 23.39 -26.40 0.35
CA ASP H 99 23.30 -26.52 1.79
C ASP H 99 24.72 -26.59 2.34
N GLY H 100 24.97 -25.70 3.29
CA GLY H 100 26.22 -25.68 4.03
C GLY H 100 27.34 -24.89 3.36
N LEU H 101 27.10 -24.51 2.11
CA LEU H 101 28.10 -23.78 1.36
C LEU H 101 28.03 -22.33 1.71
N PRO H 102 29.15 -21.72 2.01
CA PRO H 102 29.18 -20.29 2.30
C PRO H 102 28.97 -19.48 1.06
N VAL H 103 28.08 -18.50 1.18
CA VAL H 103 27.77 -17.56 0.11
C VAL H 103 27.88 -16.13 0.52
N VAL H 104 28.66 -15.35 -0.17
CA VAL H 104 28.73 -13.92 0.13
C VAL H 104 28.31 -13.16 -1.10
N GLU H 105 27.32 -12.26 -0.92
CA GLU H 105 26.80 -11.40 -1.96
C GLU H 105 27.58 -10.09 -2.01
N VAL H 106 28.02 -9.63 -3.18
CA VAL H 106 28.75 -8.40 -3.28
C VAL H 106 28.10 -7.47 -4.30
N HIS H 107 28.01 -6.20 -3.94
CA HIS H 107 27.62 -5.13 -4.88
C HIS H 107 28.67 -4.03 -4.85
N ILE H 108 29.11 -3.58 -6.01
CA ILE H 108 30.14 -2.55 -6.15
C ILE H 108 29.58 -1.22 -5.67
N SER H 109 28.43 -0.86 -6.21
CA SER H 109 27.73 0.35 -5.83
C SER H 109 26.95 0.13 -4.59
N ASN H 110 26.50 1.20 -3.98
CA ASN H 110 25.71 1.13 -2.77
C ASN H 110 24.29 1.18 -3.27
N ILE H 111 23.69 0.01 -3.45
CA ILE H 111 22.35 -0.06 -3.97
C ILE H 111 21.28 0.71 -3.16
N HIS H 112 21.58 1.01 -1.90
CA HIS H 112 20.57 1.61 -1.04
C HIS H 112 20.41 3.08 -1.34
N GLN H 113 21.31 3.60 -2.13
CA GLN H 113 21.26 4.97 -2.52
C GLN H 113 20.81 5.13 -3.93
N ARG H 114 20.34 4.06 -4.57
CA ARG H 114 19.97 4.22 -5.97
C ARG H 114 18.47 4.08 -6.06
N GLU H 115 17.96 3.76 -7.23
CA GLU H 115 16.54 3.60 -7.43
C GLU H 115 15.92 2.58 -6.48
N PRO H 116 14.72 2.85 -6.05
CA PRO H 116 14.04 1.94 -5.15
C PRO H 116 14.00 0.49 -5.64
N PHE H 117 13.91 0.20 -6.93
CA PHE H 117 13.83 -1.22 -7.27
C PHE H 117 15.15 -1.92 -7.01
N ARG H 118 16.23 -1.19 -6.79
CA ARG H 118 17.50 -1.82 -6.46
C ARG H 118 17.69 -2.05 -4.97
N HIS H 119 16.78 -1.55 -4.15
CA HIS H 119 16.92 -1.71 -2.68
C HIS H 119 16.67 -3.16 -2.19
N HIS H 120 15.95 -3.93 -2.97
CA HIS H 120 15.70 -5.28 -2.60
C HIS H 120 16.48 -6.29 -3.42
N SER H 121 17.01 -7.29 -2.72
CA SER H 121 17.75 -8.39 -3.33
C SER H 121 17.28 -9.74 -2.87
N TYR H 122 16.92 -10.62 -3.81
CA TYR H 122 16.40 -11.97 -3.46
C TYR H 122 17.58 -12.76 -2.89
N VAL H 123 18.79 -12.46 -3.35
CA VAL H 123 19.95 -13.23 -2.88
C VAL H 123 20.26 -13.01 -1.44
N SER H 124 19.96 -11.81 -0.94
CA SER H 124 20.26 -11.46 0.43
C SER H 124 19.57 -12.36 1.48
N GLN H 125 18.48 -12.99 1.09
CA GLN H 125 17.77 -13.83 1.98
C GLN H 125 18.51 -15.13 2.29
N ARG H 126 19.34 -15.56 1.36
CA ARG H 126 20.15 -16.71 1.56
C ARG H 126 21.59 -16.42 1.89
N ALA H 127 22.14 -15.33 1.38
CA ALA H 127 23.57 -15.11 1.57
C ALA H 127 23.94 -14.98 3.01
N ASP H 128 25.07 -15.58 3.36
CA ASP H 128 25.56 -15.46 4.70
C ASP H 128 25.91 -13.98 4.99
N GLY H 129 26.60 -13.37 4.05
CA GLY H 129 27.03 -11.99 4.18
C GLY H 129 26.71 -11.21 2.94
N VAL H 130 26.54 -9.89 3.11
CA VAL H 130 26.24 -8.96 2.04
C VAL H 130 27.17 -7.76 2.18
N VAL H 131 27.85 -7.45 1.10
CA VAL H 131 28.74 -6.30 1.08
C VAL H 131 28.32 -5.42 -0.04
N ALA H 132 28.03 -4.17 0.23
CA ALA H 132 27.60 -3.20 -0.75
C ALA H 132 28.29 -1.83 -0.64
N GLY H 133 28.67 -1.29 -1.80
CA GLY H 133 29.27 0.03 -1.88
C GLY H 133 30.72 0.17 -1.43
N CYS H 134 31.42 -0.95 -1.31
CA CYS H 134 32.82 -0.90 -1.03
C CYS H 134 33.63 -0.97 -2.32
N GLY H 135 33.07 -0.60 -3.44
CA GLY H 135 33.80 -0.71 -4.67
C GLY H 135 34.27 -2.14 -4.93
N VAL H 136 35.26 -2.33 -5.80
CA VAL H 136 35.77 -3.66 -6.08
C VAL H 136 36.46 -4.32 -4.91
N GLN H 137 36.82 -3.49 -3.93
CA GLN H 137 37.43 -4.01 -2.72
C GLN H 137 36.42 -5.01 -2.04
N GLY H 138 35.12 -4.81 -2.26
CA GLY H 138 34.15 -5.70 -1.68
C GLY H 138 34.36 -7.14 -2.07
N TYR H 139 34.81 -7.37 -3.28
CA TYR H 139 35.19 -8.74 -3.70
C TYR H 139 36.27 -9.38 -2.85
N VAL H 140 37.20 -8.57 -2.35
CA VAL H 140 38.26 -9.05 -1.49
C VAL H 140 37.66 -9.38 -0.13
N PHE H 141 36.79 -8.50 0.34
CA PHE H 141 36.10 -8.80 1.61
C PHE H 141 35.35 -10.14 1.43
N GLY H 142 34.68 -10.30 0.30
CA GLY H 142 34.02 -11.57 0.05
C GLY H 142 34.96 -12.83 0.12
N VAL H 143 36.12 -12.70 -0.51
CA VAL H 143 37.04 -13.83 -0.50
C VAL H 143 37.53 -14.14 0.92
N GLU H 144 37.75 -13.07 1.64
CA GLU H 144 38.18 -13.20 2.99
C GLU H 144 37.17 -13.75 3.94
N ARG H 145 35.90 -13.42 3.73
CA ARG H 145 34.92 -14.04 4.57
C ARG H 145 34.79 -15.53 4.24
N ILE H 146 34.85 -15.88 2.96
CA ILE H 146 34.71 -17.28 2.59
C ILE H 146 35.85 -18.08 3.21
N ALA H 147 37.03 -17.51 3.18
CA ALA H 147 38.17 -18.16 3.80
C ALA H 147 37.98 -18.43 5.26
N ALA H 148 37.32 -17.51 5.95
CA ALA H 148 37.16 -17.66 7.36
C ALA H 148 36.03 -18.63 7.65
N LEU H 149 35.03 -18.71 6.77
CA LEU H 149 33.93 -19.62 7.02
C LEU H 149 34.28 -21.01 6.60
N ALA H 150 35.00 -21.12 5.50
CA ALA H 150 35.35 -22.41 4.96
C ALA H 150 36.38 -23.06 5.87
N GLY H 151 37.26 -22.24 6.43
CA GLY H 151 38.18 -22.65 7.49
C GLY H 151 37.46 -23.36 8.66
N PRO I 2 28.97 7.77 -31.46
CA PRO I 2 28.15 8.66 -32.38
C PRO I 2 28.40 8.43 -33.88
N ARG I 3 27.69 7.42 -34.30
CA ARG I 3 27.59 7.05 -35.66
C ARG I 3 26.34 7.71 -36.22
N SER I 4 26.31 7.91 -37.52
CA SER I 4 25.16 8.50 -38.17
C SER I 4 24.42 7.38 -38.86
N LEU I 5 23.23 7.69 -39.35
CA LEU I 5 22.47 6.72 -40.11
C LEU I 5 23.24 6.23 -41.29
N ALA I 6 24.23 7.00 -41.70
CA ALA I 6 25.01 6.65 -42.87
C ALA I 6 26.19 5.73 -42.56
N ASN I 7 26.66 5.76 -41.33
CA ASN I 7 27.82 5.00 -40.98
C ASN I 7 27.53 3.68 -40.38
N ALA I 8 26.27 3.48 -40.01
CA ALA I 8 25.93 2.33 -39.17
C ALA I 8 24.46 2.14 -39.18
N PRO I 9 24.02 0.88 -39.15
CA PRO I 9 22.59 0.59 -39.14
C PRO I 9 21.91 0.93 -37.84
N ILE I 10 20.58 0.95 -37.92
CA ILE I 10 19.73 1.01 -36.75
C ILE I 10 19.50 -0.44 -36.35
N MET I 11 19.75 -0.75 -35.10
CA MET I 11 19.40 -2.05 -34.57
C MET I 11 17.92 -2.03 -34.12
N ILE I 12 17.14 -2.99 -34.60
CA ILE I 12 15.74 -3.12 -34.21
C ILE I 12 15.67 -4.41 -33.43
N LEU I 13 15.42 -4.31 -32.14
CA LEU I 13 15.30 -5.52 -31.32
C LEU I 13 13.89 -5.89 -30.89
N ASN I 14 13.57 -7.15 -30.98
CA ASN I 14 12.28 -7.66 -30.65
C ASN I 14 12.41 -8.75 -29.60
N GLY I 15 11.60 -8.66 -28.56
CA GLY I 15 11.69 -9.61 -27.48
C GLY I 15 10.84 -10.82 -27.69
N PRO I 16 10.61 -11.54 -26.63
CA PRO I 16 9.93 -12.83 -26.71
C PRO I 16 8.56 -12.87 -27.24
N ASN I 17 8.26 -14.01 -27.87
CA ASN I 17 6.99 -14.29 -28.49
C ASN I 17 6.64 -13.49 -29.72
N LEU I 18 7.46 -12.51 -30.08
CA LEU I 18 7.16 -11.69 -31.24
C LEU I 18 7.41 -12.46 -32.55
N ASN I 19 8.15 -13.54 -32.47
CA ASN I 19 8.28 -14.42 -33.61
C ASN I 19 6.92 -14.95 -34.08
N LEU I 20 5.91 -14.93 -33.23
CA LEU I 20 4.61 -15.37 -33.66
C LEU I 20 3.68 -14.27 -34.08
N LEU I 21 4.19 -13.05 -34.20
CA LEU I 21 3.35 -11.94 -34.64
C LEU I 21 2.56 -12.28 -35.89
N GLY I 22 1.29 -11.95 -35.87
CA GLY I 22 0.39 -12.10 -36.99
C GLY I 22 -0.24 -13.47 -37.11
N GLN I 23 -0.09 -14.27 -36.08
CA GLN I 23 -0.64 -15.61 -36.07
C GLN I 23 -1.51 -15.87 -34.87
N ARG I 24 -1.65 -14.89 -33.99
CA ARG I 24 -2.44 -15.05 -32.77
C ARG I 24 -2.84 -13.69 -32.23
N GLN I 25 -3.98 -13.62 -31.57
CA GLN I 25 -4.46 -12.38 -30.96
C GLN I 25 -4.29 -11.20 -31.92
N PRO I 26 -4.83 -11.33 -33.14
CA PRO I 26 -4.73 -10.25 -34.13
C PRO I 26 -5.38 -8.99 -33.63
N GLU I 27 -6.53 -9.12 -32.97
CA GLU I 27 -7.22 -7.94 -32.43
C GLU I 27 -6.31 -7.13 -31.51
N ILE I 28 -5.28 -7.79 -30.96
CA ILE I 28 -4.34 -7.13 -30.09
C ILE I 28 -3.08 -6.73 -30.83
N TYR I 29 -2.50 -7.67 -31.56
CA TYR I 29 -1.23 -7.44 -32.22
C TYR I 29 -1.30 -7.23 -33.71
N GLY I 30 -2.47 -7.51 -34.29
CA GLY I 30 -2.69 -7.31 -35.71
C GLY I 30 -2.35 -8.55 -36.50
N SER I 31 -2.47 -8.48 -37.82
CA SER I 31 -2.24 -9.63 -38.66
C SER I 31 -0.98 -9.54 -39.52
N ASP I 32 -0.17 -8.53 -39.30
CA ASP I 32 1.08 -8.44 -40.00
C ASP I 32 2.11 -9.31 -39.31
N THR I 33 3.03 -9.89 -40.06
CA THR I 33 4.04 -10.70 -39.44
C THR I 33 5.27 -9.91 -39.10
N LEU I 34 6.19 -10.59 -38.44
CA LEU I 34 7.42 -9.96 -38.09
C LEU I 34 8.17 -9.58 -39.35
N ALA I 35 8.09 -10.44 -40.35
CA ALA I 35 8.72 -10.14 -41.65
C ALA I 35 8.12 -8.91 -42.29
N ASP I 36 6.81 -8.72 -42.14
CA ASP I 36 6.16 -7.49 -42.62
C ASP I 36 6.69 -6.29 -41.87
N VAL I 37 6.95 -6.43 -40.59
CA VAL I 37 7.47 -5.33 -39.84
C VAL I 37 8.87 -5.00 -40.35
N GLU I 38 9.71 -6.01 -40.51
CA GLU I 38 11.06 -5.75 -40.97
C GLU I 38 11.05 -4.94 -42.32
N ALA I 39 10.17 -5.34 -43.21
CA ALA I 39 10.10 -4.67 -44.48
C ALA I 39 9.71 -3.24 -44.26
N LEU I 40 8.83 -2.96 -43.29
CA LEU I 40 8.43 -1.57 -43.07
C LEU I 40 9.62 -0.80 -42.60
N CYS I 41 10.40 -1.41 -41.73
CA CYS I 41 11.50 -0.72 -41.15
C CYS I 41 12.57 -0.50 -42.22
N VAL I 42 12.73 -1.46 -43.11
CA VAL I 42 13.80 -1.32 -44.09
C VAL I 42 13.52 -0.06 -44.99
N LYS I 43 12.26 0.08 -45.36
CA LYS I 43 11.77 1.17 -46.18
C LYS I 43 11.83 2.54 -45.47
N ALA I 44 11.34 2.58 -44.23
CA ALA I 44 11.39 3.82 -43.49
C ALA I 44 12.83 4.21 -43.37
N ALA I 45 13.73 3.26 -43.09
CA ALA I 45 15.11 3.70 -42.94
C ALA I 45 15.76 4.15 -44.26
N ALA I 46 15.40 3.49 -45.33
CA ALA I 46 16.02 3.79 -46.60
C ALA I 46 15.72 5.21 -47.02
N ALA I 47 14.51 5.65 -46.71
CA ALA I 47 14.13 7.01 -47.06
C ALA I 47 15.07 8.03 -46.41
N HIS I 48 15.73 7.64 -45.34
CA HIS I 48 16.64 8.61 -44.72
C HIS I 48 18.06 8.30 -45.03
N GLY I 49 18.29 7.27 -45.84
CA GLY I 49 19.62 6.94 -46.25
C GLY I 49 20.27 5.92 -45.32
N GLY I 50 19.48 5.19 -44.54
CA GLY I 50 20.07 4.26 -43.60
C GLY I 50 19.65 2.83 -43.83
N THR I 51 20.13 1.99 -42.93
CA THR I 51 19.83 0.59 -42.98
C THR I 51 19.44 0.13 -41.59
N VAL I 52 18.94 -1.09 -41.54
CA VAL I 52 18.56 -1.73 -40.32
C VAL I 52 19.08 -3.11 -40.21
N ASP I 53 19.18 -3.51 -38.95
CA ASP I 53 19.64 -4.79 -38.49
C ASP I 53 18.51 -5.20 -37.52
N PHE I 54 17.69 -6.13 -37.99
CA PHE I 54 16.42 -6.51 -37.40
C PHE I 54 16.60 -7.86 -36.73
N ARG I 55 16.39 -7.92 -35.42
CA ARG I 55 16.54 -9.19 -34.69
C ARG I 55 15.43 -9.47 -33.71
N GLN I 56 15.22 -10.76 -33.44
CA GLN I 56 14.23 -11.19 -32.47
C GLN I 56 14.84 -12.29 -31.60
N SER I 57 14.56 -12.27 -30.29
CA SER I 57 14.92 -13.37 -29.42
C SER I 57 13.97 -13.57 -28.28
N ASN I 58 13.94 -14.82 -27.78
CA ASN I 58 13.14 -15.15 -26.61
C ASN I 58 14.00 -15.13 -25.33
N HIS I 59 15.29 -14.88 -25.47
CA HIS I 59 16.25 -14.92 -24.37
C HIS I 59 16.72 -13.56 -23.92
N GLU I 60 16.52 -13.30 -22.63
CA GLU I 60 16.87 -12.03 -22.02
C GLU I 60 18.36 -11.72 -22.21
N GLY I 61 19.18 -12.73 -21.93
CA GLY I 61 20.61 -12.58 -21.99
C GLY I 61 21.13 -12.32 -23.39
N GLU I 62 20.46 -12.89 -24.35
CA GLU I 62 20.84 -12.66 -25.73
C GLU I 62 20.45 -11.21 -26.13
N LEU I 63 19.35 -10.69 -25.61
CA LEU I 63 19.00 -9.33 -25.89
C LEU I 63 20.08 -8.45 -25.32
N VAL I 64 20.54 -8.78 -24.13
CA VAL I 64 21.54 -7.99 -23.49
C VAL I 64 22.84 -8.00 -24.32
N ASP I 65 23.24 -9.17 -24.78
CA ASP I 65 24.42 -9.28 -25.63
C ASP I 65 24.26 -8.41 -26.87
N TRP I 66 23.10 -8.47 -27.49
CA TRP I 66 22.92 -7.68 -28.68
C TRP I 66 22.98 -6.17 -28.39
N ILE I 67 22.49 -5.75 -27.24
CA ILE I 67 22.56 -4.33 -26.87
C ILE I 67 24.03 -3.91 -26.73
N HIS I 68 24.83 -4.78 -26.13
CA HIS I 68 26.26 -4.50 -26.07
C HIS I 68 26.88 -4.32 -27.46
N GLU I 69 26.43 -5.12 -28.39
CA GLU I 69 26.96 -5.05 -29.71
C GLU I 69 26.54 -3.69 -30.33
N ALA I 70 25.32 -3.27 -30.08
CA ALA I 70 24.85 -2.08 -30.66
C ALA I 70 25.66 -0.88 -30.22
N ARG I 71 26.15 -0.87 -29.00
CA ARG I 71 26.94 0.25 -28.53
C ARG I 71 28.14 0.49 -29.40
N LEU I 72 28.69 -0.55 -30.01
CA LEU I 72 29.90 -0.37 -30.74
C LEU I 72 29.63 -0.21 -32.21
N ASN I 73 28.56 -0.80 -32.69
CA ASN I 73 28.35 -0.90 -34.14
C ASN I 73 27.13 -0.27 -34.76
N HIS I 74 26.22 0.31 -33.99
CA HIS I 74 24.97 0.77 -34.56
C HIS I 74 24.73 2.21 -34.20
N CYS I 75 23.82 2.88 -34.89
CA CYS I 75 23.60 4.28 -34.65
C CYS I 75 22.43 4.61 -33.70
N GLY I 76 21.63 3.60 -33.33
CA GLY I 76 20.49 3.78 -32.42
C GLY I 76 19.77 2.46 -32.19
N ILE I 77 18.84 2.42 -31.28
CA ILE I 77 18.10 1.16 -31.06
C ILE I 77 16.62 1.45 -31.04
N VAL I 78 15.84 0.71 -31.78
CA VAL I 78 14.43 0.71 -31.63
C VAL I 78 14.15 -0.63 -30.96
N ILE I 79 13.48 -0.62 -29.84
CA ILE I 79 13.27 -1.87 -29.14
C ILE I 79 11.85 -2.11 -28.68
N ASN I 80 11.39 -3.33 -28.96
CA ASN I 80 10.14 -3.85 -28.45
C ASN I 80 10.55 -5.00 -27.54
N PRO I 81 10.73 -4.73 -26.25
CA PRO I 81 11.26 -5.76 -25.35
C PRO I 81 10.22 -6.76 -24.98
N ALA I 82 9.00 -6.54 -25.42
CA ALA I 82 7.88 -7.37 -25.08
C ALA I 82 7.76 -7.66 -23.59
N ALA I 83 7.61 -8.92 -23.21
CA ALA I 83 7.39 -9.25 -21.81
C ALA I 83 8.49 -8.79 -20.91
N TYR I 84 9.71 -8.81 -21.39
CA TYR I 84 10.83 -8.34 -20.63
C TYR I 84 10.78 -6.87 -20.32
N SER I 85 9.95 -6.11 -21.04
CA SER I 85 9.68 -4.72 -20.65
C SER I 85 9.29 -4.58 -19.20
N HIS I 86 8.51 -5.55 -18.72
CA HIS I 86 7.95 -5.45 -17.40
C HIS I 86 8.76 -6.14 -16.36
N THR I 87 9.77 -6.90 -16.74
CA THR I 87 10.52 -7.64 -15.72
C THR I 87 12.03 -7.52 -15.75
N SER I 88 12.61 -6.99 -16.83
CA SER I 88 14.04 -7.07 -16.97
C SER I 88 14.77 -5.84 -16.55
N VAL I 89 15.33 -5.85 -15.33
CA VAL I 89 16.26 -4.84 -14.95
C VAL I 89 17.59 -4.99 -15.75
N ALA I 90 17.82 -6.19 -16.25
CA ALA I 90 19.04 -6.42 -16.97
C ALA I 90 19.13 -5.66 -18.29
N ILE I 91 18.00 -5.56 -18.98
CA ILE I 91 17.96 -4.90 -20.27
C ILE I 91 18.05 -3.41 -20.02
N LEU I 92 17.43 -2.95 -18.95
CA LEU I 92 17.57 -1.56 -18.56
C LEU I 92 19.03 -1.18 -18.36
N ASP I 93 19.70 -1.91 -17.54
CA ASP I 93 21.08 -1.63 -17.28
C ASP I 93 21.95 -1.75 -18.53
N ALA I 94 21.60 -2.62 -19.44
CA ALA I 94 22.39 -2.73 -20.63
C ALA I 94 22.25 -1.47 -21.45
N LEU I 95 21.01 -0.98 -21.54
CA LEU I 95 20.75 0.26 -22.24
C LEU I 95 21.41 1.44 -21.56
N ASN I 96 21.56 1.36 -20.26
CA ASN I 96 22.14 2.46 -19.54
C ASN I 96 23.64 2.53 -19.89
N THR I 97 24.22 1.46 -20.43
CA THR I 97 25.61 1.58 -20.83
C THR I 97 25.76 2.24 -22.20
N CYS I 98 24.67 2.36 -22.96
CA CYS I 98 24.73 2.99 -24.26
C CYS I 98 24.69 4.47 -24.17
N ASP I 99 25.70 5.02 -23.55
CA ASP I 99 25.73 6.47 -23.35
C ASP I 99 25.74 7.21 -24.66
N GLY I 100 24.76 8.10 -24.84
CA GLY I 100 24.68 8.93 -26.02
C GLY I 100 23.94 8.30 -27.20
N LEU I 101 23.63 7.02 -27.11
CA LEU I 101 22.95 6.35 -28.18
C LEU I 101 21.45 6.53 -28.05
N PRO I 102 20.78 6.94 -29.12
CA PRO I 102 19.32 7.13 -29.09
C PRO I 102 18.61 5.78 -29.01
N VAL I 103 17.68 5.69 -28.06
CA VAL I 103 16.84 4.52 -27.88
C VAL I 103 15.36 4.88 -27.94
N VAL I 104 14.60 4.19 -28.76
CA VAL I 104 13.17 4.34 -28.77
C VAL I 104 12.52 2.96 -28.47
N GLU I 105 11.63 2.98 -27.49
CA GLU I 105 10.87 1.84 -27.04
C GLU I 105 9.55 1.78 -27.78
N VAL I 106 9.20 0.62 -28.31
CA VAL I 106 7.95 0.50 -29.06
C VAL I 106 7.09 -0.65 -28.55
N HIS I 107 5.79 -0.42 -28.41
CA HIS I 107 4.82 -1.45 -28.07
C HIS I 107 3.73 -1.40 -29.16
N ILE I 108 3.39 -2.54 -29.76
CA ILE I 108 2.32 -2.62 -30.73
C ILE I 108 0.99 -2.36 -30.09
N SER I 109 0.74 -3.02 -28.94
CA SER I 109 -0.52 -2.84 -28.21
C SER I 109 -0.40 -1.69 -27.27
N ASN I 110 -1.54 -1.22 -26.76
CA ASN I 110 -1.55 -0.11 -25.82
C ASN I 110 -1.52 -0.74 -24.44
N ILE I 111 -0.33 -0.79 -23.86
CA ILE I 111 -0.18 -1.51 -22.65
C ILE I 111 -0.99 -0.97 -21.52
N HIS I 112 -1.38 0.29 -21.63
CA HIS I 112 -2.02 0.97 -20.55
C HIS I 112 -3.46 0.55 -20.48
N GLN I 113 -3.92 -0.19 -21.45
CA GLN I 113 -5.27 -0.69 -21.41
C GLN I 113 -5.33 -2.13 -21.05
N ARG I 114 -4.19 -2.71 -20.68
CA ARG I 114 -4.22 -4.14 -20.44
C ARG I 114 -4.04 -4.36 -18.98
N GLU I 115 -3.56 -5.54 -18.61
CA GLU I 115 -3.38 -5.88 -17.24
C GLU I 115 -2.45 -4.91 -16.56
N PRO I 116 -2.73 -4.62 -15.28
CA PRO I 116 -1.87 -3.72 -14.48
C PRO I 116 -0.38 -4.03 -14.51
N PHE I 117 0.03 -5.31 -14.57
CA PHE I 117 1.45 -5.58 -14.56
C PHE I 117 2.12 -5.15 -15.90
N ARG I 118 1.33 -4.91 -16.93
CA ARG I 118 1.92 -4.38 -18.17
C ARG I 118 2.02 -2.88 -18.17
N HIS I 119 1.47 -2.22 -17.17
CA HIS I 119 1.48 -0.77 -17.17
C HIS I 119 2.85 -0.21 -16.93
N HIS I 120 3.72 -0.99 -16.31
CA HIS I 120 5.05 -0.51 -16.00
C HIS I 120 6.13 -1.16 -16.88
N SER I 121 7.02 -0.31 -17.38
CA SER I 121 8.17 -0.73 -18.12
C SER I 121 9.49 -0.22 -17.60
N TYR I 122 10.43 -1.10 -17.34
CA TYR I 122 11.74 -0.67 -16.89
C TYR I 122 12.47 0.12 -17.98
N VAL I 123 12.23 -0.24 -19.24
CA VAL I 123 12.94 0.38 -20.31
C VAL I 123 12.57 1.83 -20.49
N SER I 124 11.35 2.19 -20.15
CA SER I 124 10.87 3.54 -20.29
C SER I 124 11.66 4.56 -19.49
N GLN I 125 12.32 4.11 -18.43
CA GLN I 125 13.18 5.00 -17.64
C GLN I 125 14.44 5.49 -18.39
N ARG I 126 14.93 4.70 -19.32
CA ARG I 126 16.06 5.07 -20.12
C ARG I 126 15.72 5.56 -21.55
N ALA I 127 14.67 5.02 -22.12
CA ALA I 127 14.38 5.32 -23.49
C ALA I 127 14.15 6.78 -23.73
N ASP I 128 14.65 7.27 -24.85
CA ASP I 128 14.40 8.64 -25.17
C ASP I 128 12.90 8.86 -25.47
N GLY I 129 12.33 7.96 -26.26
CA GLY I 129 10.95 8.05 -26.62
C GLY I 129 10.26 6.72 -26.47
N VAL I 130 8.95 6.78 -26.26
CA VAL I 130 8.15 5.60 -26.06
C VAL I 130 6.92 5.72 -26.87
N VAL I 131 6.65 4.71 -27.68
CA VAL I 131 5.47 4.67 -28.53
C VAL I 131 4.69 3.39 -28.21
N ALA I 132 3.43 3.54 -27.92
CA ALA I 132 2.59 2.43 -27.61
C ALA I 132 1.24 2.53 -28.30
N GLY I 133 0.77 1.37 -28.74
CA GLY I 133 -0.56 1.28 -29.27
C GLY I 133 -0.79 1.92 -30.62
N CYS I 134 0.29 2.15 -31.37
CA CYS I 134 0.19 2.59 -32.76
C CYS I 134 0.37 1.44 -33.72
N GLY I 135 0.10 0.20 -33.29
CA GLY I 135 0.28 -0.95 -34.18
C GLY I 135 1.70 -1.09 -34.71
N VAL I 136 1.91 -1.82 -35.80
CA VAL I 136 3.26 -1.93 -36.35
C VAL I 136 3.80 -0.62 -36.91
N GLN I 137 2.91 0.35 -37.14
CA GLN I 137 3.31 1.64 -37.55
C GLN I 137 4.23 2.26 -36.48
N GLY I 138 4.08 1.87 -35.22
CA GLY I 138 4.97 2.43 -34.22
C GLY I 138 6.46 2.21 -34.47
N TYR I 139 6.76 1.08 -35.06
CA TYR I 139 8.16 0.82 -35.51
C TYR I 139 8.67 1.84 -36.51
N VAL I 140 7.81 2.35 -37.38
CA VAL I 140 8.21 3.36 -38.35
C VAL I 140 8.50 4.65 -37.64
N PHE I 141 7.63 4.98 -36.70
CA PHE I 141 7.84 6.15 -35.86
C PHE I 141 9.19 6.04 -35.20
N GLY I 142 9.46 4.86 -34.69
CA GLY I 142 10.71 4.66 -34.02
C GLY I 142 11.94 4.91 -34.89
N VAL I 143 11.89 4.43 -36.13
CA VAL I 143 13.00 4.63 -37.05
C VAL I 143 13.16 6.13 -37.38
N GLU I 144 12.03 6.77 -37.52
CA GLU I 144 12.01 8.16 -37.81
C GLU I 144 12.51 9.05 -36.71
N ARG I 145 12.22 8.69 -35.48
CA ARG I 145 12.75 9.46 -34.41
C ARG I 145 14.29 9.24 -34.31
N ILE I 146 14.73 8.01 -34.50
CA ILE I 146 16.19 7.75 -34.46
C ILE I 146 16.88 8.57 -35.55
N ALA I 147 16.27 8.63 -36.71
CA ALA I 147 16.87 9.37 -37.79
C ALA I 147 17.04 10.85 -37.43
N ALA I 148 16.10 11.39 -36.70
CA ALA I 148 16.13 12.77 -36.38
C ALA I 148 17.06 13.02 -35.25
N LEU I 149 17.26 12.05 -34.37
CA LEU I 149 18.19 12.24 -33.26
C LEU I 149 19.62 11.96 -33.65
N ALA I 150 19.76 10.96 -34.49
CA ALA I 150 21.08 10.56 -34.90
C ALA I 150 21.62 11.63 -35.83
N GLY I 151 20.73 12.21 -36.66
CA GLY I 151 21.04 13.40 -37.46
C GLY I 151 21.68 14.53 -36.64
N PRO J 2 -32.64 28.17 5.69
CA PRO J 2 -33.80 27.21 5.77
C PRO J 2 -35.06 27.74 5.12
N ARG J 3 -35.05 27.47 3.82
CA ARG J 3 -36.16 27.70 2.95
C ARG J 3 -36.87 26.38 2.76
N SER J 4 -38.16 26.44 2.47
CA SER J 4 -38.98 25.24 2.33
C SER J 4 -39.17 25.03 0.84
N LEU J 5 -39.70 23.87 0.49
CA LEU J 5 -39.99 23.60 -0.91
C LEU J 5 -40.90 24.68 -1.52
N ALA J 6 -41.60 25.38 -0.65
CA ALA J 6 -42.58 26.38 -1.10
C ALA J 6 -41.95 27.74 -1.31
N ASN J 7 -40.87 28.00 -0.62
CA ASN J 7 -40.27 29.34 -0.68
C ASN J 7 -39.18 29.45 -1.71
N ALA J 8 -38.70 28.30 -2.18
CA ALA J 8 -37.48 28.29 -2.95
C ALA J 8 -37.39 27.01 -3.74
N PRO J 9 -36.82 27.05 -4.92
CA PRO J 9 -36.65 25.81 -5.69
C PRO J 9 -35.51 24.93 -5.21
N ILE J 10 -35.59 23.69 -5.68
CA ILE J 10 -34.54 22.71 -5.54
C ILE J 10 -33.58 22.88 -6.67
N MET J 11 -32.31 23.07 -6.35
CA MET J 11 -31.34 23.17 -7.41
C MET J 11 -30.90 21.79 -7.80
N ILE J 12 -30.95 21.43 -9.09
CA ILE J 12 -30.51 20.10 -9.55
C ILE J 12 -29.30 20.36 -10.40
N LEU J 13 -28.11 19.98 -9.93
CA LEU J 13 -26.89 20.21 -10.67
C LEU J 13 -26.32 19.00 -11.39
N ASN J 14 -25.89 19.18 -12.62
CA ASN J 14 -25.38 18.10 -13.42
C ASN J 14 -24.04 18.50 -13.90
N GLY J 15 -23.08 17.58 -13.78
CA GLY J 15 -21.68 17.85 -14.10
C GLY J 15 -21.35 17.47 -15.50
N PRO J 16 -20.07 17.33 -15.80
CA PRO J 16 -19.61 17.18 -17.17
C PRO J 16 -20.07 15.98 -17.98
N ASN J 17 -20.13 16.21 -19.28
CA ASN J 17 -20.61 15.25 -20.22
C ASN J 17 -22.08 14.81 -20.12
N LEU J 18 -22.80 15.28 -19.11
CA LEU J 18 -24.17 14.79 -18.95
C LEU J 18 -25.05 15.46 -20.03
N ASN J 19 -24.59 16.55 -20.64
CA ASN J 19 -25.32 17.16 -21.74
C ASN J 19 -25.55 16.13 -22.83
N LEU J 20 -24.73 15.10 -22.88
CA LEU J 20 -24.93 14.12 -23.94
C LEU J 20 -25.72 12.94 -23.49
N LEU J 21 -26.29 12.98 -22.31
CA LEU J 21 -27.12 11.86 -21.85
C LEU J 21 -28.14 11.45 -22.90
N GLY J 22 -28.22 10.14 -23.11
CA GLY J 22 -29.16 9.49 -24.00
C GLY J 22 -28.70 9.41 -25.45
N GLN J 23 -27.42 9.69 -25.68
CA GLN J 23 -26.87 9.66 -27.02
C GLN J 23 -25.62 8.80 -27.13
N ARG J 24 -25.23 8.20 -26.02
CA ARG J 24 -24.03 7.37 -25.98
C ARG J 24 -24.05 6.45 -24.77
N GLN J 25 -23.46 5.26 -24.93
CA GLN J 25 -23.38 4.31 -23.83
C GLN J 25 -24.74 4.20 -23.13
N PRO J 26 -25.79 3.88 -23.89
CA PRO J 26 -27.14 3.73 -23.33
C PRO J 26 -27.17 2.61 -22.30
N GLU J 27 -26.50 1.49 -22.60
CA GLU J 27 -26.44 0.37 -21.66
C GLU J 27 -25.93 0.80 -20.28
N ILE J 28 -25.22 1.93 -20.24
CA ILE J 28 -24.67 2.45 -19.00
C ILE J 28 -25.52 3.58 -18.46
N TYR J 29 -25.86 4.52 -19.32
CA TYR J 29 -26.57 5.71 -18.90
C TYR J 29 -28.04 5.76 -19.29
N GLY J 30 -28.42 4.85 -20.16
CA GLY J 30 -29.80 4.75 -20.62
C GLY J 30 -30.00 5.60 -21.83
N SER J 31 -31.24 5.66 -22.31
CA SER J 31 -31.55 6.39 -23.53
C SER J 31 -32.42 7.63 -23.34
N ASP J 32 -32.64 7.99 -22.10
CA ASP J 32 -33.34 9.22 -21.80
C ASP J 32 -32.37 10.35 -21.91
N THR J 33 -32.84 11.53 -22.28
CA THR J 33 -31.96 12.67 -22.39
C THR J 33 -32.06 13.52 -21.15
N LEU J 34 -31.23 14.52 -21.10
CA LEU J 34 -31.18 15.39 -19.94
C LEU J 34 -32.50 16.14 -19.83
N ALA J 35 -33.05 16.50 -20.98
CA ALA J 35 -34.37 17.14 -20.96
C ALA J 35 -35.43 16.21 -20.40
N ASP J 36 -35.35 14.91 -20.68
CA ASP J 36 -36.27 13.95 -20.10
C ASP J 36 -36.13 13.94 -18.58
N VAL J 37 -34.90 14.08 -18.11
CA VAL J 37 -34.64 14.04 -16.68
C VAL J 37 -35.25 15.29 -16.13
N GLU J 38 -34.99 16.41 -16.73
CA GLU J 38 -35.52 17.62 -16.14
C GLU J 38 -37.03 17.48 -15.95
N ALA J 39 -37.67 16.93 -16.97
CA ALA J 39 -39.12 16.80 -16.88
C ALA J 39 -39.48 15.90 -15.75
N LEU J 40 -38.69 14.87 -15.50
CA LEU J 40 -39.06 13.97 -14.41
C LEU J 40 -38.96 14.72 -13.16
N CYS J 41 -37.93 15.54 -13.06
CA CYS J 41 -37.72 16.27 -11.82
C CYS J 41 -38.83 17.28 -11.58
N VAL J 42 -39.26 17.94 -12.63
CA VAL J 42 -40.26 18.99 -12.48
C VAL J 42 -41.55 18.39 -11.89
N LYS J 43 -41.91 17.24 -12.41
CA LYS J 43 -43.09 16.52 -11.98
C LYS J 43 -43.03 16.03 -10.56
N ALA J 44 -41.89 15.40 -10.19
CA ALA J 44 -41.71 14.90 -8.85
C ALA J 44 -41.83 16.08 -7.93
N ALA J 45 -41.25 17.20 -8.26
CA ALA J 45 -41.26 18.29 -7.29
C ALA J 45 -42.64 18.91 -7.18
N ALA J 46 -43.34 18.90 -8.30
CA ALA J 46 -44.62 19.57 -8.27
C ALA J 46 -45.57 18.83 -7.37
N ALA J 47 -45.42 17.52 -7.33
CA ALA J 47 -46.29 16.75 -6.48
C ALA J 47 -46.14 17.17 -5.03
N HIS J 48 -45.03 17.82 -4.66
CA HIS J 48 -44.88 18.21 -3.26
C HIS J 48 -45.04 19.68 -3.12
N GLY J 49 -45.36 20.34 -4.22
CA GLY J 49 -45.62 21.75 -4.13
C GLY J 49 -44.40 22.57 -4.42
N GLY J 50 -43.38 21.95 -5.02
CA GLY J 50 -42.16 22.72 -5.24
C GLY J 50 -41.76 22.88 -6.68
N THR J 51 -40.64 23.57 -6.88
CA THR J 51 -40.13 23.78 -8.21
C THR J 51 -38.66 23.44 -8.25
N VAL J 52 -38.14 23.38 -9.47
CA VAL J 52 -36.73 23.07 -9.66
C VAL J 52 -36.05 24.02 -10.57
N ASP J 53 -34.74 24.09 -10.37
CA ASP J 53 -33.86 24.93 -11.12
C ASP J 53 -32.81 23.92 -11.48
N PHE J 54 -32.83 23.51 -12.76
CA PHE J 54 -32.06 22.41 -13.32
C PHE J 54 -30.91 22.99 -14.18
N ARG J 55 -29.66 22.64 -13.83
CA ARG J 55 -28.51 23.13 -14.58
C ARG J 55 -27.50 22.05 -14.89
N GLN J 56 -26.73 22.28 -15.96
CA GLN J 56 -25.65 21.39 -16.38
C GLN J 56 -24.45 22.21 -16.74
N SER J 57 -23.27 21.79 -16.27
CA SER J 57 -22.02 22.45 -16.71
C SER J 57 -20.83 21.48 -16.79
N ASN J 58 -19.91 21.80 -17.67
CA ASN J 58 -18.67 21.03 -17.84
C ASN J 58 -17.52 21.65 -17.07
N HIS J 59 -17.80 22.76 -16.39
CA HIS J 59 -16.80 23.53 -15.68
C HIS J 59 -16.94 23.42 -14.19
N GLU J 60 -15.88 22.91 -13.57
CA GLU J 60 -15.82 22.73 -12.14
C GLU J 60 -16.12 24.02 -11.38
N GLY J 61 -15.48 25.11 -11.79
CA GLY J 61 -15.63 26.38 -11.11
C GLY J 61 -17.06 26.93 -11.21
N GLU J 62 -17.73 26.62 -12.30
CA GLU J 62 -19.06 27.12 -12.48
C GLU J 62 -20.00 26.36 -11.58
N LEU J 63 -19.75 25.07 -11.41
CA LEU J 63 -20.57 24.31 -10.49
C LEU J 63 -20.37 24.93 -9.10
N VAL J 64 -19.16 25.32 -8.77
CA VAL J 64 -18.91 25.87 -7.45
C VAL J 64 -19.71 27.15 -7.33
N ASP J 65 -19.66 28.01 -8.33
CA ASP J 65 -20.43 29.24 -8.27
C ASP J 65 -21.90 28.91 -8.04
N TRP J 66 -22.39 27.92 -8.72
CA TRP J 66 -23.79 27.67 -8.57
C TRP J 66 -24.12 27.18 -7.19
N ILE J 67 -23.17 26.50 -6.54
CA ILE J 67 -23.45 25.98 -5.22
C ILE J 67 -23.54 27.11 -4.27
N HIS J 68 -22.73 28.14 -4.51
CA HIS J 68 -22.79 29.32 -3.66
C HIS J 68 -24.11 30.03 -3.83
N GLU J 69 -24.67 29.95 -5.01
CA GLU J 69 -25.92 30.63 -5.27
C GLU J 69 -26.98 29.84 -4.56
N ALA J 70 -26.84 28.53 -4.55
CA ALA J 70 -27.86 27.74 -3.90
C ALA J 70 -27.93 28.02 -2.41
N ARG J 71 -26.82 28.32 -1.77
CA ARG J 71 -26.88 28.56 -0.34
C ARG J 71 -27.79 29.69 0.02
N LEU J 72 -27.96 30.64 -0.88
CA LEU J 72 -28.75 31.81 -0.55
C LEU J 72 -30.15 31.70 -1.08
N ASN J 73 -30.36 30.96 -2.16
CA ASN J 73 -31.66 30.98 -2.83
C ASN J 73 -32.45 29.68 -3.03
N HIS J 74 -31.95 28.53 -2.58
CA HIS J 74 -32.66 27.31 -2.87
C HIS J 74 -32.88 26.52 -1.63
N CYS J 75 -33.71 25.49 -1.71
CA CYS J 75 -34.05 24.76 -0.50
C CYS J 75 -33.25 23.48 -0.35
N GLY J 76 -32.56 23.02 -1.39
CA GLY J 76 -31.74 21.81 -1.26
C GLY J 76 -30.98 21.63 -2.54
N ILE J 77 -30.11 20.62 -2.65
CA ILE J 77 -29.38 20.37 -3.89
C ILE J 77 -29.37 18.90 -4.18
N VAL J 78 -29.74 18.53 -5.40
CA VAL J 78 -29.62 17.18 -5.86
C VAL J 78 -28.47 17.34 -6.84
N ILE J 79 -27.41 16.57 -6.66
CA ILE J 79 -26.26 16.76 -7.56
C ILE J 79 -25.67 15.47 -8.10
N ASN J 80 -25.42 15.49 -9.38
CA ASN J 80 -24.75 14.42 -10.09
C ASN J 80 -23.50 15.06 -10.61
N PRO J 81 -22.40 15.00 -9.85
CA PRO J 81 -21.17 15.72 -10.22
C PRO J 81 -20.41 15.00 -11.28
N ALA J 82 -20.92 13.87 -11.70
CA ALA J 82 -20.30 13.12 -12.69
C ALA J 82 -18.80 12.96 -12.45
N ALA J 83 -17.96 13.28 -13.44
CA ALA J 83 -16.51 13.00 -13.29
C ALA J 83 -15.92 13.73 -12.15
N TYR J 84 -16.39 14.93 -11.86
CA TYR J 84 -15.87 15.70 -10.73
C TYR J 84 -16.18 15.06 -9.36
N SER J 85 -17.11 14.13 -9.35
CA SER J 85 -17.29 13.31 -8.12
C SER J 85 -15.98 12.76 -7.61
N HIS J 86 -15.15 12.31 -8.55
CA HIS J 86 -13.93 11.59 -8.19
C HIS J 86 -12.74 12.45 -8.06
N THR J 87 -12.84 13.69 -8.46
CA THR J 87 -11.64 14.50 -8.43
C THR J 87 -11.76 15.84 -7.74
N SER J 88 -12.96 16.29 -7.42
CA SER J 88 -13.06 17.70 -7.04
C SER J 88 -13.18 17.91 -5.59
N VAL J 89 -12.09 18.23 -4.96
CA VAL J 89 -12.21 18.66 -3.59
C VAL J 89 -12.94 20.02 -3.52
N ALA J 90 -12.94 20.74 -4.62
CA ALA J 90 -13.50 22.08 -4.59
C ALA J 90 -14.98 22.04 -4.46
N ILE J 91 -15.63 21.10 -5.08
CA ILE J 91 -17.07 21.01 -4.99
C ILE J 91 -17.41 20.58 -3.59
N LEU J 92 -16.60 19.69 -3.01
CA LEU J 92 -16.86 19.23 -1.66
C LEU J 92 -16.88 20.42 -0.73
N ASP J 93 -15.85 21.25 -0.81
CA ASP J 93 -15.74 22.38 0.10
C ASP J 93 -16.85 23.39 -0.17
N ALA J 94 -17.36 23.44 -1.38
CA ALA J 94 -18.39 24.41 -1.66
C ALA J 94 -19.62 23.93 -0.96
N LEU J 95 -19.90 22.63 -1.04
CA LEU J 95 -21.01 22.05 -0.36
C LEU J 95 -20.85 22.14 1.09
N ASN J 96 -19.63 22.14 1.62
CA ASN J 96 -19.43 22.18 3.06
C ASN J 96 -19.82 23.55 3.62
N THR J 97 -19.95 24.53 2.74
CA THR J 97 -20.36 25.87 3.19
C THR J 97 -21.86 25.99 3.29
N CYS J 98 -22.58 25.06 2.67
CA CYS J 98 -24.03 25.02 2.72
C CYS J 98 -24.51 24.40 3.99
N ASP J 99 -24.21 25.07 5.09
CA ASP J 99 -24.60 24.54 6.40
C ASP J 99 -26.10 24.42 6.52
N GLY J 100 -26.55 23.22 6.88
CA GLY J 100 -27.98 23.03 7.11
C GLY J 100 -28.76 22.70 5.84
N LEU J 101 -28.17 22.95 4.67
CA LEU J 101 -28.86 22.66 3.43
C LEU J 101 -28.80 21.19 3.05
N PRO J 102 -29.93 20.58 2.73
CA PRO J 102 -29.94 19.18 2.35
C PRO J 102 -29.30 18.97 1.01
N VAL J 103 -28.43 17.97 0.93
CA VAL J 103 -27.76 17.58 -0.33
C VAL J 103 -27.93 16.13 -0.64
N VAL J 104 -28.35 15.77 -1.83
CA VAL J 104 -28.41 14.37 -2.19
C VAL J 104 -27.64 14.22 -3.44
N GLU J 105 -26.72 13.26 -3.42
CA GLU J 105 -25.82 12.93 -4.51
C GLU J 105 -26.43 11.83 -5.33
N VAL J 106 -26.46 11.95 -6.64
CA VAL J 106 -27.05 10.94 -7.49
C VAL J 106 -26.11 10.52 -8.56
N HIS J 107 -26.13 9.21 -8.86
CA HIS J 107 -25.37 8.66 -9.98
C HIS J 107 -26.27 7.74 -10.70
N ILE J 108 -26.32 7.87 -12.01
CA ILE J 108 -27.19 7.08 -12.84
C ILE J 108 -26.70 5.65 -12.87
N SER J 109 -25.38 5.50 -13.11
CA SER J 109 -24.76 4.18 -13.18
C SER J 109 -24.36 3.79 -11.79
N ASN J 110 -24.08 2.50 -11.62
CA ASN J 110 -23.65 1.97 -10.37
C ASN J 110 -22.15 2.04 -10.40
N ILE J 111 -21.61 3.09 -9.82
CA ILE J 111 -20.18 3.33 -9.90
C ILE J 111 -19.34 2.27 -9.25
N HIS J 112 -19.95 1.47 -8.40
CA HIS J 112 -19.20 0.47 -7.65
C HIS J 112 -18.87 -0.71 -8.50
N GLN J 113 -19.51 -0.81 -9.64
CA GLN J 113 -19.24 -1.90 -10.56
C GLN J 113 -18.33 -1.44 -11.70
N ARG J 114 -17.83 -0.22 -11.65
CA ARG J 114 -17.03 0.26 -12.75
C ARG J 114 -15.58 0.33 -12.35
N GLU J 115 -14.79 1.12 -13.04
CA GLU J 115 -13.39 1.23 -12.76
C GLU J 115 -13.15 1.70 -11.37
N PRO J 116 -12.10 1.18 -10.75
CA PRO J 116 -11.79 1.50 -9.37
C PRO J 116 -11.75 2.97 -9.09
N PHE J 117 -11.29 3.78 -10.03
CA PHE J 117 -11.18 5.19 -9.71
C PHE J 117 -12.58 5.79 -9.59
N ARG J 118 -13.60 5.14 -10.11
CA ARG J 118 -14.95 5.67 -9.91
C ARG J 118 -15.59 5.26 -8.54
N HIS J 119 -14.95 4.36 -7.80
CA HIS J 119 -15.49 3.88 -6.52
C HIS J 119 -15.56 4.97 -5.45
N HIS J 120 -14.67 5.93 -5.54
CA HIS J 120 -14.63 6.95 -4.56
C HIS J 120 -15.23 8.27 -5.01
N SER J 121 -15.96 8.87 -4.09
CA SER J 121 -16.55 10.18 -4.30
C SER J 121 -16.36 11.16 -3.20
N TYR J 122 -15.78 12.29 -3.49
CA TYR J 122 -15.55 13.32 -2.48
C TYR J 122 -16.84 13.86 -1.98
N VAL J 123 -17.81 13.92 -2.86
CA VAL J 123 -19.08 14.48 -2.47
C VAL J 123 -19.79 13.66 -1.43
N SER J 124 -19.60 12.37 -1.46
CA SER J 124 -20.32 11.49 -0.54
C SER J 124 -20.03 11.80 0.90
N GLN J 125 -18.91 12.42 1.18
CA GLN J 125 -18.54 12.70 2.55
C GLN J 125 -19.45 13.74 3.15
N ARG J 126 -19.99 14.62 2.30
CA ARG J 126 -20.87 15.70 2.77
C ARG J 126 -22.36 15.46 2.48
N ALA J 127 -22.66 14.71 1.44
CA ALA J 127 -24.03 14.49 1.08
C ALA J 127 -24.81 13.76 2.13
N ASP J 128 -26.04 14.19 2.34
CA ASP J 128 -26.86 13.52 3.29
C ASP J 128 -27.15 12.17 2.78
N GLY J 129 -27.48 12.06 1.50
CA GLY J 129 -27.81 10.75 0.92
C GLY J 129 -27.16 10.58 -0.43
N VAL J 130 -26.95 9.33 -0.86
CA VAL J 130 -26.28 8.99 -2.05
C VAL J 130 -27.07 7.89 -2.74
N VAL J 131 -27.40 8.08 -4.02
CA VAL J 131 -28.20 7.11 -4.76
C VAL J 131 -27.40 6.80 -5.98
N ALA J 132 -27.16 5.52 -6.24
CA ALA J 132 -26.38 5.10 -7.38
C ALA J 132 -26.99 3.89 -8.06
N GLY J 133 -26.97 3.93 -9.37
CA GLY J 133 -27.42 2.79 -10.15
C GLY J 133 -28.93 2.61 -10.24
N CYS J 134 -29.68 3.59 -9.79
CA CYS J 134 -31.11 3.56 -10.03
C CYS J 134 -31.51 4.29 -11.31
N GLY J 135 -30.61 4.43 -12.27
CA GLY J 135 -30.96 5.11 -13.53
C GLY J 135 -31.37 6.53 -13.24
N VAL J 136 -32.12 7.12 -14.15
CA VAL J 136 -32.62 8.47 -13.96
C VAL J 136 -33.70 8.52 -12.95
N GLN J 137 -34.26 7.36 -12.62
CA GLN J 137 -35.22 7.32 -11.54
C GLN J 137 -34.55 7.83 -10.24
N GLY J 138 -33.22 7.68 -10.13
CA GLY J 138 -32.51 8.17 -8.97
C GLY J 138 -32.70 9.65 -8.75
N TYR J 139 -32.85 10.43 -9.79
CA TYR J 139 -33.11 11.85 -9.61
C TYR J 139 -34.40 12.14 -8.91
N VAL J 140 -35.40 11.27 -9.12
CA VAL J 140 -36.71 11.44 -8.47
C VAL J 140 -36.58 11.13 -7.03
N PHE J 141 -35.86 10.05 -6.71
CA PHE J 141 -35.57 9.69 -5.30
C PHE J 141 -34.90 10.87 -4.70
N GLY J 142 -33.98 11.50 -5.41
CA GLY J 142 -33.35 12.65 -4.84
C GLY J 142 -34.31 13.78 -4.51
N VAL J 143 -35.23 14.07 -5.40
CA VAL J 143 -36.14 15.16 -5.14
C VAL J 143 -37.03 14.80 -3.98
N GLU J 144 -37.37 13.55 -3.91
CA GLU J 144 -38.19 13.13 -2.85
C GLU J 144 -37.51 13.21 -1.54
N ARG J 145 -36.24 12.84 -1.46
CA ARG J 145 -35.62 12.91 -0.14
C ARG J 145 -35.49 14.37 0.27
N ILE J 146 -35.21 15.25 -0.68
CA ILE J 146 -35.05 16.68 -0.32
C ILE J 146 -36.37 17.23 0.20
N ALA J 147 -37.47 16.77 -0.39
CA ALA J 147 -38.79 17.21 0.08
C ALA J 147 -39.04 16.79 1.51
N ALA J 148 -38.58 15.62 1.86
CA ALA J 148 -38.85 15.12 3.19
C ALA J 148 -37.95 15.76 4.18
N LEU J 149 -36.76 16.19 3.79
CA LEU J 149 -35.84 16.80 4.72
C LEU J 149 -36.12 18.26 4.87
N ALA J 150 -36.52 18.88 3.77
CA ALA J 150 -36.76 20.31 3.78
C ALA J 150 -38.04 20.55 4.55
N GLY J 151 -38.98 19.62 4.39
CA GLY J 151 -40.19 19.60 5.22
C GLY J 151 -39.88 19.75 6.73
N PRO K 2 -17.88 9.02 -38.65
CA PRO K 2 -16.77 8.57 -39.55
C PRO K 2 -16.61 9.46 -40.77
N ARG K 3 -15.85 10.49 -40.48
CA ARG K 3 -15.39 11.44 -41.44
C ARG K 3 -13.98 11.05 -41.80
N SER K 4 -13.57 11.40 -43.01
CA SER K 4 -12.23 11.04 -43.50
C SER K 4 -11.38 12.28 -43.39
N LEU K 5 -10.08 12.13 -43.54
CA LEU K 5 -9.19 13.27 -43.54
C LEU K 5 -9.66 14.30 -44.56
N ALA K 6 -10.39 13.85 -45.58
CA ALA K 6 -10.78 14.75 -46.67
C ALA K 6 -12.04 15.52 -46.36
N ASN K 7 -12.85 15.01 -45.47
CA ASN K 7 -14.16 15.62 -45.16
C ASN K 7 -14.12 16.54 -43.97
N ALA K 8 -13.06 16.42 -43.16
CA ALA K 8 -13.05 17.05 -41.85
C ALA K 8 -11.62 17.16 -41.36
N PRO K 9 -11.32 18.25 -40.67
CA PRO K 9 -9.99 18.39 -40.10
C PRO K 9 -9.70 17.45 -38.91
N ILE K 10 -8.43 17.34 -38.62
CA ILE K 10 -7.95 16.73 -37.39
C ILE K 10 -7.92 17.80 -36.36
N MET K 11 -8.52 17.54 -35.21
CA MET K 11 -8.49 18.45 -34.10
C MET K 11 -7.22 18.15 -33.29
N ILE K 12 -6.40 19.17 -33.05
CA ILE K 12 -5.21 19.02 -32.25
C ILE K 12 -5.47 19.84 -31.00
N LEU K 13 -5.63 19.19 -29.85
CA LEU K 13 -5.83 19.88 -28.60
C LEU K 13 -4.66 19.87 -27.68
N ASN K 14 -4.38 21.02 -27.09
CA ASN K 14 -3.27 21.22 -26.21
C ASN K 14 -3.81 21.74 -24.91
N GLY K 15 -3.36 21.17 -23.81
CA GLY K 15 -3.81 21.57 -22.50
C GLY K 15 -2.98 22.68 -21.86
N PRO K 16 -3.10 22.79 -20.57
CA PRO K 16 -2.53 23.93 -19.88
C PRO K 16 -1.03 24.16 -19.97
N ASN K 17 -0.71 25.41 -19.84
CA ASN K 17 0.68 25.89 -19.88
C ASN K 17 1.40 25.70 -21.20
N LEU K 18 0.81 25.07 -22.17
CA LEU K 18 1.56 24.78 -23.40
C LEU K 18 1.64 26.07 -24.27
N ASN K 19 0.81 27.05 -23.96
CA ASN K 19 0.96 28.34 -24.59
C ASN K 19 2.37 28.88 -24.36
N LEU K 20 3.09 28.44 -23.33
CA LEU K 20 4.45 28.94 -23.13
C LEU K 20 5.52 28.04 -23.72
N LEU K 21 5.14 27.07 -24.50
CA LEU K 21 6.12 26.21 -25.11
C LEU K 21 7.21 27.01 -25.79
N GLY K 22 8.45 26.58 -25.52
CA GLY K 22 9.62 27.15 -26.14
C GLY K 22 10.15 28.40 -25.46
N GLN K 23 9.67 28.68 -24.26
CA GLN K 23 10.10 29.83 -23.49
C GLN K 23 10.57 29.48 -22.09
N ARG K 24 10.52 28.19 -21.74
CA ARG K 24 10.89 27.72 -20.41
C ARG K 24 11.18 26.23 -20.45
N GLN K 25 12.09 25.79 -19.57
CA GLN K 25 12.45 24.39 -19.47
C GLN K 25 12.64 23.78 -20.86
N PRO K 26 13.52 24.39 -21.66
CA PRO K 26 13.78 23.88 -23.00
C PRO K 26 14.35 22.48 -22.95
N GLU K 27 15.25 22.21 -21.99
CA GLU K 27 15.82 20.88 -21.85
C GLU K 27 14.74 19.81 -21.69
N ILE K 28 13.57 20.25 -21.24
CA ILE K 28 12.44 19.34 -21.06
C ILE K 28 11.48 19.42 -22.21
N TYR K 29 11.11 20.62 -22.60
CA TYR K 29 10.10 20.79 -23.64
C TYR K 29 10.63 21.25 -24.98
N GLY K 30 11.89 21.65 -25.03
CA GLY K 30 12.55 22.08 -26.25
C GLY K 30 12.37 23.57 -26.45
N SER K 31 12.86 24.09 -27.56
CA SER K 31 12.80 25.53 -27.84
C SER K 31 11.87 25.93 -29.00
N ASP K 32 11.12 24.98 -29.50
CA ASP K 32 10.12 25.28 -30.49
C ASP K 32 8.89 25.83 -29.81
N THR K 33 8.17 26.74 -30.45
CA THR K 33 6.97 27.30 -29.84
C THR K 33 5.76 26.55 -30.29
N LEU K 34 4.61 26.94 -29.76
CA LEU K 34 3.41 26.26 -30.11
C LEU K 34 3.08 26.55 -31.54
N ALA K 35 3.38 27.76 -31.99
CA ALA K 35 3.22 28.08 -33.39
C ALA K 35 4.10 27.19 -34.27
N ASP K 36 5.30 26.88 -33.82
CA ASP K 36 6.13 25.95 -34.58
C ASP K 36 5.51 24.56 -34.66
N VAL K 37 4.83 24.13 -33.63
CA VAL K 37 4.22 22.83 -33.62
C VAL K 37 3.03 22.83 -34.56
N GLU K 38 2.24 23.88 -34.49
CA GLU K 38 1.08 23.97 -35.37
C GLU K 38 1.52 23.80 -36.82
N ALA K 39 2.61 24.47 -37.17
CA ALA K 39 3.09 24.42 -38.54
C ALA K 39 3.52 23.02 -38.92
N LEU K 40 4.09 22.31 -37.96
CA LEU K 40 4.49 20.94 -38.22
C LEU K 40 3.24 20.12 -38.47
N CYS K 41 2.22 20.37 -37.72
CA CYS K 41 1.03 19.59 -37.91
C CYS K 41 0.33 19.93 -39.22
N VAL K 42 0.40 21.16 -39.66
CA VAL K 42 -0.32 21.57 -40.85
C VAL K 42 0.35 20.86 -42.03
N LYS K 43 1.65 20.83 -42.01
CA LYS K 43 2.45 20.18 -43.02
C LYS K 43 2.27 18.68 -43.10
N ALA K 44 2.33 18.03 -41.94
CA ALA K 44 2.14 16.59 -41.87
C ALA K 44 0.75 16.26 -42.40
N ALA K 45 -0.25 17.03 -42.04
CA ALA K 45 -1.59 16.68 -42.50
C ALA K 45 -1.79 16.91 -43.99
N ALA K 46 -1.13 17.93 -44.51
CA ALA K 46 -1.35 18.29 -45.88
C ALA K 46 -0.81 17.23 -46.78
N ALA K 47 0.28 16.61 -46.35
CA ALA K 47 0.85 15.51 -47.12
C ALA K 47 -0.16 14.38 -47.30
N HIS K 48 -1.20 14.27 -46.46
CA HIS K 48 -2.18 13.20 -46.61
C HIS K 48 -3.47 13.74 -47.16
N GLY K 49 -3.48 15.02 -47.44
CA GLY K 49 -4.65 15.63 -48.04
C GLY K 49 -5.59 16.24 -47.03
N GLY K 50 -5.17 16.42 -45.79
CA GLY K 50 -6.09 16.90 -44.77
C GLY K 50 -5.71 18.24 -44.21
N THR K 51 -6.46 18.62 -43.21
CA THR K 51 -6.24 19.85 -42.49
C THR K 51 -6.32 19.64 -41.01
N VAL K 52 -5.99 20.70 -40.28
CA VAL K 52 -6.02 20.67 -38.86
C VAL K 52 -6.69 21.91 -38.30
N ASP K 53 -7.14 21.72 -37.08
CA ASP K 53 -7.77 22.70 -36.31
C ASP K 53 -7.03 22.57 -34.98
N PHE K 54 -6.16 23.54 -34.70
CA PHE K 54 -5.18 23.49 -33.63
C PHE K 54 -5.66 24.40 -32.54
N ARG K 55 -5.79 23.87 -31.32
CA ARG K 55 -6.22 24.68 -30.19
C ARG K 55 -5.43 24.43 -28.91
N GLN K 56 -5.41 25.46 -28.04
CA GLN K 56 -4.82 25.39 -26.75
C GLN K 56 -5.73 26.05 -25.75
N SER K 57 -5.86 25.43 -24.58
CA SER K 57 -6.57 26.03 -23.43
C SER K 57 -6.01 25.61 -22.08
N ASN K 58 -6.16 26.50 -21.12
CA ASN K 58 -5.79 26.23 -19.76
C ASN K 58 -6.95 25.72 -18.89
N HIS K 59 -8.13 25.57 -19.49
CA HIS K 59 -9.39 25.22 -18.80
C HIS K 59 -9.89 23.86 -19.16
N GLU K 60 -10.01 23.04 -18.13
CA GLU K 60 -10.45 21.72 -18.30
C GLU K 60 -11.78 21.63 -19.03
N GLY K 61 -12.70 22.52 -18.67
CA GLY K 61 -14.06 22.40 -19.17
C GLY K 61 -14.12 22.81 -20.59
N GLU K 62 -13.23 23.70 -20.97
CA GLU K 62 -13.21 24.14 -22.33
C GLU K 62 -12.64 22.99 -23.20
N LEU K 63 -11.69 22.22 -22.65
CA LEU K 63 -11.18 21.09 -23.40
C LEU K 63 -12.29 20.09 -23.62
N VAL K 64 -13.15 19.96 -22.63
CA VAL K 64 -14.26 19.04 -22.75
C VAL K 64 -15.22 19.49 -23.82
N ASP K 65 -15.54 20.78 -23.83
CA ASP K 65 -16.44 21.30 -24.83
C ASP K 65 -15.86 21.03 -26.19
N TRP K 66 -14.56 21.28 -26.35
CA TRP K 66 -13.99 21.11 -27.66
C TRP K 66 -14.01 19.64 -28.07
N ILE K 67 -13.89 18.73 -27.11
CA ILE K 67 -13.96 17.34 -27.49
C ILE K 67 -15.36 17.05 -28.03
N HIS K 68 -16.36 17.63 -27.41
CA HIS K 68 -17.74 17.36 -27.86
C HIS K 68 -17.91 17.86 -29.30
N GLU K 69 -17.27 18.98 -29.59
CA GLU K 69 -17.36 19.54 -30.88
C GLU K 69 -16.70 18.55 -31.84
N ALA K 70 -15.57 17.99 -31.44
CA ALA K 70 -14.88 17.13 -32.37
C ALA K 70 -15.71 15.98 -32.76
N ARG K 71 -16.52 15.46 -31.86
CA ARG K 71 -17.31 14.30 -32.20
C ARG K 71 -18.16 14.51 -33.40
N LEU K 72 -18.59 15.75 -33.63
CA LEU K 72 -19.52 15.99 -34.70
C LEU K 72 -18.83 16.45 -35.97
N ASN K 73 -17.71 17.14 -35.81
CA ASN K 73 -17.09 17.83 -36.91
C ASN K 73 -15.66 17.49 -37.33
N HIS K 74 -14.99 16.53 -36.68
CA HIS K 74 -13.60 16.29 -37.01
C HIS K 74 -13.40 14.84 -37.26
N CYS K 75 -12.25 14.47 -37.81
CA CYS K 75 -12.02 13.09 -38.17
C CYS K 75 -11.17 12.34 -37.17
N GLY K 76 -10.58 13.02 -36.19
CA GLY K 76 -9.76 12.37 -35.18
C GLY K 76 -9.21 13.43 -34.24
N ILE K 77 -8.61 13.03 -33.14
CA ILE K 77 -8.06 13.96 -32.17
C ILE K 77 -6.63 13.60 -31.83
N VAL K 78 -5.74 14.57 -31.91
CA VAL K 78 -4.41 14.42 -31.37
C VAL K 78 -4.41 15.29 -30.14
N ILE K 79 -4.17 14.71 -28.95
CA ILE K 79 -4.26 15.49 -27.77
C ILE K 79 -3.08 15.33 -26.86
N ASN K 80 -2.61 16.49 -26.41
CA ASN K 80 -1.63 16.65 -25.36
C ASN K 80 -2.38 17.33 -24.23
N PRO K 81 -2.91 16.56 -23.32
CA PRO K 81 -3.69 17.14 -22.23
C PRO K 81 -2.86 17.77 -21.17
N ALA K 82 -1.55 17.72 -21.31
CA ALA K 82 -0.67 18.22 -20.35
C ALA K 82 -1.04 17.86 -18.92
N ALA K 83 -1.08 18.82 -18.01
CA ALA K 83 -1.30 18.47 -16.59
C ALA K 83 -2.56 17.70 -16.33
N TYR K 84 -3.59 18.02 -17.10
CA TYR K 84 -4.85 17.32 -16.99
C TYR K 84 -4.76 15.87 -17.34
N SER K 85 -3.75 15.47 -18.08
CA SER K 85 -3.50 14.04 -18.29
C SER K 85 -3.58 13.26 -16.98
N HIS K 86 -3.04 13.86 -15.93
CA HIS K 86 -2.89 13.20 -14.66
C HIS K 86 -4.04 13.39 -13.74
N THR K 87 -4.91 14.34 -14.03
CA THR K 87 -5.99 14.60 -13.08
C THR K 87 -7.41 14.51 -13.61
N SER K 88 -7.58 14.55 -14.93
CA SER K 88 -8.91 14.75 -15.43
C SER K 88 -9.70 13.52 -15.81
N VAL K 89 -10.57 13.08 -14.96
CA VAL K 89 -11.46 12.04 -15.37
C VAL K 89 -12.49 12.63 -16.35
N ALA K 90 -12.69 13.95 -16.27
CA ALA K 90 -13.63 14.60 -17.16
C ALA K 90 -13.26 14.52 -18.63
N ILE K 91 -11.98 14.66 -18.92
CA ILE K 91 -11.54 14.58 -20.28
C ILE K 91 -11.61 13.14 -20.76
N LEU K 92 -11.33 12.19 -19.87
CA LEU K 92 -11.42 10.80 -20.24
C LEU K 92 -12.85 10.50 -20.65
N ASP K 93 -13.78 10.86 -19.80
CA ASP K 93 -15.18 10.59 -20.12
C ASP K 93 -15.66 11.31 -21.38
N ALA K 94 -15.12 12.47 -21.68
CA ALA K 94 -15.54 13.13 -22.90
C ALA K 94 -15.03 12.35 -24.10
N LEU K 95 -13.77 11.93 -24.05
CA LEU K 95 -13.24 11.09 -25.09
C LEU K 95 -13.93 9.76 -25.19
N ASN K 96 -14.49 9.24 -24.09
CA ASN K 96 -15.23 8.01 -24.16
C ASN K 96 -16.55 8.21 -24.93
N THR K 97 -17.00 9.43 -25.13
CA THR K 97 -18.23 9.61 -25.86
C THR K 97 -17.95 9.61 -27.33
N CYS K 98 -16.68 9.80 -27.72
CA CYS K 98 -16.31 9.83 -29.14
C CYS K 98 -16.17 8.42 -29.72
N ASP K 99 -17.28 7.72 -29.74
CA ASP K 99 -17.25 6.36 -30.21
C ASP K 99 -16.75 6.26 -31.67
N GLY K 100 -15.71 5.45 -31.88
CA GLY K 100 -15.24 5.19 -33.21
C GLY K 100 -14.20 6.19 -33.70
N LEU K 101 -14.08 7.31 -33.00
CA LEU K 101 -13.17 8.39 -33.39
C LEU K 101 -11.77 8.05 -32.92
N PRO K 102 -10.81 8.12 -33.81
CA PRO K 102 -9.43 7.85 -33.47
C PRO K 102 -8.85 8.94 -32.61
N VAL K 103 -8.25 8.56 -31.48
CA VAL K 103 -7.59 9.46 -30.59
C VAL K 103 -6.12 9.07 -30.36
N VAL K 104 -5.20 10.00 -30.49
CA VAL K 104 -3.83 9.71 -30.16
C VAL K 104 -3.41 10.73 -29.12
N GLU K 105 -2.83 10.22 -28.03
CA GLU K 105 -2.30 11.05 -26.94
C GLU K 105 -0.85 11.34 -27.15
N VAL K 106 -0.44 12.60 -26.99
CA VAL K 106 0.96 12.95 -27.18
C VAL K 106 1.54 13.67 -25.98
N HIS K 107 2.76 13.32 -25.62
CA HIS K 107 3.49 14.03 -24.59
C HIS K 107 4.88 14.29 -25.16
N ILE K 108 5.30 15.55 -25.08
CA ILE K 108 6.56 16.00 -25.55
C ILE K 108 7.69 15.37 -24.78
N SER K 109 7.59 15.47 -23.46
CA SER K 109 8.57 14.94 -22.52
C SER K 109 8.29 13.50 -22.26
N ASN K 110 9.26 12.79 -21.70
CA ASN K 110 9.06 11.37 -21.40
C ASN K 110 8.59 11.35 -19.98
N ILE K 111 7.28 11.31 -19.81
CA ILE K 111 6.71 11.38 -18.49
C ILE K 111 7.17 10.30 -17.55
N HIS K 112 7.64 9.17 -18.09
CA HIS K 112 7.96 8.01 -17.27
C HIS K 112 9.27 8.21 -16.54
N GLN K 113 9.96 9.26 -16.88
CA GLN K 113 11.20 9.61 -16.27
C GLN K 113 11.07 10.76 -15.37
N ARG K 114 9.87 11.24 -15.11
CA ARG K 114 9.72 12.40 -14.27
C ARG K 114 9.09 11.95 -12.94
N GLU K 115 8.46 12.89 -12.22
CA GLU K 115 7.84 12.61 -10.98
C GLU K 115 6.78 11.54 -11.12
N PRO K 116 6.66 10.72 -10.09
CA PRO K 116 5.70 9.62 -10.08
C PRO K 116 4.26 10.00 -10.39
N PHE K 117 3.83 11.19 -10.03
CA PHE K 117 2.46 11.55 -10.33
C PHE K 117 2.26 11.82 -11.81
N ARG K 118 3.33 12.01 -12.56
CA ARG K 118 3.18 12.12 -14.00
C ARG K 118 3.15 10.78 -14.70
N HIS K 119 3.45 9.68 -13.99
CA HIS K 119 3.51 8.37 -14.62
C HIS K 119 2.17 7.88 -15.12
N HIS K 120 1.11 8.37 -14.50
CA HIS K 120 -0.21 7.89 -14.85
C HIS K 120 -1.04 8.93 -15.66
N SER K 121 -1.68 8.44 -16.68
CA SER K 121 -2.56 9.24 -17.47
C SER K 121 -3.92 8.67 -17.65
N TYR K 122 -4.93 9.43 -17.31
CA TYR K 122 -6.32 8.92 -17.49
C TYR K 122 -6.68 8.78 -18.96
N VAL K 123 -6.08 9.61 -19.80
CA VAL K 123 -6.39 9.57 -21.23
C VAL K 123 -5.89 8.33 -21.92
N SER K 124 -4.82 7.76 -21.41
CA SER K 124 -4.20 6.57 -21.99
C SER K 124 -5.11 5.33 -21.99
N GLN K 125 -6.07 5.30 -21.11
CA GLN K 125 -7.06 4.22 -21.08
C GLN K 125 -7.98 4.19 -22.30
N ARG K 126 -8.22 5.36 -22.86
CA ARG K 126 -9.07 5.45 -24.03
C ARG K 126 -8.31 5.61 -25.33
N ALA K 127 -7.18 6.29 -25.27
CA ALA K 127 -6.48 6.60 -26.50
C ALA K 127 -6.14 5.37 -27.31
N ASP K 128 -6.23 5.48 -28.61
CA ASP K 128 -5.78 4.38 -29.40
C ASP K 128 -4.25 4.20 -29.32
N GLY K 129 -3.52 5.30 -29.36
CA GLY K 129 -2.08 5.30 -29.30
C GLY K 129 -1.60 6.40 -28.38
N VAL K 130 -0.43 6.15 -27.82
CA VAL K 130 0.21 7.06 -26.91
C VAL K 130 1.65 7.25 -27.34
N VAL K 131 2.05 8.49 -27.52
CA VAL K 131 3.40 8.80 -27.90
C VAL K 131 3.99 9.70 -26.82
N ALA K 132 5.14 9.35 -26.26
CA ALA K 132 5.80 10.17 -25.24
C ALA K 132 7.30 10.31 -25.46
N GLY K 133 7.79 11.51 -25.18
CA GLY K 133 9.21 11.73 -25.20
C GLY K 133 9.86 11.79 -26.57
N CYS K 134 9.04 11.90 -27.61
CA CYS K 134 9.55 12.14 -28.94
C CYS K 134 9.61 13.61 -29.31
N GLY K 135 9.65 14.50 -28.32
CA GLY K 135 9.68 15.94 -28.60
C GLY K 135 8.46 16.35 -29.38
N VAL K 136 8.53 17.47 -30.06
CA VAL K 136 7.41 17.94 -30.89
C VAL K 136 7.19 17.08 -32.11
N GLN K 137 8.19 16.29 -32.44
CA GLN K 137 8.02 15.34 -33.52
C GLN K 137 6.87 14.38 -33.17
N GLY K 138 6.61 14.17 -31.89
CA GLY K 138 5.51 13.27 -31.54
C GLY K 138 4.18 13.69 -32.09
N TYR K 139 3.96 14.99 -32.23
CA TYR K 139 2.76 15.54 -32.89
C TYR K 139 2.61 15.09 -34.31
N VAL K 140 3.71 14.95 -35.02
CA VAL K 140 3.67 14.48 -36.41
C VAL K 140 3.24 13.03 -36.42
N PHE K 141 3.81 12.25 -35.51
CA PHE K 141 3.49 10.83 -35.40
C PHE K 141 2.01 10.74 -35.16
N GLY K 142 1.51 11.59 -34.27
CA GLY K 142 0.09 11.61 -33.99
C GLY K 142 -0.75 11.83 -35.23
N VAL K 143 -0.39 12.81 -36.05
CA VAL K 143 -1.17 13.13 -37.24
C VAL K 143 -1.09 11.98 -38.23
N GLU K 144 0.07 11.41 -38.31
CA GLU K 144 0.19 10.27 -39.17
C GLU K 144 -0.58 9.05 -38.77
N ARG K 145 -0.68 8.80 -37.48
CA ARG K 145 -1.44 7.64 -37.08
C ARG K 145 -2.92 7.89 -37.34
N ILE K 146 -3.38 9.11 -37.10
CA ILE K 146 -4.77 9.46 -37.36
C ILE K 146 -5.07 9.27 -38.83
N ALA K 147 -4.13 9.64 -39.66
CA ALA K 147 -4.33 9.48 -41.11
C ALA K 147 -4.48 8.04 -41.54
N ALA K 148 -3.79 7.16 -40.86
CA ALA K 148 -3.84 5.78 -41.23
C ALA K 148 -5.07 5.15 -40.69
N LEU K 149 -5.57 5.62 -39.56
CA LEU K 149 -6.73 5.02 -38.95
C LEU K 149 -8.00 5.55 -39.55
N ALA K 150 -7.97 6.83 -39.89
CA ALA K 150 -9.15 7.46 -40.47
C ALA K 150 -9.30 6.94 -41.91
N GLY K 151 -8.17 6.72 -42.57
CA GLY K 151 -8.16 6.03 -43.87
C GLY K 151 -8.94 4.70 -43.89
N PRO L 2 12.93 39.51 -12.87
CA PRO L 2 13.38 40.08 -11.55
C PRO L 2 13.05 41.56 -11.40
N ARG L 3 11.83 41.72 -10.94
CA ARG L 3 11.28 42.98 -10.57
C ARG L 3 11.37 43.06 -9.07
N SER L 4 11.44 44.28 -8.55
CA SER L 4 11.57 44.51 -7.14
C SER L 4 10.21 44.90 -6.63
N LEU L 5 10.07 44.93 -5.31
CA LEU L 5 8.84 45.39 -4.69
C LEU L 5 8.48 46.79 -5.16
N ALA L 6 9.47 47.51 -5.66
CA ALA L 6 9.24 48.91 -6.09
C ALA L 6 8.79 49.03 -7.53
N ASN L 7 9.13 48.05 -8.33
CA ASN L 7 8.82 48.10 -9.75
C ASN L 7 7.52 47.44 -10.10
N ALA L 8 7.02 46.59 -9.18
CA ALA L 8 5.91 45.69 -9.55
C ALA L 8 5.21 45.20 -8.32
N PRO L 9 3.92 45.04 -8.40
CA PRO L 9 3.21 44.55 -7.23
C PRO L 9 3.40 43.05 -6.96
N ILE L 10 3.01 42.66 -5.74
CA ILE L 10 2.95 41.28 -5.33
C ILE L 10 1.58 40.81 -5.69
N MET L 11 1.50 39.69 -6.38
CA MET L 11 0.24 39.12 -6.71
C MET L 11 -0.19 38.20 -5.56
N ILE L 12 -1.43 38.38 -5.07
CA ILE L 12 -1.89 37.53 -3.98
C ILE L 12 -3.02 36.81 -4.59
N LEU L 13 -2.89 35.48 -4.79
CA LEU L 13 -3.94 34.70 -5.37
C LEU L 13 -4.67 33.88 -4.34
N ASN L 14 -5.98 33.81 -4.46
CA ASN L 14 -6.80 33.04 -3.62
C ASN L 14 -7.65 32.12 -4.44
N GLY L 15 -7.75 30.86 -4.02
CA GLY L 15 -8.48 29.84 -4.75
C GLY L 15 -9.91 29.76 -4.40
N PRO L 16 -10.51 28.66 -4.78
CA PRO L 16 -11.93 28.48 -4.59
C PRO L 16 -12.49 28.52 -3.18
N ASN L 17 -13.77 28.93 -3.13
CA ASN L 17 -14.53 29.11 -1.90
C ASN L 17 -14.02 30.17 -0.97
N LEU L 18 -12.90 30.83 -1.25
CA LEU L 18 -12.36 31.84 -0.34
C LEU L 18 -13.19 33.13 -0.40
N ASN L 19 -13.96 33.31 -1.43
CA ASN L 19 -14.84 34.46 -1.44
C ASN L 19 -15.76 34.44 -0.26
N LEU L 20 -16.02 33.30 0.33
CA LEU L 20 -16.90 33.27 1.47
C LEU L 20 -16.18 33.34 2.80
N LEU L 21 -14.92 33.67 2.79
CA LEU L 21 -14.23 33.78 4.05
C LEU L 21 -14.96 34.68 5.03
N GLY L 22 -15.01 34.21 6.27
CA GLY L 22 -15.56 34.96 7.40
C GLY L 22 -17.07 34.82 7.54
N GLN L 23 -17.65 33.91 6.78
CA GLN L 23 -19.10 33.72 6.81
C GLN L 23 -19.51 32.28 7.09
N ARG L 24 -18.54 31.40 7.31
CA ARG L 24 -18.79 29.99 7.54
C ARG L 24 -17.56 29.35 8.17
N GLN L 25 -17.79 28.33 9.02
CA GLN L 25 -16.69 27.60 9.66
C GLN L 25 -15.65 28.57 10.22
N PRO L 26 -16.08 29.50 11.05
CA PRO L 26 -15.17 30.49 11.64
C PRO L 26 -14.12 29.80 12.48
N GLU L 27 -14.54 28.79 13.23
CA GLU L 27 -13.58 28.07 14.07
C GLU L 27 -12.42 27.53 13.23
N ILE L 28 -12.65 27.36 11.94
CA ILE L 28 -11.63 26.84 11.05
C ILE L 28 -10.95 27.95 10.28
N TYR L 29 -11.73 28.85 9.71
CA TYR L 29 -11.16 29.90 8.87
C TYR L 29 -11.16 31.26 9.52
N GLY L 30 -11.87 31.42 10.63
CA GLY L 30 -11.93 32.68 11.34
C GLY L 30 -13.11 33.50 10.88
N SER L 31 -13.23 34.71 11.39
CA SER L 31 -14.34 35.57 11.07
C SER L 31 -13.95 36.81 10.30
N ASP L 32 -12.71 36.89 9.86
CA ASP L 32 -12.29 37.96 8.98
C ASP L 32 -12.75 37.66 7.55
N THR L 33 -13.04 38.67 6.75
CA THR L 33 -13.43 38.41 5.38
C THR L 33 -12.24 38.60 4.46
N LEU L 34 -12.48 38.28 3.21
CA LEU L 34 -11.44 38.40 2.23
C LEU L 34 -11.01 39.83 2.09
N ALA L 35 -11.96 40.74 2.18
CA ALA L 35 -11.62 42.14 2.15
C ALA L 35 -10.71 42.55 3.30
N ASP L 36 -10.92 41.94 4.49
CA ASP L 36 -10.08 42.19 5.65
C ASP L 36 -8.70 41.70 5.34
N VAL L 37 -8.63 40.59 4.62
CA VAL L 37 -7.30 40.04 4.33
C VAL L 37 -6.59 40.99 3.39
N GLU L 38 -7.30 41.42 2.37
CA GLU L 38 -6.67 42.29 1.41
C GLU L 38 -6.08 43.49 2.13
N ALA L 39 -6.84 44.05 3.03
CA ALA L 39 -6.33 45.23 3.71
C ALA L 39 -5.10 44.92 4.52
N LEU L 40 -5.02 43.72 5.08
CA LEU L 40 -3.84 43.38 5.85
C LEU L 40 -2.71 43.34 4.91
N CYS L 41 -2.94 42.78 3.74
CA CYS L 41 -1.82 42.63 2.78
C CYS L 41 -1.39 43.99 2.23
N VAL L 42 -2.36 44.89 2.02
CA VAL L 42 -1.99 46.18 1.47
C VAL L 42 -1.07 46.89 2.43
N LYS L 43 -1.42 46.82 3.69
CA LYS L 43 -0.65 47.44 4.76
C LYS L 43 0.72 46.84 4.94
N ALA L 44 0.81 45.50 4.96
CA ALA L 44 2.10 44.84 5.14
C ALA L 44 2.99 45.21 3.97
N ALA L 45 2.44 45.33 2.79
CA ALA L 45 3.32 45.61 1.67
C ALA L 45 3.79 47.08 1.66
N ALA L 46 2.91 47.93 2.11
CA ALA L 46 3.24 49.33 2.06
C ALA L 46 4.41 49.66 2.98
N ALA L 47 4.47 48.94 4.08
CA ALA L 47 5.58 49.15 4.96
C ALA L 47 6.91 48.88 4.28
N HIS L 48 6.93 48.09 3.20
CA HIS L 48 8.20 47.80 2.58
C HIS L 48 8.33 48.57 1.31
N GLY L 49 7.29 49.36 1.01
CA GLY L 49 7.37 50.23 -0.15
C GLY L 49 6.73 49.62 -1.35
N GLY L 50 5.91 48.57 -1.18
CA GLY L 50 5.34 47.91 -2.33
C GLY L 50 3.84 47.95 -2.38
N THR L 51 3.29 47.26 -3.36
CA THR L 51 1.84 47.20 -3.54
C THR L 51 1.44 45.79 -3.83
N VAL L 52 0.14 45.57 -3.82
CA VAL L 52 -0.40 44.27 -4.09
C VAL L 52 -1.51 44.34 -5.09
N ASP L 53 -1.75 43.16 -5.66
CA ASP L 53 -2.75 42.94 -6.64
C ASP L 53 -3.33 41.65 -6.09
N PHE L 54 -4.55 41.76 -5.56
CA PHE L 54 -5.24 40.73 -4.82
C PHE L 54 -6.41 40.20 -5.64
N ARG L 55 -6.44 38.90 -5.89
CA ARG L 55 -7.52 38.27 -6.68
C ARG L 55 -7.94 36.96 -6.11
N GLN L 56 -9.17 36.60 -6.42
CA GLN L 56 -9.76 35.38 -5.98
C GLN L 56 -10.51 34.78 -7.15
N SER L 57 -10.41 33.46 -7.34
CA SER L 57 -11.22 32.79 -8.32
C SER L 57 -11.58 31.38 -7.89
N ASN L 58 -12.66 30.89 -8.46
CA ASN L 58 -13.06 29.52 -8.23
C ASN L 58 -12.64 28.62 -9.39
N HIS L 59 -12.02 29.19 -10.43
CA HIS L 59 -11.66 28.43 -11.65
C HIS L 59 -10.18 28.16 -11.78
N GLU L 60 -9.82 26.89 -11.88
CA GLU L 60 -8.46 26.48 -11.94
C GLU L 60 -7.73 27.15 -13.09
N GLY L 61 -8.36 27.14 -14.25
CA GLY L 61 -7.73 27.68 -15.44
C GLY L 61 -7.48 29.16 -15.34
N GLU L 62 -8.32 29.88 -14.62
CA GLU L 62 -8.16 31.30 -14.45
C GLU L 62 -7.02 31.57 -13.49
N LEU L 63 -6.86 30.70 -12.48
CA LEU L 63 -5.70 30.86 -11.63
C LEU L 63 -4.46 30.65 -12.42
N VAL L 64 -4.51 29.70 -13.34
CA VAL L 64 -3.35 29.46 -14.21
C VAL L 64 -3.01 30.66 -15.07
N ASP L 65 -4.03 31.27 -15.70
CA ASP L 65 -3.84 32.46 -16.55
C ASP L 65 -3.22 33.58 -15.71
N TRP L 66 -3.67 33.72 -14.47
CA TRP L 66 -3.14 34.80 -13.66
C TRP L 66 -1.68 34.53 -13.28
N ILE L 67 -1.34 33.26 -13.11
CA ILE L 67 0.02 32.98 -12.80
C ILE L 67 0.86 33.34 -13.98
N HIS L 68 0.38 33.08 -15.17
CA HIS L 68 1.16 33.47 -16.36
C HIS L 68 1.39 34.97 -16.42
N GLU L 69 0.43 35.71 -15.97
CA GLU L 69 0.48 37.15 -16.02
C GLU L 69 1.53 37.60 -15.01
N ALA L 70 1.57 36.92 -13.87
CA ALA L 70 2.46 37.33 -12.83
C ALA L 70 3.87 37.21 -13.28
N ARG L 71 4.16 36.22 -14.13
CA ARG L 71 5.54 36.02 -14.59
C ARG L 71 6.06 37.23 -15.27
N LEU L 72 5.19 37.99 -15.89
CA LEU L 72 5.69 39.11 -16.66
C LEU L 72 5.59 40.40 -15.91
N ASN L 73 4.60 40.50 -15.02
CA ASN L 73 4.27 41.79 -14.40
C ASN L 73 4.38 41.96 -12.87
N HIS L 74 4.73 40.91 -12.13
CA HIS L 74 4.73 41.05 -10.66
C HIS L 74 6.00 40.60 -10.07
N CYS L 75 6.24 40.91 -8.80
CA CYS L 75 7.54 40.63 -8.24
C CYS L 75 7.55 39.36 -7.38
N GLY L 76 6.37 38.75 -7.16
CA GLY L 76 6.27 37.50 -6.41
C GLY L 76 4.82 37.09 -6.27
N ILE L 77 4.56 35.90 -5.74
CA ILE L 77 3.19 35.44 -5.64
C ILE L 77 3.04 34.91 -4.23
N VAL L 78 1.96 35.26 -3.58
CA VAL L 78 1.55 34.68 -2.38
C VAL L 78 0.29 34.00 -2.80
N ILE L 79 0.21 32.68 -2.61
CA ILE L 79 -0.94 31.95 -3.06
C ILE L 79 -1.55 31.01 -2.02
N ASN L 80 -2.85 31.13 -1.86
CA ASN L 80 -3.62 30.21 -1.15
C ASN L 80 -4.49 29.54 -2.20
N PRO L 81 -4.08 28.36 -2.70
CA PRO L 81 -4.80 27.68 -3.75
C PRO L 81 -5.97 26.98 -3.27
N ALA L 82 -6.20 27.00 -1.97
CA ALA L 82 -7.31 26.30 -1.41
C ALA L 82 -7.39 24.90 -1.91
N ALA L 83 -8.60 24.45 -2.33
CA ALA L 83 -8.83 23.06 -2.67
C ALA L 83 -8.00 22.60 -3.82
N TYR L 84 -7.64 23.52 -4.70
CA TYR L 84 -6.77 23.15 -5.77
C TYR L 84 -5.36 22.79 -5.31
N SER L 85 -5.00 23.17 -4.11
CA SER L 85 -3.74 22.74 -3.51
C SER L 85 -3.59 21.24 -3.61
N HIS L 86 -4.70 20.53 -3.41
CA HIS L 86 -4.64 19.09 -3.30
C HIS L 86 -4.88 18.34 -4.58
N THR L 87 -5.29 19.06 -5.61
CA THR L 87 -5.61 18.39 -6.84
C THR L 87 -4.96 18.92 -8.10
N SER L 88 -4.42 20.12 -8.08
CA SER L 88 -4.09 20.75 -9.36
C SER L 88 -2.64 20.64 -9.76
N VAL L 89 -2.33 19.72 -10.62
CA VAL L 89 -1.03 19.69 -11.18
C VAL L 89 -0.86 20.84 -12.13
N ALA L 90 -1.96 21.37 -12.61
CA ALA L 90 -1.84 22.47 -13.56
C ALA L 90 -1.28 23.73 -12.92
N ILE L 91 -1.61 23.97 -11.67
CA ILE L 91 -1.14 25.17 -11.00
C ILE L 91 0.29 24.98 -10.65
N LEU L 92 0.67 23.77 -10.31
CA LEU L 92 2.08 23.50 -10.04
C LEU L 92 2.89 23.75 -11.29
N ASP L 93 2.42 23.24 -12.42
CA ASP L 93 3.20 23.45 -13.64
C ASP L 93 3.23 24.92 -14.03
N ALA L 94 2.18 25.66 -13.74
CA ALA L 94 2.20 27.08 -14.11
C ALA L 94 3.25 27.79 -13.26
N LEU L 95 3.29 27.45 -11.98
CA LEU L 95 4.29 28.01 -11.07
C LEU L 95 5.68 27.58 -11.46
N ASN L 96 5.81 26.43 -12.07
CA ASN L 96 7.12 25.95 -12.44
C ASN L 96 7.67 26.76 -13.61
N THR L 97 6.80 27.50 -14.28
CA THR L 97 7.31 28.33 -15.38
C THR L 97 7.82 29.65 -14.88
N CYS L 98 7.50 30.03 -13.64
CA CYS L 98 7.91 31.29 -13.06
C CYS L 98 9.34 31.11 -12.51
N ASP L 99 10.26 30.88 -13.42
CA ASP L 99 11.63 30.71 -13.01
C ASP L 99 12.15 31.94 -12.29
N GLY L 100 12.61 31.75 -11.05
CA GLY L 100 13.27 32.85 -10.33
C GLY L 100 12.29 33.71 -9.54
N LEU L 101 11.02 33.53 -9.79
CA LEU L 101 10.02 34.27 -9.06
C LEU L 101 9.72 33.67 -7.67
N PRO L 102 9.76 34.51 -6.66
CA PRO L 102 9.45 34.01 -5.34
C PRO L 102 8.00 33.63 -5.20
N VAL L 103 7.75 32.46 -4.65
CA VAL L 103 6.38 32.02 -4.39
C VAL L 103 6.19 31.57 -2.93
N VAL L 104 5.21 32.13 -2.24
CA VAL L 104 4.91 31.64 -0.92
C VAL L 104 3.50 31.09 -0.89
N GLU L 105 3.37 29.84 -0.42
CA GLU L 105 2.07 29.18 -0.26
C GLU L 105 1.47 29.42 1.13
N VAL L 106 0.21 29.83 1.21
CA VAL L 106 -0.38 30.11 2.50
C VAL L 106 -1.64 29.35 2.62
N HIS L 107 -1.87 28.82 3.83
CA HIS L 107 -3.12 28.16 4.23
C HIS L 107 -3.50 28.74 5.59
N ILE L 108 -4.77 29.08 5.74
CA ILE L 108 -5.29 29.68 6.94
C ILE L 108 -5.40 28.63 7.99
N SER L 109 -6.01 27.50 7.63
CA SER L 109 -6.14 26.38 8.55
C SER L 109 -4.89 25.54 8.52
N ASN L 110 -4.72 24.71 9.54
CA ASN L 110 -3.56 23.79 9.63
C ASN L 110 -4.00 22.51 8.98
N ILE L 111 -3.64 22.40 7.71
CA ILE L 111 -4.16 21.30 6.93
C ILE L 111 -3.74 19.97 7.47
N HIS L 112 -2.68 19.96 8.29
CA HIS L 112 -2.10 18.71 8.74
C HIS L 112 -2.96 18.09 9.84
N GLN L 113 -3.89 18.86 10.35
CA GLN L 113 -4.79 18.36 11.35
C GLN L 113 -6.14 18.01 10.75
N ARG L 114 -6.26 18.05 9.42
CA ARG L 114 -7.58 17.82 8.86
C ARG L 114 -7.59 16.49 8.17
N GLU L 115 -8.51 16.30 7.27
CA GLU L 115 -8.61 15.07 6.53
C GLU L 115 -7.33 14.76 5.80
N PRO L 116 -7.00 13.47 5.71
CA PRO L 116 -5.78 13.03 5.03
C PRO L 116 -5.61 13.56 3.63
N PHE L 117 -6.67 13.73 2.87
CA PHE L 117 -6.49 14.23 1.50
C PHE L 117 -6.02 15.69 1.48
N ARG L 118 -6.18 16.40 2.58
CA ARG L 118 -5.66 17.75 2.68
C ARG L 118 -4.22 17.82 3.09
N HIS L 119 -3.65 16.70 3.47
CA HIS L 119 -2.25 16.67 3.92
C HIS L 119 -1.26 16.95 2.84
N HIS L 120 -1.64 16.64 1.62
CA HIS L 120 -0.74 16.81 0.52
C HIS L 120 -1.06 18.00 -0.39
N SER L 121 -0.02 18.74 -0.73
CA SER L 121 -0.16 19.85 -1.64
C SER L 121 0.80 19.82 -2.80
N TYR L 122 0.30 19.91 -4.01
CA TYR L 122 1.18 19.92 -5.17
C TYR L 122 2.00 21.16 -5.20
N VAL L 123 1.47 22.25 -4.69
CA VAL L 123 2.16 23.53 -4.75
C VAL L 123 3.40 23.59 -3.91
N SER L 124 3.37 22.83 -2.82
CA SER L 124 4.47 22.84 -1.87
C SER L 124 5.75 22.39 -2.50
N GLN L 125 5.66 21.62 -3.57
CA GLN L 125 6.88 21.17 -4.26
C GLN L 125 7.63 22.28 -4.97
N ARG L 126 6.91 23.29 -5.37
CA ARG L 126 7.53 24.44 -6.01
C ARG L 126 7.72 25.65 -5.10
N ALA L 127 6.84 25.83 -4.13
CA ALA L 127 6.91 27.01 -3.30
C ALA L 127 8.19 27.19 -2.56
N ASP L 128 8.68 28.42 -2.49
CA ASP L 128 9.85 28.66 -1.67
C ASP L 128 9.48 28.47 -0.19
N GLY L 129 8.31 28.93 0.22
CA GLY L 129 7.92 28.82 1.60
C GLY L 129 6.51 28.42 1.72
N VAL L 130 6.16 27.77 2.82
CA VAL L 130 4.80 27.31 3.03
C VAL L 130 4.44 27.69 4.44
N VAL L 131 3.31 28.36 4.60
CA VAL L 131 2.85 28.79 5.92
C VAL L 131 1.45 28.22 6.09
N ALA L 132 1.22 27.47 7.15
CA ALA L 132 -0.06 26.87 7.39
C ALA L 132 -0.53 27.02 8.82
N GLY L 133 -1.80 27.32 8.97
CA GLY L 133 -2.38 27.39 10.29
C GLY L 133 -2.02 28.59 11.16
N CYS L 134 -1.48 29.63 10.54
CA CYS L 134 -1.33 30.89 11.23
C CYS L 134 -2.47 31.86 10.95
N GLY L 135 -3.65 31.36 10.61
CA GLY L 135 -4.77 32.24 10.35
C GLY L 135 -4.48 33.21 9.20
N VAL L 136 -5.24 34.29 9.14
CA VAL L 136 -4.99 35.27 8.10
C VAL L 136 -3.67 35.96 8.28
N GLN L 137 -3.13 35.90 9.47
CA GLN L 137 -1.82 36.46 9.72
C GLN L 137 -0.80 35.80 8.77
N GLY L 138 -1.05 34.56 8.31
CA GLY L 138 -0.13 33.94 7.40
C GLY L 138 0.07 34.67 6.10
N TYR L 139 -0.96 35.32 5.63
CA TYR L 139 -0.81 36.21 4.46
C TYR L 139 0.23 37.32 4.68
N VAL L 140 0.33 37.84 5.90
CA VAL L 140 1.27 38.90 6.21
C VAL L 140 2.65 38.29 6.14
N PHE L 141 2.85 37.12 6.76
CA PHE L 141 4.14 36.45 6.72
C PHE L 141 4.53 36.26 5.26
N GLY L 142 3.53 35.90 4.47
CA GLY L 142 3.81 35.66 3.06
C GLY L 142 4.34 36.91 2.40
N VAL L 143 3.66 38.04 2.64
CA VAL L 143 4.11 39.28 2.03
C VAL L 143 5.50 39.62 2.49
N GLU L 144 5.73 39.41 3.76
CA GLU L 144 7.01 39.68 4.32
C GLU L 144 8.12 38.81 3.81
N ARG L 145 7.82 37.55 3.55
CA ARG L 145 8.89 36.75 2.99
C ARG L 145 9.21 37.17 1.55
N ILE L 146 8.20 37.53 0.78
CA ILE L 146 8.44 37.97 -0.60
C ILE L 146 9.30 39.22 -0.58
N ALA L 147 9.03 40.11 0.34
CA ALA L 147 9.80 41.34 0.40
C ALA L 147 11.26 41.05 0.64
N ALA L 148 11.52 40.06 1.46
CA ALA L 148 12.88 39.82 1.79
C ALA L 148 13.55 39.10 0.67
N LEU L 149 12.79 38.34 -0.13
CA LEU L 149 13.40 37.57 -1.21
C LEU L 149 13.58 38.40 -2.43
N ALA L 150 12.59 39.23 -2.66
CA ALA L 150 12.60 40.06 -3.82
C ALA L 150 13.68 41.14 -3.61
N GLY L 151 13.84 41.60 -2.38
CA GLY L 151 14.96 42.46 -2.00
C GLY L 151 16.33 41.88 -2.43
C2 FA3 M . -6.85 -15.80 19.32
F1 FA3 M . -9.04 -19.10 18.59
C3 FA3 M . -7.55 -15.83 17.99
O3 FA3 M . -6.64 -15.33 17.01
C4 FA3 M . -7.90 -17.26 17.69
O4 FA3 M . -8.76 -17.33 16.58
C5 FA3 M . -8.46 -17.91 18.81
C6 FA3 M . -8.44 -17.43 20.10
C FA3 M . -7.14 -16.33 21.69
O1 FA3 M . -5.82 -16.28 21.80
O30 FA3 M . -8.75 -15.15 20.58
O2 FA3 M . -7.85 -16.41 22.76
C1 FA3 M . -7.84 -16.21 20.40
C TRS N . -17.67 -13.84 8.14
C1 TRS N . -18.07 -13.43 6.69
C2 TRS N . -17.59 -12.58 9.02
C3 TRS N . -16.23 -14.43 8.09
N TRS N . -18.72 -14.79 8.66
O1 TRS N . -19.15 -12.47 6.67
O2 TRS N . -17.20 -12.93 10.34
O3 TRS N . -16.26 -15.77 7.65
C2 FA3 O . -14.79 -20.60 -5.45
F1 FA3 O . -18.67 -20.62 -4.54
C3 FA3 O . -15.21 -19.58 -4.43
O3 FA3 O . -14.52 -18.42 -4.80
C4 FA3 O . -16.70 -19.37 -4.59
O4 FA3 O . -17.20 -18.56 -3.54
C5 FA3 O . -17.35 -20.64 -4.67
C6 FA3 O . -16.73 -21.85 -4.94
C FA3 O . -15.10 -22.84 -6.31
O1 FA3 O . -14.61 -22.30 -7.43
O30 FA3 O . -14.62 -22.46 -4.03
O2 FA3 O . -15.25 -24.15 -6.20
C1 FA3 O . -15.38 -21.96 -5.13
C2 FA3 P . -24.66 0.08 7.79
F1 FA3 P . -25.89 -2.22 10.86
C3 FA3 P . -23.72 -1.02 8.24
O3 FA3 P . -22.37 -0.63 8.27
C4 FA3 P . -24.08 -1.41 9.69
O4 FA3 P . -23.47 -2.62 10.11
C5 FA3 P . -25.48 -1.55 9.80
C6 FA3 P . -26.43 -1.08 8.86
C FA3 P . -27.04 0.78 7.57
O1 FA3 P . -26.71 2.07 7.69
O30 FA3 P . -26.30 -1.23 6.50
O2 FA3 P . -28.30 0.61 7.34
C1 FA3 P . -26.12 -0.40 7.69
C2 FA3 Q . -0.28 5.21 25.27
F1 FA3 Q . 1.97 8.22 26.84
C3 FA3 Q . 0.79 5.74 24.37
O3 FA3 Q . 0.36 5.72 23.01
C4 FA3 Q . 1.15 7.13 24.92
O4 FA3 Q . 2.36 7.64 24.39
C5 FA3 Q . 1.33 7.16 26.34
C6 FA3 Q . 0.89 6.13 27.17
C FA3 Q . -0.76 4.63 27.67
O1 FA3 Q . -2.01 4.60 27.30
O30 FA3 Q . 1.12 3.92 26.52
O2 FA3 Q . -0.36 4.30 28.91
C1 FA3 Q . 0.26 5.00 26.67
C2 FA3 R . 14.17 19.84 8.74
F1 FA3 R . 17.72 19.03 10.63
C3 FA3 R . 14.42 18.40 9.17
O3 FA3 R . 14.15 17.51 8.10
C4 FA3 R . 15.91 18.18 9.52
O4 FA3 R . 16.11 16.95 10.23
C5 FA3 R . 16.45 19.25 10.18
C6 FA3 R . 15.82 20.49 10.35
C FA3 R . 14.64 22.24 9.24
O1 FA3 R . 14.55 22.50 7.92
O30 FA3 R . 13.59 20.81 10.92
O2 FA3 R . 14.84 23.25 10.06
C1 FA3 R . 14.56 20.82 9.84
C TRS S . 13.45 7.46 18.31
C1 TRS S . 14.26 7.69 16.99
C2 TRS S . 13.26 5.96 18.43
C3 TRS S . 12.15 8.25 18.08
N TRS S . 14.15 7.83 19.58
O1 TRS S . 15.38 6.83 16.84
O2 TRS S . 12.56 5.72 19.66
O3 TRS S . 12.43 9.66 17.98
C2 FA3 T . 21.25 -5.21 13.64
F1 FA3 T . 21.37 -4.69 17.75
C3 FA3 T . 20.16 -4.37 14.30
O3 FA3 T . 18.91 -4.65 13.72
C4 FA3 T . 20.03 -4.70 15.78
O4 FA3 T . 19.20 -3.73 16.37
C5 FA3 T . 21.30 -4.77 16.42
C6 FA3 T . 22.50 -4.81 15.71
C FA3 T . 23.63 -5.97 13.94
O1 FA3 T . 23.34 -7.08 13.30
O30 FA3 T . 23.13 -3.66 13.80
O2 FA3 T . 24.90 -5.76 14.27
C1 FA3 T . 22.60 -4.88 14.29
C2 FA3 U . 7.55 -23.92 -6.30
F1 FA3 U . 11.39 -24.69 -7.43
C3 FA3 U . 8.43 -22.75 -6.76
O3 FA3 U . 8.24 -21.64 -5.95
C4 FA3 U . 9.89 -23.12 -6.60
O4 FA3 U . 10.68 -22.06 -7.08
C5 FA3 U . 10.14 -24.35 -7.19
C6 FA3 U . 9.12 -25.26 -7.54
C FA3 U . 7.18 -26.35 -6.75
O1 FA3 U . 6.71 -26.58 -5.54
O30 FA3 U . 7.03 -24.76 -8.51
O2 FA3 U . 7.18 -27.37 -7.59
C1 FA3 U . 7.75 -25.06 -7.28
C2 FA3 V . 24.14 -3.37 -8.52
F1 FA3 V . 24.80 -4.12 -12.44
C3 FA3 V . 22.95 -3.81 -9.39
O3 FA3 V . 21.75 -3.15 -9.08
C4 FA3 V . 23.29 -3.53 -10.82
O4 FA3 V . 22.30 -4.18 -11.58
C5 FA3 V . 24.52 -4.03 -11.19
C6 FA3 V . 25.50 -4.42 -10.27
C FA3 V . 26.57 -3.74 -8.33
O1 FA3 V . 26.51 -2.55 -7.76
O30 FA3 V . 25.04 -5.56 -8.24
O2 FA3 V . 27.74 -4.38 -8.38
C1 FA3 V . 25.30 -4.31 -8.88
C2 FA3 W . 3.40 -5.67 -24.96
F1 FA3 W . 4.53 -9.27 -26.25
C3 FA3 W . 3.88 -6.61 -23.90
O3 FA3 W . 3.18 -6.38 -22.66
C4 FA3 W . 3.72 -8.03 -24.43
O4 FA3 W . 4.50 -8.83 -23.61
C5 FA3 W . 4.21 -8.14 -25.73
C6 FA3 W . 4.51 -7.10 -26.53
C FA3 W . 3.72 -5.12 -27.38
O1 FA3 W . 2.51 -4.61 -27.35
O30 FA3 W . 5.52 -5.09 -25.96
O2 FA3 W . 4.38 -4.98 -28.53
C1 FA3 W . 4.30 -5.77 -26.19
C TRS X . 13.40 -12.53 -15.23
C1 TRS X . 13.80 -11.06 -15.51
C2 TRS X . 11.89 -12.74 -15.43
C3 TRS X . 13.65 -12.85 -13.73
N TRS X . 14.19 -13.34 -16.21
O1 TRS X . 13.28 -10.62 -16.78
O2 TRS X . 11.49 -14.15 -15.29
O3 TRS X . 15.01 -12.83 -13.36
C2 FA3 Y . -20.77 8.53 -12.91
F1 FA3 Y . -20.44 10.86 -16.09
C3 FA3 Y . -19.42 9.17 -13.10
O3 FA3 Y . -18.42 8.24 -12.74
C4 FA3 Y . -19.28 9.56 -14.56
O4 FA3 Y . -18.19 10.43 -14.78
C5 FA3 Y . -20.48 10.15 -14.99
C6 FA3 Y . -21.71 10.09 -14.37
C FA3 Y . -23.23 8.70 -13.26
O1 FA3 Y . -23.22 7.38 -13.38
O30 FA3 Y . -22.06 10.42 -12.07
O2 FA3 Y . -24.38 9.30 -13.28
C1 FA3 Y . -21.94 9.48 -13.15
C2 FA3 Z . 3.61 16.42 -19.73
F1 FA3 Z . 2.80 20.40 -19.34
C3 FA3 Z . 2.74 16.83 -18.56
O3 FA3 Z . 3.21 16.14 -17.40
C4 FA3 Z . 2.83 18.32 -18.28
O4 FA3 Z . 1.83 18.74 -17.36
C5 FA3 Z . 2.84 19.05 -19.47
C6 FA3 Z . 2.98 18.50 -20.74
C FA3 Z . 4.16 16.95 -22.12
O1 FA3 Z . 5.38 16.47 -21.86
O30 FA3 Z . 1.92 16.53 -21.36
O2 FA3 Z . 3.93 17.26 -23.39
C1 FA3 Z . 3.14 17.13 -21.00
C TRS AA . -9.13 18.82 -11.27
C1 TRS AA . -7.66 19.15 -11.03
C2 TRS AA . -9.86 18.60 -9.93
C3 TRS AA . -9.14 17.55 -12.10
N TRS AA . -9.83 19.92 -11.98
O1 TRS AA . -7.64 20.24 -10.14
O2 TRS AA . -11.18 18.13 -10.28
O3 TRS AA . -8.53 17.76 -13.39
C2 FA3 BA . -7.18 24.74 3.05
F1 FA3 BA . -10.36 26.24 1.15
C3 FA3 BA . -7.71 23.85 1.93
O3 FA3 BA . -7.81 22.45 2.25
C4 FA3 BA . -9.10 24.32 1.67
O4 FA3 BA . -9.56 23.64 0.54
C5 FA3 BA . -9.23 25.71 1.58
C6 FA3 BA . -8.30 26.61 2.04
C FA3 BA . -6.86 27.05 3.78
O1 FA3 BA . -6.96 26.59 5.02
O30 FA3 BA . -6.09 26.45 1.61
O2 FA3 BA . -6.51 28.32 3.59
C1 FA3 BA . -7.12 26.19 2.57
#